data_5NFL
# 
_entry.id   5NFL 
# 
_audit_conform.dict_name       mmcif_pdbx.dic 
_audit_conform.dict_version    5.383 
_audit_conform.dict_location   http://mmcif.pdb.org/dictionaries/ascii/mmcif_pdbx.dic 
# 
loop_
_database_2.database_id 
_database_2.database_code 
_database_2.pdbx_database_accession 
_database_2.pdbx_DOI 
PDB   5NFL         pdb_00005nfl 10.2210/pdb5nfl/pdb 
WWPDB D_1200004028 ?            ?                   
# 
loop_
_pdbx_audit_revision_history.ordinal 
_pdbx_audit_revision_history.data_content_type 
_pdbx_audit_revision_history.major_revision 
_pdbx_audit_revision_history.minor_revision 
_pdbx_audit_revision_history.revision_date 
1 'Structure model' 1 0 2018-10-10 
2 'Structure model' 1 1 2020-12-02 
3 'Structure model' 1 2 2024-01-17 
# 
_pdbx_audit_revision_details.ordinal             1 
_pdbx_audit_revision_details.revision_ordinal    1 
_pdbx_audit_revision_details.data_content_type   'Structure model' 
_pdbx_audit_revision_details.provider            repository 
_pdbx_audit_revision_details.type                'Initial release' 
_pdbx_audit_revision_details.description         ? 
_pdbx_audit_revision_details.details             ? 
# 
loop_
_pdbx_audit_revision_group.ordinal 
_pdbx_audit_revision_group.revision_ordinal 
_pdbx_audit_revision_group.data_content_type 
_pdbx_audit_revision_group.group 
1 2 'Structure model' 'Database references'    
2 2 'Structure model' 'Derived calculations'   
3 2 'Structure model' 'Structure summary'      
4 3 'Structure model' 'Data collection'        
5 3 'Structure model' 'Database references'    
6 3 'Structure model' 'Refinement description' 
# 
loop_
_pdbx_audit_revision_category.ordinal 
_pdbx_audit_revision_category.revision_ordinal 
_pdbx_audit_revision_category.data_content_type 
_pdbx_audit_revision_category.category 
1 2 'Structure model' citation                      
2 2 'Structure model' citation_author               
3 2 'Structure model' entity                        
4 2 'Structure model' pdbx_struct_conn_angle        
5 2 'Structure model' struct_conn                   
6 3 'Structure model' chem_comp_atom                
7 3 'Structure model' chem_comp_bond                
8 3 'Structure model' database_2                    
9 3 'Structure model' pdbx_initial_refinement_model 
# 
loop_
_pdbx_audit_revision_item.ordinal 
_pdbx_audit_revision_item.revision_ordinal 
_pdbx_audit_revision_item.data_content_type 
_pdbx_audit_revision_item.item 
1  2 'Structure model' '_citation.country'                         
2  2 'Structure model' '_citation.journal_abbrev'                  
3  2 'Structure model' '_citation.journal_id_CSD'                  
4  2 'Structure model' '_citation.journal_id_ISSN'                 
5  2 'Structure model' '_citation.journal_volume'                  
6  2 'Structure model' '_citation.pdbx_database_id_DOI'            
7  2 'Structure model' '_citation.pdbx_database_id_PubMed'         
8  2 'Structure model' '_citation.title'                           
9  2 'Structure model' '_citation.year'                            
10 2 'Structure model' '_entity.formula_weight'                    
11 2 'Structure model' '_pdbx_struct_conn_angle.ptnr1_auth_seq_id' 
12 2 'Structure model' '_pdbx_struct_conn_angle.ptnr3_auth_seq_id' 
13 2 'Structure model' '_pdbx_struct_conn_angle.value'             
14 2 'Structure model' '_struct_conn.pdbx_dist_value'              
15 2 'Structure model' '_struct_conn.ptnr2_auth_seq_id'            
16 3 'Structure model' '_database_2.pdbx_DOI'                      
17 3 'Structure model' '_database_2.pdbx_database_accession'       
# 
_pdbx_database_status.status_code                     REL 
_pdbx_database_status.status_code_sf                  REL 
_pdbx_database_status.status_code_mr                  ? 
_pdbx_database_status.entry_id                        5NFL 
_pdbx_database_status.recvd_initial_deposition_date   2017-03-14 
_pdbx_database_status.SG_entry                        N 
_pdbx_database_status.deposit_site                    PDBE 
_pdbx_database_status.process_site                    PDBE 
_pdbx_database_status.status_code_cs                  ? 
_pdbx_database_status.methods_development_category    ? 
_pdbx_database_status.pdb_format_compatible           Y 
_pdbx_database_status.status_code_nmr_data            ? 
# 
loop_
_audit_author.name 
_audit_author.pdbx_ordinal 
_audit_author.identifier_ORCID 
'Roret, T.'      1 ? 
'Didierjean, C.' 2 ? 
# 
_citation.abstract                  ? 
_citation.abstract_id_CAS           ? 
_citation.book_id_ISBN              ? 
_citation.book_publisher            ? 
_citation.book_publisher_city       ? 
_citation.book_title                ? 
_citation.coordinate_linkage        ? 
_citation.country                   US 
_citation.database_id_Medline       ? 
_citation.details                   ? 
_citation.id                        primary 
_citation.journal_abbrev            Biosci.Rep. 
_citation.journal_id_ASTM           ? 
_citation.journal_id_CSD            ? 
_citation.journal_id_ISSN           0144-8463 
_citation.journal_full              ? 
_citation.journal_issue             ? 
_citation.journal_volume            40 
_citation.language                  ? 
_citation.page_first                ? 
_citation.page_last                 ? 
_citation.title                     'Sinorhizobium meliloti YrbA binds divalent metal cations using two conserved histidines.' 
_citation.year                      2020 
_citation.database_id_CSD           ? 
_citation.pdbx_database_id_DOI      10.1042/BSR20202956 
_citation.pdbx_database_id_PubMed   32970113 
_citation.unpublished_flag          ? 
# 
loop_
_citation_author.citation_id 
_citation_author.name 
_citation_author.ordinal 
_citation_author.identifier_ORCID 
primary 'Roret, T.'      1 ? 
primary 'Alloing, G.'    2 ? 
primary 'Girardet, J.M.' 3 ? 
primary 'Perrot, T.'     4 ? 
primary 'Dhalleine, T.'  5 ? 
primary 'Couturier, J.'  6 ? 
primary 'Frendo, P.'     7 ? 
primary 'Didierjean, C.' 8 ? 
primary 'Rouhier, N.'    9 ? 
# 
loop_
_entity.id 
_entity.type 
_entity.src_method 
_entity.pdbx_description 
_entity.formula_weight 
_entity.pdbx_number_of_molecules 
_entity.pdbx_ec 
_entity.pdbx_mutation 
_entity.pdbx_fragment 
_entity.details 
1 polymer     man YrbA              7955.053 1   ? ? ? ? 
2 non-polymer syn 'COBALT (II) ION' 58.933   1   ? ? ? ? 
3 water       nat water             18.015   100 ? ? ? ? 
# 
_entity_poly.entity_id                      1 
_entity_poly.type                           'polypeptide(L)' 
_entity_poly.nstd_linkage                   no 
_entity_poly.nstd_monomer                   no 
_entity_poly.pdbx_seq_one_letter_code       MAPGDIEDMIKAGIPGARVTIRDLAGDGDHYAAEVVAEAFRGKTRVQQHQMVYNALKGNMGGILHALALQTSAPE 
_entity_poly.pdbx_seq_one_letter_code_can   MAPGDIEDMIKAGIPGARVTIRDLAGDGDHYAAEVVAEAFRGKTRVQQHQMVYNALKGNMGGILHALALQTSAPE 
_entity_poly.pdbx_strand_id                 A 
_entity_poly.pdbx_target_identifier         ? 
# 
loop_
_pdbx_entity_nonpoly.entity_id 
_pdbx_entity_nonpoly.name 
_pdbx_entity_nonpoly.comp_id 
2 'COBALT (II) ION' CO  
3 water             HOH 
# 
loop_
_entity_poly_seq.entity_id 
_entity_poly_seq.num 
_entity_poly_seq.mon_id 
_entity_poly_seq.hetero 
1 1  MET n 
1 2  ALA n 
1 3  PRO n 
1 4  GLY n 
1 5  ASP n 
1 6  ILE n 
1 7  GLU n 
1 8  ASP n 
1 9  MET n 
1 10 ILE n 
1 11 LYS n 
1 12 ALA n 
1 13 GLY n 
1 14 ILE n 
1 15 PRO n 
1 16 GLY n 
1 17 ALA n 
1 18 ARG n 
1 19 VAL n 
1 20 THR n 
1 21 ILE n 
1 22 ARG n 
1 23 ASP n 
1 24 LEU n 
1 25 ALA n 
1 26 GLY n 
1 27 ASP n 
1 28 GLY n 
1 29 ASP n 
1 30 HIS n 
1 31 TYR n 
1 32 ALA n 
1 33 ALA n 
1 34 GLU n 
1 35 VAL n 
1 36 VAL n 
1 37 ALA n 
1 38 GLU n 
1 39 ALA n 
1 40 PHE n 
1 41 ARG n 
1 42 GLY n 
1 43 LYS n 
1 44 THR n 
1 45 ARG n 
1 46 VAL n 
1 47 GLN n 
1 48 GLN n 
1 49 HIS n 
1 50 GLN n 
1 51 MET n 
1 52 VAL n 
1 53 TYR n 
1 54 ASN n 
1 55 ALA n 
1 56 LEU n 
1 57 LYS n 
1 58 GLY n 
1 59 ASN n 
1 60 MET n 
1 61 GLY n 
1 62 GLY n 
1 63 ILE n 
1 64 LEU n 
1 65 HIS n 
1 66 ALA n 
1 67 LEU n 
1 68 ALA n 
1 69 LEU n 
1 70 GLN n 
1 71 THR n 
1 72 SER n 
1 73 ALA n 
1 74 PRO n 
1 75 GLU n 
# 
_entity_src_gen.entity_id                          1 
_entity_src_gen.pdbx_src_id                        1 
_entity_src_gen.pdbx_alt_source_flag               sample 
_entity_src_gen.pdbx_seq_type                      'Biological sequence' 
_entity_src_gen.pdbx_beg_seq_num                   1 
_entity_src_gen.pdbx_end_seq_num                   75 
_entity_src_gen.gene_src_common_name               ? 
_entity_src_gen.gene_src_genus                     ? 
_entity_src_gen.pdbx_gene_src_gene                 SM2011_c00487 
_entity_src_gen.gene_src_species                   ? 
_entity_src_gen.gene_src_strain                    ? 
_entity_src_gen.gene_src_tissue                    ? 
_entity_src_gen.gene_src_tissue_fraction           ? 
_entity_src_gen.gene_src_details                   ? 
_entity_src_gen.pdbx_gene_src_fragment             ? 
_entity_src_gen.pdbx_gene_src_scientific_name      'Sinorhizobium meliloti (strain Sm2011 / Rm2011 / 2011)' 
_entity_src_gen.pdbx_gene_src_ncbi_taxonomy_id     1286640 
_entity_src_gen.pdbx_gene_src_variant              ? 
_entity_src_gen.pdbx_gene_src_cell_line            ? 
_entity_src_gen.pdbx_gene_src_atcc                 ? 
_entity_src_gen.pdbx_gene_src_organ                ? 
_entity_src_gen.pdbx_gene_src_organelle            ? 
_entity_src_gen.pdbx_gene_src_cell                 ? 
_entity_src_gen.pdbx_gene_src_cellular_location    ? 
_entity_src_gen.host_org_common_name               ? 
_entity_src_gen.pdbx_host_org_scientific_name      'Escherichia coli' 
_entity_src_gen.pdbx_host_org_ncbi_taxonomy_id     562 
_entity_src_gen.host_org_genus                     ? 
_entity_src_gen.pdbx_host_org_gene                 ? 
_entity_src_gen.pdbx_host_org_organ                ? 
_entity_src_gen.host_org_species                   ? 
_entity_src_gen.pdbx_host_org_tissue               ? 
_entity_src_gen.pdbx_host_org_tissue_fraction      ? 
_entity_src_gen.pdbx_host_org_strain               ? 
_entity_src_gen.pdbx_host_org_variant              ? 
_entity_src_gen.pdbx_host_org_cell_line            ? 
_entity_src_gen.pdbx_host_org_atcc                 ? 
_entity_src_gen.pdbx_host_org_culture_collection   ? 
_entity_src_gen.pdbx_host_org_cell                 ? 
_entity_src_gen.pdbx_host_org_organelle            ? 
_entity_src_gen.pdbx_host_org_cellular_location    ? 
_entity_src_gen.pdbx_host_org_vector_type          ? 
_entity_src_gen.pdbx_host_org_vector               ? 
_entity_src_gen.host_org_details                   ? 
_entity_src_gen.expression_system_id               ? 
_entity_src_gen.plasmid_name                       ? 
_entity_src_gen.plasmid_details                    ? 
_entity_src_gen.pdbx_description                   ? 
# 
loop_
_chem_comp.id 
_chem_comp.type 
_chem_comp.mon_nstd_flag 
_chem_comp.name 
_chem_comp.pdbx_synonyms 
_chem_comp.formula 
_chem_comp.formula_weight 
ALA 'L-peptide linking' y ALANINE           ? 'C3 H7 N O2'     89.093  
ARG 'L-peptide linking' y ARGININE          ? 'C6 H15 N4 O2 1' 175.209 
ASN 'L-peptide linking' y ASPARAGINE        ? 'C4 H8 N2 O3'    132.118 
ASP 'L-peptide linking' y 'ASPARTIC ACID'   ? 'C4 H7 N O4'     133.103 
CO  non-polymer         . 'COBALT (II) ION' ? 'Co 2'           58.933  
GLN 'L-peptide linking' y GLUTAMINE         ? 'C5 H10 N2 O3'   146.144 
GLU 'L-peptide linking' y 'GLUTAMIC ACID'   ? 'C5 H9 N O4'     147.129 
GLY 'peptide linking'   y GLYCINE           ? 'C2 H5 N O2'     75.067  
HIS 'L-peptide linking' y HISTIDINE         ? 'C6 H10 N3 O2 1' 156.162 
HOH non-polymer         . WATER             ? 'H2 O'           18.015  
ILE 'L-peptide linking' y ISOLEUCINE        ? 'C6 H13 N O2'    131.173 
LEU 'L-peptide linking' y LEUCINE           ? 'C6 H13 N O2'    131.173 
LYS 'L-peptide linking' y LYSINE            ? 'C6 H15 N2 O2 1' 147.195 
MET 'L-peptide linking' y METHIONINE        ? 'C5 H11 N O2 S'  149.211 
PHE 'L-peptide linking' y PHENYLALANINE     ? 'C9 H11 N O2'    165.189 
PRO 'L-peptide linking' y PROLINE           ? 'C5 H9 N O2'     115.130 
SER 'L-peptide linking' y SERINE            ? 'C3 H7 N O3'     105.093 
THR 'L-peptide linking' y THREONINE         ? 'C4 H9 N O3'     119.119 
TYR 'L-peptide linking' y TYROSINE          ? 'C9 H11 N O3'    181.189 
VAL 'L-peptide linking' y VALINE            ? 'C5 H11 N O2'    117.146 
# 
loop_
_pdbx_poly_seq_scheme.asym_id 
_pdbx_poly_seq_scheme.entity_id 
_pdbx_poly_seq_scheme.seq_id 
_pdbx_poly_seq_scheme.mon_id 
_pdbx_poly_seq_scheme.ndb_seq_num 
_pdbx_poly_seq_scheme.pdb_seq_num 
_pdbx_poly_seq_scheme.auth_seq_num 
_pdbx_poly_seq_scheme.pdb_mon_id 
_pdbx_poly_seq_scheme.auth_mon_id 
_pdbx_poly_seq_scheme.pdb_strand_id 
_pdbx_poly_seq_scheme.pdb_ins_code 
_pdbx_poly_seq_scheme.hetero 
A 1 1  MET 1  3  ?  ?   ?   A . n 
A 1 2  ALA 2  4  4  ALA ALA A . n 
A 1 3  PRO 3  5  5  PRO PRO A . n 
A 1 4  GLY 4  6  6  GLY GLY A . n 
A 1 5  ASP 5  7  7  ASP ASP A . n 
A 1 6  ILE 6  8  8  ILE ILE A . n 
A 1 7  GLU 7  9  9  GLU GLU A . n 
A 1 8  ASP 8  10 10 ASP ASP A . n 
A 1 9  MET 9  11 11 MET MET A . n 
A 1 10 ILE 10 12 12 ILE ILE A . n 
A 1 11 LYS 11 13 13 LYS LYS A . n 
A 1 12 ALA 12 14 14 ALA ALA A . n 
A 1 13 GLY 13 15 15 GLY GLY A . n 
A 1 14 ILE 14 16 16 ILE ILE A . n 
A 1 15 PRO 15 17 17 PRO PRO A . n 
A 1 16 GLY 16 18 18 GLY GLY A . n 
A 1 17 ALA 17 19 19 ALA ALA A . n 
A 1 18 ARG 18 20 20 ARG ARG A . n 
A 1 19 VAL 19 21 21 VAL VAL A . n 
A 1 20 THR 20 22 22 THR THR A . n 
A 1 21 ILE 21 23 23 ILE ILE A . n 
A 1 22 ARG 22 24 24 ARG ARG A . n 
A 1 23 ASP 23 25 25 ASP ASP A . n 
A 1 24 LEU 24 26 26 LEU LEU A . n 
A 1 25 ALA 25 27 27 ALA ALA A . n 
A 1 26 GLY 26 28 28 GLY GLY A . n 
A 1 27 ASP 27 29 29 ASP ASP A . n 
A 1 28 GLY 28 30 30 GLY GLY A . n 
A 1 29 ASP 29 31 31 ASP ASP A . n 
A 1 30 HIS 30 32 32 HIS HIS A . n 
A 1 31 TYR 31 33 33 TYR TYR A . n 
A 1 32 ALA 32 34 34 ALA ALA A . n 
A 1 33 ALA 33 35 35 ALA ALA A . n 
A 1 34 GLU 34 36 36 GLU GLU A . n 
A 1 35 VAL 35 37 37 VAL VAL A . n 
A 1 36 VAL 36 38 38 VAL VAL A . n 
A 1 37 ALA 37 39 39 ALA ALA A . n 
A 1 38 GLU 38 40 40 GLU GLU A . n 
A 1 39 ALA 39 41 41 ALA ALA A . n 
A 1 40 PHE 40 42 42 PHE PHE A . n 
A 1 41 ARG 41 43 43 ARG ARG A . n 
A 1 42 GLY 42 44 44 GLY GLY A . n 
A 1 43 LYS 43 45 45 LYS LYS A . n 
A 1 44 THR 44 46 46 THR THR A . n 
A 1 45 ARG 45 47 47 ARG ARG A . n 
A 1 46 VAL 46 48 48 VAL VAL A . n 
A 1 47 GLN 47 49 49 GLN GLN A . n 
A 1 48 GLN 48 50 50 GLN GLN A . n 
A 1 49 HIS 49 51 51 HIS HIS A . n 
A 1 50 GLN 50 52 52 GLN GLN A . n 
A 1 51 MET 51 53 53 MET MET A . n 
A 1 52 VAL 52 54 54 VAL VAL A . n 
A 1 53 TYR 53 55 55 TYR TYR A . n 
A 1 54 ASN 54 56 56 ASN ASN A . n 
A 1 55 ALA 55 57 57 ALA ALA A . n 
A 1 56 LEU 56 58 58 LEU LEU A . n 
A 1 57 LYS 57 59 59 LYS LYS A . n 
A 1 58 GLY 58 60 60 GLY GLY A . n 
A 1 59 ASN 59 61 61 ASN ASN A . n 
A 1 60 MET 60 62 62 MET MET A . n 
A 1 61 GLY 61 63 63 GLY GLY A . n 
A 1 62 GLY 62 64 64 GLY GLY A . n 
A 1 63 ILE 63 65 65 ILE ILE A . n 
A 1 64 LEU 64 66 66 LEU LEU A . n 
A 1 65 HIS 65 67 67 HIS HIS A . n 
A 1 66 ALA 66 68 68 ALA ALA A . n 
A 1 67 LEU 67 69 69 LEU LEU A . n 
A 1 68 ALA 68 70 70 ALA ALA A . n 
A 1 69 LEU 69 71 71 LEU LEU A . n 
A 1 70 GLN 70 72 72 GLN GLN A . n 
A 1 71 THR 71 73 73 THR THR A . n 
A 1 72 SER 72 74 74 SER SER A . n 
A 1 73 ALA 73 75 75 ALA ALA A . n 
A 1 74 PRO 74 76 76 PRO PRO A . n 
A 1 75 GLU 75 77 77 GLU GLU A . n 
# 
loop_
_pdbx_nonpoly_scheme.asym_id 
_pdbx_nonpoly_scheme.entity_id 
_pdbx_nonpoly_scheme.mon_id 
_pdbx_nonpoly_scheme.ndb_seq_num 
_pdbx_nonpoly_scheme.pdb_seq_num 
_pdbx_nonpoly_scheme.auth_seq_num 
_pdbx_nonpoly_scheme.pdb_mon_id 
_pdbx_nonpoly_scheme.auth_mon_id 
_pdbx_nonpoly_scheme.pdb_strand_id 
_pdbx_nonpoly_scheme.pdb_ins_code 
B 2 CO  1   101 80  CO  CO  A . 
C 3 HOH 1   201 95  HOH HOH A . 
C 3 HOH 2   202 83  HOH HOH A . 
C 3 HOH 3   203 69  HOH HOH A . 
C 3 HOH 4   204 91  HOH HOH A . 
C 3 HOH 5   205 20  HOH HOH A . 
C 3 HOH 6   206 24  HOH HOH A . 
C 3 HOH 7   207 11  HOH HOH A . 
C 3 HOH 8   208 73  HOH HOH A . 
C 3 HOH 9   209 88  HOH HOH A . 
C 3 HOH 10  210 31  HOH HOH A . 
C 3 HOH 11  211 38  HOH HOH A . 
C 3 HOH 12  212 30  HOH HOH A . 
C 3 HOH 13  213 19  HOH HOH A . 
C 3 HOH 14  214 71  HOH HOH A . 
C 3 HOH 15  215 70  HOH HOH A . 
C 3 HOH 16  216 1   HOH HOH A . 
C 3 HOH 17  217 47  HOH HOH A . 
C 3 HOH 18  218 2   HOH HOH A . 
C 3 HOH 19  219 12  HOH HOH A . 
C 3 HOH 20  220 22  HOH HOH A . 
C 3 HOH 21  221 66  HOH HOH A . 
C 3 HOH 22  222 50  HOH HOH A . 
C 3 HOH 23  223 76  HOH HOH A . 
C 3 HOH 24  224 67  HOH HOH A . 
C 3 HOH 25  225 40  HOH HOH A . 
C 3 HOH 26  226 13  HOH HOH A . 
C 3 HOH 27  227 68  HOH HOH A . 
C 3 HOH 28  228 21  HOH HOH A . 
C 3 HOH 29  229 26  HOH HOH A . 
C 3 HOH 30  230 41  HOH HOH A . 
C 3 HOH 31  232 34  HOH HOH A . 
C 3 HOH 32  233 65  HOH HOH A . 
C 3 HOH 33  234 29  HOH HOH A . 
C 3 HOH 34  235 8   HOH HOH A . 
C 3 HOH 35  236 27  HOH HOH A . 
C 3 HOH 36  237 4   HOH HOH A . 
C 3 HOH 37  238 75  HOH HOH A . 
C 3 HOH 38  239 32  HOH HOH A . 
C 3 HOH 39  240 10  HOH HOH A . 
C 3 HOH 40  241 9   HOH HOH A . 
C 3 HOH 41  242 17  HOH HOH A . 
C 3 HOH 42  243 23  HOH HOH A . 
C 3 HOH 43  244 33  HOH HOH A . 
C 3 HOH 44  245 45  HOH HOH A . 
C 3 HOH 45  246 97  HOH HOH A . 
C 3 HOH 46  247 25  HOH HOH A . 
C 3 HOH 47  248 15  HOH HOH A . 
C 3 HOH 48  249 7   HOH HOH A . 
C 3 HOH 49  250 84  HOH HOH A . 
C 3 HOH 50  251 39  HOH HOH A . 
C 3 HOH 51  252 44  HOH HOH A . 
C 3 HOH 52  253 54  HOH HOH A . 
C 3 HOH 53  254 89  HOH HOH A . 
C 3 HOH 54  255 57  HOH HOH A . 
C 3 HOH 55  256 16  HOH HOH A . 
C 3 HOH 56  257 5   HOH HOH A . 
C 3 HOH 57  258 37  HOH HOH A . 
C 3 HOH 58  259 28  HOH HOH A . 
C 3 HOH 59  260 42  HOH HOH A . 
C 3 HOH 60  261 93  HOH HOH A . 
C 3 HOH 61  262 72  HOH HOH A . 
C 3 HOH 62  263 62  HOH HOH A . 
C 3 HOH 63  264 51  HOH HOH A . 
C 3 HOH 64  265 82  HOH HOH A . 
C 3 HOH 65  266 49  HOH HOH A . 
C 3 HOH 66  267 18  HOH HOH A . 
C 3 HOH 67  268 14  HOH HOH A . 
C 3 HOH 68  269 3   HOH HOH A . 
C 3 HOH 69  270 6   HOH HOH A . 
C 3 HOH 70  271 86  HOH HOH A . 
C 3 HOH 71  272 80  HOH HOH A . 
C 3 HOH 72  273 98  HOH HOH A . 
C 3 HOH 73  274 35  HOH HOH A . 
C 3 HOH 74  275 78  HOH HOH A . 
C 3 HOH 75  276 85  HOH HOH A . 
C 3 HOH 76  277 101 HOH HOH A . 
C 3 HOH 77  278 87  HOH HOH A . 
C 3 HOH 78  279 90  HOH HOH A . 
C 3 HOH 79  280 55  HOH HOH A . 
C 3 HOH 80  281 94  HOH HOH A . 
C 3 HOH 81  282 99  HOH HOH A . 
C 3 HOH 82  283 81  HOH HOH A . 
C 3 HOH 83  284 53  HOH HOH A . 
C 3 HOH 84  285 36  HOH HOH A . 
C 3 HOH 85  286 79  HOH HOH A . 
C 3 HOH 86  287 96  HOH HOH A . 
C 3 HOH 87  288 74  HOH HOH A . 
C 3 HOH 88  289 56  HOH HOH A . 
C 3 HOH 89  290 63  HOH HOH A . 
C 3 HOH 90  291 100 HOH HOH A . 
C 3 HOH 91  292 46  HOH HOH A . 
C 3 HOH 92  293 43  HOH HOH A . 
C 3 HOH 93  294 61  HOH HOH A . 
C 3 HOH 94  295 48  HOH HOH A . 
C 3 HOH 95  296 52  HOH HOH A . 
C 3 HOH 96  297 59  HOH HOH A . 
C 3 HOH 97  298 58  HOH HOH A . 
C 3 HOH 98  299 77  HOH HOH A . 
C 3 HOH 99  300 60  HOH HOH A . 
C 3 HOH 100 301 92  HOH HOH A . 
# 
loop_
_software.citation_id 
_software.classification 
_software.compiler_name 
_software.compiler_version 
_software.contact_author 
_software.contact_author_email 
_software.date 
_software.description 
_software.dependencies 
_software.hardware 
_software.language 
_software.location 
_software.mods 
_software.name 
_software.os 
_software.os_version 
_software.type 
_software.version 
_software.pdbx_ordinal 
? refinement       ? ? ? ? ? ? ? ? ? ? ? PHENIX ? ? ? 1.9_1692 1 
? 'data reduction' ? ? ? ? ? ? ? ? ? ? ? XDS    ? ? ? .        2 
? 'data scaling'   ? ? ? ? ? ? ? ? ? ? ? SCALA  ? ? ? .        3 
? phasing          ? ? ? ? ? ? ? ? ? ? ? MOLREP ? ? ? .        4 
# 
_cell.angle_alpha                  90.00 
_cell.angle_alpha_esd              ? 
_cell.angle_beta                   90.00 
_cell.angle_beta_esd               ? 
_cell.angle_gamma                  90.00 
_cell.angle_gamma_esd              ? 
_cell.entry_id                     5NFL 
_cell.details                      ? 
_cell.formula_units_Z              ? 
_cell.length_a                     30.802 
_cell.length_a_esd                 ? 
_cell.length_b                     31.944 
_cell.length_b_esd                 ? 
_cell.length_c                     62.741 
_cell.length_c_esd                 ? 
_cell.volume                       ? 
_cell.volume_esd                   ? 
_cell.Z_PDB                        4 
_cell.reciprocal_angle_alpha       ? 
_cell.reciprocal_angle_beta        ? 
_cell.reciprocal_angle_gamma       ? 
_cell.reciprocal_angle_alpha_esd   ? 
_cell.reciprocal_angle_beta_esd    ? 
_cell.reciprocal_angle_gamma_esd   ? 
_cell.reciprocal_length_a          ? 
_cell.reciprocal_length_b          ? 
_cell.reciprocal_length_c          ? 
_cell.reciprocal_length_a_esd      ? 
_cell.reciprocal_length_b_esd      ? 
_cell.reciprocal_length_c_esd      ? 
_cell.pdbx_unique_axis             ? 
# 
_symmetry.entry_id                         5NFL 
_symmetry.cell_setting                     ? 
_symmetry.Int_Tables_number                19 
_symmetry.space_group_name_Hall            ? 
_symmetry.space_group_name_H-M             'P 21 21 21' 
_symmetry.pdbx_full_space_group_name_H-M   ? 
# 
_exptl.absorpt_coefficient_mu     ? 
_exptl.absorpt_correction_T_max   ? 
_exptl.absorpt_correction_T_min   ? 
_exptl.absorpt_correction_type    ? 
_exptl.absorpt_process_details    ? 
_exptl.entry_id                   5NFL 
_exptl.crystals_number            1 
_exptl.details                    ? 
_exptl.method                     'X-RAY DIFFRACTION' 
_exptl.method_details             ? 
# 
_exptl_crystal.colour                      ? 
_exptl_crystal.density_diffrn              ? 
_exptl_crystal.density_Matthews            1.94 
_exptl_crystal.density_method              ? 
_exptl_crystal.density_percent_sol         36.60 
_exptl_crystal.description                 ? 
_exptl_crystal.F_000                       ? 
_exptl_crystal.id                          1 
_exptl_crystal.preparation                 ? 
_exptl_crystal.size_max                    ? 
_exptl_crystal.size_mid                    ? 
_exptl_crystal.size_min                    ? 
_exptl_crystal.size_rad                    ? 
_exptl_crystal.colour_lustre               ? 
_exptl_crystal.colour_modifier             ? 
_exptl_crystal.colour_primary              ? 
_exptl_crystal.density_meas                ? 
_exptl_crystal.density_meas_esd            ? 
_exptl_crystal.density_meas_gt             ? 
_exptl_crystal.density_meas_lt             ? 
_exptl_crystal.density_meas_temp           ? 
_exptl_crystal.density_meas_temp_esd       ? 
_exptl_crystal.density_meas_temp_gt        ? 
_exptl_crystal.density_meas_temp_lt        ? 
_exptl_crystal.pdbx_crystal_image_url      ? 
_exptl_crystal.pdbx_crystal_image_format   ? 
_exptl_crystal.pdbx_mosaicity              ? 
_exptl_crystal.pdbx_mosaicity_esd          ? 
# 
_exptl_crystal_grow.apparatus       ? 
_exptl_crystal_grow.atmosphere      ? 
_exptl_crystal_grow.crystal_id      1 
_exptl_crystal_grow.details         ? 
_exptl_crystal_grow.method          MICROBATCH 
_exptl_crystal_grow.method_ref      ? 
_exptl_crystal_grow.pH              ? 
_exptl_crystal_grow.pressure        ? 
_exptl_crystal_grow.pressure_esd    ? 
_exptl_crystal_grow.seeding         ? 
_exptl_crystal_grow.seeding_ref     ? 
_exptl_crystal_grow.temp            277 
_exptl_crystal_grow.temp_details    ? 
_exptl_crystal_grow.temp_esd        ? 
_exptl_crystal_grow.time            ? 
_exptl_crystal_grow.pdbx_details    
;1.0 M lithium sulfate
0.01 M cobalt chloride
0.1 M Tris-HCl, pH 8.5
;
_exptl_crystal_grow.pdbx_pH_range   ? 
# 
_diffrn.ambient_environment    ? 
_diffrn.ambient_temp           100 
_diffrn.ambient_temp_details   ? 
_diffrn.ambient_temp_esd       ? 
_diffrn.crystal_id             1 
_diffrn.crystal_support        ? 
_diffrn.crystal_treatment      ? 
_diffrn.details                ? 
_diffrn.id                     1 
_diffrn.ambient_pressure       ? 
_diffrn.ambient_pressure_esd   ? 
_diffrn.ambient_pressure_gt    ? 
_diffrn.ambient_pressure_lt    ? 
_diffrn.ambient_temp_gt        ? 
_diffrn.ambient_temp_lt        ? 
# 
_diffrn_detector.details                      ? 
_diffrn_detector.detector                     CCD 
_diffrn_detector.diffrn_id                    1 
_diffrn_detector.type                         'ADSC QUANTUM 315r' 
_diffrn_detector.area_resol_mean              ? 
_diffrn_detector.dtime                        ? 
_diffrn_detector.pdbx_frames_total            ? 
_diffrn_detector.pdbx_collection_time_total   ? 
_diffrn_detector.pdbx_collection_date         2014-11-15 
# 
_diffrn_radiation.collimation                      ? 
_diffrn_radiation.diffrn_id                        1 
_diffrn_radiation.filter_edge                      ? 
_diffrn_radiation.inhomogeneity                    ? 
_diffrn_radiation.monochromator                    ? 
_diffrn_radiation.polarisn_norm                    ? 
_diffrn_radiation.polarisn_ratio                   ? 
_diffrn_radiation.probe                            ? 
_diffrn_radiation.type                             ? 
_diffrn_radiation.xray_symbol                      ? 
_diffrn_radiation.wavelength_id                    1 
_diffrn_radiation.pdbx_monochromatic_or_laue_m_l   M 
_diffrn_radiation.pdbx_wavelength_list             ? 
_diffrn_radiation.pdbx_wavelength                  ? 
_diffrn_radiation.pdbx_diffrn_protocol             'SINGLE WAVELENGTH' 
_diffrn_radiation.pdbx_analyzer                    ? 
_diffrn_radiation.pdbx_scattering_type             x-ray 
# 
_diffrn_radiation_wavelength.id           1 
_diffrn_radiation_wavelength.wavelength   0.979760 
_diffrn_radiation_wavelength.wt           1.0 
# 
_diffrn_source.current                     ? 
_diffrn_source.details                     ? 
_diffrn_source.diffrn_id                   1 
_diffrn_source.power                       ? 
_diffrn_source.size                        ? 
_diffrn_source.source                      SYNCHROTRON 
_diffrn_source.target                      ? 
_diffrn_source.type                        'ESRF BEAMLINE BM30A' 
_diffrn_source.voltage                     ? 
_diffrn_source.take-off_angle              ? 
_diffrn_source.pdbx_wavelength_list        0.979760 
_diffrn_source.pdbx_wavelength             ? 
_diffrn_source.pdbx_synchrotron_beamline   BM30A 
_diffrn_source.pdbx_synchrotron_site       ESRF 
# 
_reflns.B_iso_Wilson_estimate            ? 
_reflns.entry_id                         5NFL 
_reflns.data_reduction_details           ? 
_reflns.data_reduction_method            ? 
_reflns.d_resolution_high                1.90 
_reflns.d_resolution_low                 31.94 
_reflns.details                          ? 
_reflns.limit_h_max                      ? 
_reflns.limit_h_min                      ? 
_reflns.limit_k_max                      ? 
_reflns.limit_k_min                      ? 
_reflns.limit_l_max                      ? 
_reflns.limit_l_min                      ? 
_reflns.number_all                       ? 
_reflns.number_obs                       5140 
_reflns.observed_criterion               ? 
_reflns.observed_criterion_F_max         ? 
_reflns.observed_criterion_F_min         ? 
_reflns.observed_criterion_I_max         ? 
_reflns.observed_criterion_I_min         ? 
_reflns.observed_criterion_sigma_F       ? 
_reflns.observed_criterion_sigma_I       ? 
_reflns.percent_possible_obs             98.4 
_reflns.R_free_details                   ? 
_reflns.Rmerge_F_all                     ? 
_reflns.Rmerge_F_obs                     ? 
_reflns.Friedel_coverage                 ? 
_reflns.number_gt                        ? 
_reflns.threshold_expression             ? 
_reflns.pdbx_redundancy                  7.5 
_reflns.pdbx_Rmerge_I_obs                0.142 
_reflns.pdbx_Rmerge_I_all                ? 
_reflns.pdbx_Rsym_value                  ? 
_reflns.pdbx_netI_over_av_sigmaI         ? 
_reflns.pdbx_netI_over_sigmaI            15.0 
_reflns.pdbx_res_netI_over_av_sigmaI_2   ? 
_reflns.pdbx_res_netI_over_sigmaI_2      ? 
_reflns.pdbx_chi_squared                 ? 
_reflns.pdbx_scaling_rejects             ? 
_reflns.pdbx_d_res_high_opt              ? 
_reflns.pdbx_d_res_low_opt               ? 
_reflns.pdbx_d_res_opt_method            ? 
_reflns.phase_calculation_details        ? 
_reflns.pdbx_Rrim_I_all                  0.153 
_reflns.pdbx_Rpim_I_all                  0.054 
_reflns.pdbx_d_opt                       ? 
_reflns.pdbx_number_measured_all         ? 
_reflns.pdbx_diffrn_id                   1 
_reflns.pdbx_ordinal                     1 
_reflns.pdbx_CC_half                     0.995 
_reflns.pdbx_R_split                     ? 
# 
_reflns_shell.d_res_high                  1.90 
_reflns_shell.d_res_low                   2.01 
_reflns_shell.meanI_over_sigI_all         ? 
_reflns_shell.meanI_over_sigI_obs         5.7 
_reflns_shell.number_measured_all         ? 
_reflns_shell.number_measured_obs         ? 
_reflns_shell.number_possible             ? 
_reflns_shell.number_unique_all           643 
_reflns_shell.number_unique_obs           ? 
_reflns_shell.percent_possible_all        89.3 
_reflns_shell.percent_possible_obs        ? 
_reflns_shell.Rmerge_F_all                ? 
_reflns_shell.Rmerge_F_obs                ? 
_reflns_shell.Rmerge_I_all                ? 
_reflns_shell.Rmerge_I_obs                0.447 
_reflns_shell.meanI_over_sigI_gt          ? 
_reflns_shell.meanI_over_uI_all           ? 
_reflns_shell.meanI_over_uI_gt            ? 
_reflns_shell.number_measured_gt          ? 
_reflns_shell.number_unique_gt            ? 
_reflns_shell.percent_possible_gt         ? 
_reflns_shell.Rmerge_F_gt                 ? 
_reflns_shell.Rmerge_I_gt                 ? 
_reflns_shell.pdbx_redundancy             6.3 
_reflns_shell.pdbx_Rsym_value             ? 
_reflns_shell.pdbx_chi_squared            ? 
_reflns_shell.pdbx_netI_over_sigmaI_all   ? 
_reflns_shell.pdbx_netI_over_sigmaI_obs   ? 
_reflns_shell.pdbx_Rrim_I_all             0.487 
_reflns_shell.pdbx_Rpim_I_all             0.186 
_reflns_shell.pdbx_rejects                ? 
_reflns_shell.pdbx_ordinal                1 
_reflns_shell.pdbx_diffrn_id              1 
_reflns_shell.pdbx_CC_half                0.892 
_reflns_shell.pdbx_R_split                ? 
# 
_refine.aniso_B[1][1]                            ? 
_refine.aniso_B[1][2]                            ? 
_refine.aniso_B[1][3]                            ? 
_refine.aniso_B[2][2]                            ? 
_refine.aniso_B[2][3]                            ? 
_refine.aniso_B[3][3]                            ? 
_refine.B_iso_max                                ? 
_refine.B_iso_mean                               ? 
_refine.B_iso_min                                ? 
_refine.correlation_coeff_Fo_to_Fc               ? 
_refine.correlation_coeff_Fo_to_Fc_free          ? 
_refine.details                                  ? 
_refine.diff_density_max                         ? 
_refine.diff_density_max_esd                     ? 
_refine.diff_density_min                         ? 
_refine.diff_density_min_esd                     ? 
_refine.diff_density_rms                         ? 
_refine.diff_density_rms_esd                     ? 
_refine.entry_id                                 5NFL 
_refine.pdbx_refine_id                           'X-RAY DIFFRACTION' 
_refine.ls_abs_structure_details                 ? 
_refine.ls_abs_structure_Flack                   ? 
_refine.ls_abs_structure_Flack_esd               ? 
_refine.ls_abs_structure_Rogers                  ? 
_refine.ls_abs_structure_Rogers_esd              ? 
_refine.ls_d_res_high                            1.903 
_refine.ls_d_res_low                             31.370 
_refine.ls_extinction_coef                       ? 
_refine.ls_extinction_coef_esd                   ? 
_refine.ls_extinction_expression                 ? 
_refine.ls_extinction_method                     ? 
_refine.ls_goodness_of_fit_all                   ? 
_refine.ls_goodness_of_fit_all_esd               ? 
_refine.ls_goodness_of_fit_obs                   ? 
_refine.ls_goodness_of_fit_obs_esd               ? 
_refine.ls_hydrogen_treatment                    ? 
_refine.ls_matrix_type                           ? 
_refine.ls_number_constraints                    ? 
_refine.ls_number_parameters                     ? 
_refine.ls_number_reflns_all                     ? 
_refine.ls_number_reflns_obs                     5110 
_refine.ls_number_reflns_R_free                  254 
_refine.ls_number_reflns_R_work                  ? 
_refine.ls_number_restraints                     ? 
_refine.ls_percent_reflns_obs                    98.14 
_refine.ls_percent_reflns_R_free                 4.97 
_refine.ls_R_factor_all                          ? 
_refine.ls_R_factor_obs                          0.1335 
_refine.ls_R_factor_R_free                       0.1499 
_refine.ls_R_factor_R_free_error                 ? 
_refine.ls_R_factor_R_free_error_details         ? 
_refine.ls_R_factor_R_work                       0.1326 
_refine.ls_R_Fsqd_factor_obs                     ? 
_refine.ls_R_I_factor_obs                        ? 
_refine.ls_redundancy_reflns_all                 ? 
_refine.ls_redundancy_reflns_obs                 ? 
_refine.ls_restrained_S_all                      ? 
_refine.ls_restrained_S_obs                      ? 
_refine.ls_shift_over_esd_max                    ? 
_refine.ls_shift_over_esd_mean                   ? 
_refine.ls_structure_factor_coef                 ? 
_refine.ls_weighting_details                     ? 
_refine.ls_weighting_scheme                      ? 
_refine.ls_wR_factor_all                         ? 
_refine.ls_wR_factor_obs                         ? 
_refine.ls_wR_factor_R_free                      ? 
_refine.ls_wR_factor_R_work                      ? 
_refine.occupancy_max                            ? 
_refine.occupancy_min                            ? 
_refine.solvent_model_details                    ? 
_refine.solvent_model_param_bsol                 ? 
_refine.solvent_model_param_ksol                 ? 
_refine.ls_R_factor_gt                           ? 
_refine.ls_goodness_of_fit_gt                    ? 
_refine.ls_goodness_of_fit_ref                   ? 
_refine.ls_shift_over_su_max                     ? 
_refine.ls_shift_over_su_max_lt                  ? 
_refine.ls_shift_over_su_mean                    ? 
_refine.ls_shift_over_su_mean_lt                 ? 
_refine.pdbx_ls_sigma_I                          ? 
_refine.pdbx_ls_sigma_F                          1.36 
_refine.pdbx_ls_sigma_Fsqd                       ? 
_refine.pdbx_data_cutoff_high_absF               ? 
_refine.pdbx_data_cutoff_high_rms_absF           ? 
_refine.pdbx_data_cutoff_low_absF                ? 
_refine.pdbx_isotropic_thermal_model             ? 
_refine.pdbx_ls_cross_valid_method               'FREE R-VALUE' 
_refine.pdbx_method_to_determine_struct          'MOLECULAR REPLACEMENT' 
_refine.pdbx_starting_model                      5NFK 
_refine.pdbx_stereochemistry_target_values       ? 
_refine.pdbx_R_Free_selection_details            ? 
_refine.pdbx_stereochem_target_val_spec_case     ? 
_refine.pdbx_overall_ESU_R                       ? 
_refine.pdbx_overall_ESU_R_Free                  ? 
_refine.pdbx_solvent_vdw_probe_radii             1.11 
_refine.pdbx_solvent_ion_probe_radii             ? 
_refine.pdbx_solvent_shrinkage_radii             0.90 
_refine.pdbx_real_space_R                        ? 
_refine.pdbx_density_correlation                 ? 
_refine.pdbx_pd_number_of_powder_patterns        ? 
_refine.pdbx_pd_number_of_points                 ? 
_refine.pdbx_pd_meas_number_of_points            ? 
_refine.pdbx_pd_proc_ls_prof_R_factor            ? 
_refine.pdbx_pd_proc_ls_prof_wR_factor           ? 
_refine.pdbx_pd_Marquardt_correlation_coeff      ? 
_refine.pdbx_pd_Fsqrd_R_factor                   ? 
_refine.pdbx_pd_ls_matrix_band_width             ? 
_refine.pdbx_overall_phase_error                 11.17 
_refine.pdbx_overall_SU_R_free_Cruickshank_DPI   ? 
_refine.pdbx_overall_SU_R_free_Blow_DPI          ? 
_refine.pdbx_overall_SU_R_Blow_DPI               ? 
_refine.pdbx_TLS_residual_ADP_flag               ? 
_refine.pdbx_diffrn_id                           1 
_refine.overall_SU_B                             ? 
_refine.overall_SU_ML                            0.00 
_refine.overall_SU_R_Cruickshank_DPI             ? 
_refine.overall_SU_R_free                        ? 
_refine.overall_FOM_free_R_set                   ? 
_refine.overall_FOM_work_R_set                   ? 
_refine.pdbx_average_fsc_overall                 ? 
_refine.pdbx_average_fsc_work                    ? 
_refine.pdbx_average_fsc_free                    ? 
# 
_refine_hist.pdbx_refine_id                   'X-RAY DIFFRACTION' 
_refine_hist.cycle_id                         LAST 
_refine_hist.pdbx_number_atoms_protein        548 
_refine_hist.pdbx_number_atoms_nucleic_acid   0 
_refine_hist.pdbx_number_atoms_ligand         1 
_refine_hist.number_atoms_solvent             101 
_refine_hist.number_atoms_total               650 
_refine_hist.d_res_high                       1.903 
_refine_hist.d_res_low                        31.370 
# 
loop_
_refine_ls_restr.pdbx_refine_id 
_refine_ls_restr.criterion 
_refine_ls_restr.dev_ideal 
_refine_ls_restr.dev_ideal_target 
_refine_ls_restr.number 
_refine_ls_restr.rejects 
_refine_ls_restr.type 
_refine_ls_restr.weight 
_refine_ls_restr.pdbx_restraint_function 
'X-RAY DIFFRACTION' ? 0.012  ? 558 ? f_bond_d           ? ? 
'X-RAY DIFFRACTION' ? 1.288  ? 751 ? f_angle_d          ? ? 
'X-RAY DIFFRACTION' ? 11.444 ? 205 ? f_dihedral_angle_d ? ? 
'X-RAY DIFFRACTION' ? 0.057  ? 83  ? f_chiral_restr     ? ? 
'X-RAY DIFFRACTION' ? 0.006  ? 102 ? f_plane_restr      ? ? 
# 
loop_
_refine_ls_shell.pdbx_refine_id 
_refine_ls_shell.d_res_high 
_refine_ls_shell.d_res_low 
_refine_ls_shell.number_reflns_all 
_refine_ls_shell.number_reflns_obs 
_refine_ls_shell.number_reflns_R_free 
_refine_ls_shell.number_reflns_R_work 
_refine_ls_shell.percent_reflns_obs 
_refine_ls_shell.percent_reflns_R_free 
_refine_ls_shell.R_factor_all 
_refine_ls_shell.R_factor_obs 
_refine_ls_shell.R_factor_R_free 
_refine_ls_shell.R_factor_R_free_error 
_refine_ls_shell.R_factor_R_work 
_refine_ls_shell.redundancy_reflns_all 
_refine_ls_shell.redundancy_reflns_obs 
_refine_ls_shell.wR_factor_all 
_refine_ls_shell.wR_factor_obs 
_refine_ls_shell.wR_factor_R_free 
_refine_ls_shell.wR_factor_R_work 
_refine_ls_shell.pdbx_total_number_of_bins_used 
_refine_ls_shell.pdbx_phase_error 
_refine_ls_shell.pdbx_fsc_work 
_refine_ls_shell.pdbx_fsc_free 
'X-RAY DIFFRACTION' 1.9027 2.3971  . . 140 2298 96.00  . . . 0.1497 . 0.1261 . . . . . . . . . . 
'X-RAY DIFFRACTION' 2.3971 31.3747 . . 114 2558 100.00 . . . 0.1501 . 0.1361 . . . . . . . . . . 
# 
_struct.entry_id                     5NFL 
_struct.title                        'Crystal structure of YrbA from Sinorhizobium meliloti in complex with cobalt.' 
_struct.pdbx_model_details           ? 
_struct.pdbx_formula_weight          ? 
_struct.pdbx_formula_weight_method   ? 
_struct.pdbx_model_type_details      ? 
_struct.pdbx_CASP_flag               N 
# 
_struct_keywords.entry_id        5NFL 
_struct_keywords.text            'BolA, YrbA, histidyl ligation, ligase' 
_struct_keywords.pdbx_keywords   LIGASE 
# 
loop_
_struct_asym.id 
_struct_asym.pdbx_blank_PDB_chainid_flag 
_struct_asym.pdbx_modified 
_struct_asym.entity_id 
_struct_asym.details 
A N N 1 ? 
B N N 2 ? 
C N N 3 ? 
# 
_struct_ref.id                         1 
_struct_ref.db_name                    UNP 
_struct_ref.db_code                    M4MWA0_SINM2 
_struct_ref.pdbx_db_accession          M4MWA0 
_struct_ref.pdbx_db_isoform            ? 
_struct_ref.entity_id                  1 
_struct_ref.pdbx_seq_one_letter_code   MAPGDIEDMIKAGIPGARVTIRDLAGDGDHYAAEVVAEAFRGKTRVQQHQMVYNALKGNMGGILHALALQTSAPE 
_struct_ref.pdbx_align_begin           3 
# 
_struct_ref_seq.align_id                      1 
_struct_ref_seq.ref_id                        1 
_struct_ref_seq.pdbx_PDB_id_code              5NFL 
_struct_ref_seq.pdbx_strand_id                A 
_struct_ref_seq.seq_align_beg                 1 
_struct_ref_seq.pdbx_seq_align_beg_ins_code   ? 
_struct_ref_seq.seq_align_end                 75 
_struct_ref_seq.pdbx_seq_align_end_ins_code   ? 
_struct_ref_seq.pdbx_db_accession             M4MWA0 
_struct_ref_seq.db_align_beg                  3 
_struct_ref_seq.pdbx_db_align_beg_ins_code    ? 
_struct_ref_seq.db_align_end                  77 
_struct_ref_seq.pdbx_db_align_end_ins_code    ? 
_struct_ref_seq.pdbx_auth_seq_align_beg       3 
_struct_ref_seq.pdbx_auth_seq_align_end       77 
# 
_pdbx_struct_assembly.id                   1 
_pdbx_struct_assembly.details              author_and_software_defined_assembly 
_pdbx_struct_assembly.method_details       PISA 
_pdbx_struct_assembly.oligomeric_details   monomeric 
_pdbx_struct_assembly.oligomeric_count     1 
# 
loop_
_pdbx_struct_assembly_prop.biol_id 
_pdbx_struct_assembly_prop.type 
_pdbx_struct_assembly_prop.value 
_pdbx_struct_assembly_prop.details 
1 'ABSA (A^2)' 120  ? 
1 MORE         -9   ? 
1 'SSA (A^2)'  4650 ? 
# 
_pdbx_struct_assembly_gen.assembly_id       1 
_pdbx_struct_assembly_gen.oper_expression   1 
_pdbx_struct_assembly_gen.asym_id_list      A,B,C 
# 
loop_
_pdbx_struct_assembly_auth_evidence.id 
_pdbx_struct_assembly_auth_evidence.assembly_id 
_pdbx_struct_assembly_auth_evidence.experimental_support 
_pdbx_struct_assembly_auth_evidence.details 
1 1 'gel filtration'    Monomeric 
2 1 'mass spectrometry' Monomeric 
# 
_pdbx_struct_oper_list.id                   1 
_pdbx_struct_oper_list.type                 'identity operation' 
_pdbx_struct_oper_list.name                 1_555 
_pdbx_struct_oper_list.symmetry_operation   x,y,z 
_pdbx_struct_oper_list.matrix[1][1]         1.0000000000 
_pdbx_struct_oper_list.matrix[1][2]         0.0000000000 
_pdbx_struct_oper_list.matrix[1][3]         0.0000000000 
_pdbx_struct_oper_list.vector[1]            0.0000000000 
_pdbx_struct_oper_list.matrix[2][1]         0.0000000000 
_pdbx_struct_oper_list.matrix[2][2]         1.0000000000 
_pdbx_struct_oper_list.matrix[2][3]         0.0000000000 
_pdbx_struct_oper_list.vector[2]            0.0000000000 
_pdbx_struct_oper_list.matrix[3][1]         0.0000000000 
_pdbx_struct_oper_list.matrix[3][2]         0.0000000000 
_pdbx_struct_oper_list.matrix[3][3]         1.0000000000 
_pdbx_struct_oper_list.vector[3]            0.0000000000 
# 
loop_
_struct_conf.conf_type_id 
_struct_conf.id 
_struct_conf.pdbx_PDB_helix_id 
_struct_conf.beg_label_comp_id 
_struct_conf.beg_label_asym_id 
_struct_conf.beg_label_seq_id 
_struct_conf.pdbx_beg_PDB_ins_code 
_struct_conf.end_label_comp_id 
_struct_conf.end_label_asym_id 
_struct_conf.end_label_seq_id 
_struct_conf.pdbx_end_PDB_ins_code 
_struct_conf.beg_auth_comp_id 
_struct_conf.beg_auth_asym_id 
_struct_conf.beg_auth_seq_id 
_struct_conf.end_auth_comp_id 
_struct_conf.end_auth_asym_id 
_struct_conf.end_auth_seq_id 
_struct_conf.pdbx_PDB_helix_class 
_struct_conf.details 
_struct_conf.pdbx_PDB_helix_length 
HELX_P HELX_P1 AA1 GLY A 4  ? ILE A 14 ? GLY A 6  ILE A 16 1 ? 11 
HELX_P HELX_P2 AA2 ALA A 25 ? ASP A 27 ? ALA A 27 ASP A 29 5 ? 3  
HELX_P HELX_P3 AA3 GLU A 38 ? ARG A 41 ? GLU A 40 ARG A 43 5 ? 4  
HELX_P HELX_P4 AA4 THR A 44 ? LYS A 57 ? THR A 46 LYS A 59 1 ? 14 
HELX_P HELX_P5 AA5 GLY A 62 ? ALA A 66 ? GLY A 64 ALA A 68 1 ? 5  
# 
_struct_conf_type.id          HELX_P 
_struct_conf_type.criteria    ? 
_struct_conf_type.reference   ? 
# 
loop_
_struct_conn.id 
_struct_conn.conn_type_id 
_struct_conn.pdbx_leaving_atom_flag 
_struct_conn.pdbx_PDB_id 
_struct_conn.ptnr1_label_asym_id 
_struct_conn.ptnr1_label_comp_id 
_struct_conn.ptnr1_label_seq_id 
_struct_conn.ptnr1_label_atom_id 
_struct_conn.pdbx_ptnr1_label_alt_id 
_struct_conn.pdbx_ptnr1_PDB_ins_code 
_struct_conn.pdbx_ptnr1_standard_comp_id 
_struct_conn.ptnr1_symmetry 
_struct_conn.ptnr2_label_asym_id 
_struct_conn.ptnr2_label_comp_id 
_struct_conn.ptnr2_label_seq_id 
_struct_conn.ptnr2_label_atom_id 
_struct_conn.pdbx_ptnr2_label_alt_id 
_struct_conn.pdbx_ptnr2_PDB_ins_code 
_struct_conn.ptnr1_auth_asym_id 
_struct_conn.ptnr1_auth_comp_id 
_struct_conn.ptnr1_auth_seq_id 
_struct_conn.ptnr2_auth_asym_id 
_struct_conn.ptnr2_auth_comp_id 
_struct_conn.ptnr2_auth_seq_id 
_struct_conn.ptnr2_symmetry 
_struct_conn.pdbx_ptnr3_label_atom_id 
_struct_conn.pdbx_ptnr3_label_seq_id 
_struct_conn.pdbx_ptnr3_label_comp_id 
_struct_conn.pdbx_ptnr3_label_asym_id 
_struct_conn.pdbx_ptnr3_label_alt_id 
_struct_conn.pdbx_ptnr3_PDB_ins_code 
_struct_conn.details 
_struct_conn.pdbx_dist_value 
_struct_conn.pdbx_value_order 
_struct_conn.pdbx_role 
metalc1 metalc ? ? A HIS 30 NE2 ? ? ? 1_555 B CO  . CO ? ? A HIS 32  A CO  101 1_555 ? ? ? ? ? ? ? 2.138 ? ? 
metalc2 metalc ? ? A HIS 65 NE2 ? ? ? 1_555 B CO  . CO ? ? A HIS 67  A CO  101 1_555 ? ? ? ? ? ? ? 2.167 ? ? 
metalc3 metalc ? ? B CO  .  CO  ? ? ? 1_555 C HOH . O  ? ? A CO  101 A HOH 204 1_555 ? ? ? ? ? ? ? 2.364 ? ? 
metalc4 metalc ? ? B CO  .  CO  ? ? ? 1_555 C HOH . O  ? ? A CO  101 A HOH 209 1_555 ? ? ? ? ? ? ? 2.259 ? ? 
metalc5 metalc ? ? B CO  .  CO  ? ? ? 1_555 C HOH . O  ? ? A CO  101 A HOH 282 1_555 ? ? ? ? ? ? ? 2.457 ? ? 
# 
_struct_conn_type.id          metalc 
_struct_conn_type.criteria    ? 
_struct_conn_type.reference   ? 
# 
loop_
_pdbx_struct_conn_angle.id 
_pdbx_struct_conn_angle.ptnr1_label_atom_id 
_pdbx_struct_conn_angle.ptnr1_label_alt_id 
_pdbx_struct_conn_angle.ptnr1_label_asym_id 
_pdbx_struct_conn_angle.ptnr1_label_comp_id 
_pdbx_struct_conn_angle.ptnr1_label_seq_id 
_pdbx_struct_conn_angle.ptnr1_auth_atom_id 
_pdbx_struct_conn_angle.ptnr1_auth_asym_id 
_pdbx_struct_conn_angle.ptnr1_auth_comp_id 
_pdbx_struct_conn_angle.ptnr1_auth_seq_id 
_pdbx_struct_conn_angle.ptnr1_PDB_ins_code 
_pdbx_struct_conn_angle.ptnr1_symmetry 
_pdbx_struct_conn_angle.ptnr2_label_atom_id 
_pdbx_struct_conn_angle.ptnr2_label_alt_id 
_pdbx_struct_conn_angle.ptnr2_label_asym_id 
_pdbx_struct_conn_angle.ptnr2_label_comp_id 
_pdbx_struct_conn_angle.ptnr2_label_seq_id 
_pdbx_struct_conn_angle.ptnr2_auth_atom_id 
_pdbx_struct_conn_angle.ptnr2_auth_asym_id 
_pdbx_struct_conn_angle.ptnr2_auth_comp_id 
_pdbx_struct_conn_angle.ptnr2_auth_seq_id 
_pdbx_struct_conn_angle.ptnr2_PDB_ins_code 
_pdbx_struct_conn_angle.ptnr2_symmetry 
_pdbx_struct_conn_angle.ptnr3_label_atom_id 
_pdbx_struct_conn_angle.ptnr3_label_alt_id 
_pdbx_struct_conn_angle.ptnr3_label_asym_id 
_pdbx_struct_conn_angle.ptnr3_label_comp_id 
_pdbx_struct_conn_angle.ptnr3_label_seq_id 
_pdbx_struct_conn_angle.ptnr3_auth_atom_id 
_pdbx_struct_conn_angle.ptnr3_auth_asym_id 
_pdbx_struct_conn_angle.ptnr3_auth_comp_id 
_pdbx_struct_conn_angle.ptnr3_auth_seq_id 
_pdbx_struct_conn_angle.ptnr3_PDB_ins_code 
_pdbx_struct_conn_angle.ptnr3_symmetry 
_pdbx_struct_conn_angle.value 
_pdbx_struct_conn_angle.value_esd 
1  NE2 ? A HIS 30 ? A HIS 32  ? 1_555 CO ? B CO . ? A CO 101 ? 1_555 NE2 ? A HIS 65 ? A HIS 67  ? 1_555 96.2  ? 
2  NE2 ? A HIS 30 ? A HIS 32  ? 1_555 CO ? B CO . ? A CO 101 ? 1_555 O   ? C HOH .  ? A HOH 204 ? 1_555 92.0  ? 
3  NE2 ? A HIS 65 ? A HIS 67  ? 1_555 CO ? B CO . ? A CO 101 ? 1_555 O   ? C HOH .  ? A HOH 204 ? 1_555 168.1 ? 
4  NE2 ? A HIS 30 ? A HIS 32  ? 1_555 CO ? B CO . ? A CO 101 ? 1_555 O   ? C HOH .  ? A HOH 209 ? 1_555 93.7  ? 
5  NE2 ? A HIS 65 ? A HIS 67  ? 1_555 CO ? B CO . ? A CO 101 ? 1_555 O   ? C HOH .  ? A HOH 209 ? 1_555 96.9  ? 
6  O   ? C HOH .  ? A HOH 204 ? 1_555 CO ? B CO . ? A CO 101 ? 1_555 O   ? C HOH .  ? A HOH 209 ? 1_555 91.1  ? 
7  NE2 ? A HIS 30 ? A HIS 32  ? 1_555 CO ? B CO . ? A CO 101 ? 1_555 O   ? C HOH .  ? A HOH 282 ? 1_555 166.4 ? 
8  NE2 ? A HIS 65 ? A HIS 67  ? 1_555 CO ? B CO . ? A CO 101 ? 1_555 O   ? C HOH .  ? A HOH 282 ? 1_555 94.2  ? 
9  O   ? C HOH .  ? A HOH 204 ? 1_555 CO ? B CO . ? A CO 101 ? 1_555 O   ? C HOH .  ? A HOH 282 ? 1_555 79.2  ? 
10 O   ? C HOH .  ? A HOH 209 ? 1_555 CO ? B CO . ? A CO 101 ? 1_555 O   ? C HOH .  ? A HOH 282 ? 1_555 76.4  ? 
# 
_struct_sheet.id               AA1 
_struct_sheet.type             ? 
_struct_sheet.number_strands   3 
_struct_sheet.details          ? 
# 
loop_
_struct_sheet_order.sheet_id 
_struct_sheet_order.range_id_1 
_struct_sheet_order.range_id_2 
_struct_sheet_order.offset 
_struct_sheet_order.sense 
AA1 1 2 ? anti-parallel 
AA1 2 3 ? parallel      
# 
loop_
_struct_sheet_range.sheet_id 
_struct_sheet_range.id 
_struct_sheet_range.beg_label_comp_id 
_struct_sheet_range.beg_label_asym_id 
_struct_sheet_range.beg_label_seq_id 
_struct_sheet_range.pdbx_beg_PDB_ins_code 
_struct_sheet_range.end_label_comp_id 
_struct_sheet_range.end_label_asym_id 
_struct_sheet_range.end_label_seq_id 
_struct_sheet_range.pdbx_end_PDB_ins_code 
_struct_sheet_range.beg_auth_comp_id 
_struct_sheet_range.beg_auth_asym_id 
_struct_sheet_range.beg_auth_seq_id 
_struct_sheet_range.end_auth_comp_id 
_struct_sheet_range.end_auth_asym_id 
_struct_sheet_range.end_auth_seq_id 
AA1 1 ARG A 18 ? ASP A 23 ? ARG A 20 ASP A 25 
AA1 2 TYR A 31 ? VAL A 36 ? TYR A 33 VAL A 38 
AA1 3 LEU A 67 ? SER A 72 ? LEU A 69 SER A 74 
# 
loop_
_pdbx_struct_sheet_hbond.sheet_id 
_pdbx_struct_sheet_hbond.range_id_1 
_pdbx_struct_sheet_hbond.range_id_2 
_pdbx_struct_sheet_hbond.range_1_label_atom_id 
_pdbx_struct_sheet_hbond.range_1_label_comp_id 
_pdbx_struct_sheet_hbond.range_1_label_asym_id 
_pdbx_struct_sheet_hbond.range_1_label_seq_id 
_pdbx_struct_sheet_hbond.range_1_PDB_ins_code 
_pdbx_struct_sheet_hbond.range_1_auth_atom_id 
_pdbx_struct_sheet_hbond.range_1_auth_comp_id 
_pdbx_struct_sheet_hbond.range_1_auth_asym_id 
_pdbx_struct_sheet_hbond.range_1_auth_seq_id 
_pdbx_struct_sheet_hbond.range_2_label_atom_id 
_pdbx_struct_sheet_hbond.range_2_label_comp_id 
_pdbx_struct_sheet_hbond.range_2_label_asym_id 
_pdbx_struct_sheet_hbond.range_2_label_seq_id 
_pdbx_struct_sheet_hbond.range_2_PDB_ins_code 
_pdbx_struct_sheet_hbond.range_2_auth_atom_id 
_pdbx_struct_sheet_hbond.range_2_auth_comp_id 
_pdbx_struct_sheet_hbond.range_2_auth_asym_id 
_pdbx_struct_sheet_hbond.range_2_auth_seq_id 
AA1 1 2 N ARG A 18 ? N ARG A 20 O VAL A 36 ? O VAL A 38 
AA1 2 3 N ALA A 33 ? N ALA A 35 O ALA A 68 ? O ALA A 70 
# 
_struct_site.id                   AC1 
_struct_site.pdbx_evidence_code   Software 
_struct_site.pdbx_auth_asym_id    A 
_struct_site.pdbx_auth_comp_id    CO 
_struct_site.pdbx_auth_seq_id     101 
_struct_site.pdbx_auth_ins_code   ? 
_struct_site.pdbx_num_residues    5 
_struct_site.details              'binding site for residue CO A 101' 
# 
loop_
_struct_site_gen.id 
_struct_site_gen.site_id 
_struct_site_gen.pdbx_num_res 
_struct_site_gen.label_comp_id 
_struct_site_gen.label_asym_id 
_struct_site_gen.label_seq_id 
_struct_site_gen.pdbx_auth_ins_code 
_struct_site_gen.auth_comp_id 
_struct_site_gen.auth_asym_id 
_struct_site_gen.auth_seq_id 
_struct_site_gen.label_atom_id 
_struct_site_gen.label_alt_id 
_struct_site_gen.symmetry 
_struct_site_gen.details 
1 AC1 5 HIS A 30 ? HIS A 32  . ? 1_555 ? 
2 AC1 5 HIS A 65 ? HIS A 67  . ? 1_555 ? 
3 AC1 5 HOH C .  ? HOH A 204 . ? 1_555 ? 
4 AC1 5 HOH C .  ? HOH A 209 . ? 1_555 ? 
5 AC1 5 HOH C .  ? HOH A 282 . ? 1_555 ? 
# 
loop_
_pdbx_validate_close_contact.id 
_pdbx_validate_close_contact.PDB_model_num 
_pdbx_validate_close_contact.auth_atom_id_1 
_pdbx_validate_close_contact.auth_asym_id_1 
_pdbx_validate_close_contact.auth_comp_id_1 
_pdbx_validate_close_contact.auth_seq_id_1 
_pdbx_validate_close_contact.PDB_ins_code_1 
_pdbx_validate_close_contact.label_alt_id_1 
_pdbx_validate_close_contact.auth_atom_id_2 
_pdbx_validate_close_contact.auth_asym_id_2 
_pdbx_validate_close_contact.auth_comp_id_2 
_pdbx_validate_close_contact.auth_seq_id_2 
_pdbx_validate_close_contact.PDB_ins_code_2 
_pdbx_validate_close_contact.label_alt_id_2 
_pdbx_validate_close_contact.dist 
1 1 O A HOH 282 ? ? O A HOH 291 ? ? 1.99 
2 1 O A HOH 209 ? ? O A HOH 291 ? ? 2.07 
3 1 N A ALA 4   ? ? O A HOH 201 ? ? 2.15 
# 
_pdbx_validate_symm_contact.id                1 
_pdbx_validate_symm_contact.PDB_model_num     1 
_pdbx_validate_symm_contact.auth_atom_id_1    O 
_pdbx_validate_symm_contact.auth_asym_id_1    A 
_pdbx_validate_symm_contact.auth_comp_id_1    HOH 
_pdbx_validate_symm_contact.auth_seq_id_1     202 
_pdbx_validate_symm_contact.PDB_ins_code_1    ? 
_pdbx_validate_symm_contact.label_alt_id_1    ? 
_pdbx_validate_symm_contact.site_symmetry_1   1_555 
_pdbx_validate_symm_contact.auth_atom_id_2    O 
_pdbx_validate_symm_contact.auth_asym_id_2    A 
_pdbx_validate_symm_contact.auth_comp_id_2    HOH 
_pdbx_validate_symm_contact.auth_seq_id_2     272 
_pdbx_validate_symm_contact.PDB_ins_code_2    ? 
_pdbx_validate_symm_contact.label_alt_id_2    ? 
_pdbx_validate_symm_contact.site_symmetry_2   3_555 
_pdbx_validate_symm_contact.dist              2.19 
# 
_pdbx_validate_torsion.id              1 
_pdbx_validate_torsion.PDB_model_num   1 
_pdbx_validate_torsion.auth_comp_id    ASP 
_pdbx_validate_torsion.auth_asym_id    A 
_pdbx_validate_torsion.auth_seq_id     31 
_pdbx_validate_torsion.PDB_ins_code    ? 
_pdbx_validate_torsion.label_alt_id    ? 
_pdbx_validate_torsion.phi             -132.33 
_pdbx_validate_torsion.psi             -59.89 
# 
loop_
_pdbx_refine_tls.pdbx_refine_id 
_pdbx_refine_tls.id 
_pdbx_refine_tls.details 
_pdbx_refine_tls.method 
_pdbx_refine_tls.origin_x 
_pdbx_refine_tls.origin_y 
_pdbx_refine_tls.origin_z 
_pdbx_refine_tls.T[1][1] 
_pdbx_refine_tls.T[2][2] 
_pdbx_refine_tls.T[3][3] 
_pdbx_refine_tls.T[1][2] 
_pdbx_refine_tls.T[1][3] 
_pdbx_refine_tls.T[2][3] 
_pdbx_refine_tls.L[1][1] 
_pdbx_refine_tls.L[2][2] 
_pdbx_refine_tls.L[3][3] 
_pdbx_refine_tls.L[1][2] 
_pdbx_refine_tls.L[1][3] 
_pdbx_refine_tls.L[2][3] 
_pdbx_refine_tls.S[1][1] 
_pdbx_refine_tls.S[1][2] 
_pdbx_refine_tls.S[1][3] 
_pdbx_refine_tls.S[2][1] 
_pdbx_refine_tls.S[2][2] 
_pdbx_refine_tls.S[2][3] 
_pdbx_refine_tls.S[3][1] 
_pdbx_refine_tls.S[3][2] 
_pdbx_refine_tls.S[3][3] 
'X-RAY DIFFRACTION' 1 ? refined 0.5410  -7.1160 -4.5268 0.0611 0.0866 0.0717 0.0075  -0.0065 -0.0006 0.0054 0.0079 0.0069 -0.0048 0.0044 -0.0032 0.0148  0.0659  -0.0047 0.0055 0.0060  0.0069  0.0190  0.0253  0.0210 
'X-RAY DIFFRACTION' 2 ? refined -2.1601 1.5152  -5.4389 0.0790 0.0842 0.0743 -0.0139 0.0028  -0.0072 0.0226 0.0005 0.0033 0.0110  0.0081 0.0000  0.0006  0.0463  -0.0482 0.0292 0.0433  -0.0128 0.0122  0.0010  0.0136 
'X-RAY DIFFRACTION' 3 ? refined -5.8252 0.2115  12.0415 0.0531 0.0736 0.0567 0.0067  0.0188  0.0004  0.0037 0.0019 0.0019 0.0030  0.0007 0.0017  -0.0206 -0.0284 -0.0038 0.0087 -0.0086 0.0142  0.0184  -0.0076 0.0066 
'X-RAY DIFFRACTION' 4 ? refined 2.2314  2.2498  3.0930  0.0466 0.0621 0.0569 0.0054  0.0011  0.0016  0.0154 0.0257 0.0068 0.0084  0.0109 -0.0075 -0.0398 -0.0084 -0.0179 0.0272 -0.0319 0.0757  -0.0358 0.0665  0.0687 
# 
loop_
_pdbx_refine_tls_group.pdbx_refine_id 
_pdbx_refine_tls_group.id 
_pdbx_refine_tls_group.refine_tls_id 
_pdbx_refine_tls_group.beg_auth_asym_id 
_pdbx_refine_tls_group.beg_auth_seq_id 
_pdbx_refine_tls_group.beg_label_asym_id 
_pdbx_refine_tls_group.beg_label_seq_id 
_pdbx_refine_tls_group.end_auth_asym_id 
_pdbx_refine_tls_group.end_auth_seq_id 
_pdbx_refine_tls_group.end_label_asym_id 
_pdbx_refine_tls_group.end_label_seq_id 
_pdbx_refine_tls_group.selection 
_pdbx_refine_tls_group.selection_details 
'X-RAY DIFFRACTION' 1 1 ? ? ? ? ? ? ? ? ? 
;chain 'A' and (resid 4 through 15 )
;
'X-RAY DIFFRACTION' 2 2 ? ? ? ? ? ? ? ? ? 
;chain 'A' and (resid 16 through 38 )
;
'X-RAY DIFFRACTION' 3 3 ? ? ? ? ? ? ? ? ? 
;chain 'A' and (resid 39 through 46 )
;
'X-RAY DIFFRACTION' 4 4 ? ? ? ? ? ? ? ? ? 
;chain 'A' and (resid 47 through 77 )
;
# 
_pdbx_unobs_or_zero_occ_residues.id               1 
_pdbx_unobs_or_zero_occ_residues.PDB_model_num    1 
_pdbx_unobs_or_zero_occ_residues.polymer_flag     Y 
_pdbx_unobs_or_zero_occ_residues.occupancy_flag   1 
_pdbx_unobs_or_zero_occ_residues.auth_asym_id     A 
_pdbx_unobs_or_zero_occ_residues.auth_comp_id     MET 
_pdbx_unobs_or_zero_occ_residues.auth_seq_id      3 
_pdbx_unobs_or_zero_occ_residues.PDB_ins_code     ? 
_pdbx_unobs_or_zero_occ_residues.label_asym_id    A 
_pdbx_unobs_or_zero_occ_residues.label_comp_id    MET 
_pdbx_unobs_or_zero_occ_residues.label_seq_id     1 
# 
loop_
_chem_comp_atom.comp_id 
_chem_comp_atom.atom_id 
_chem_comp_atom.type_symbol 
_chem_comp_atom.pdbx_aromatic_flag 
_chem_comp_atom.pdbx_stereo_config 
_chem_comp_atom.pdbx_ordinal 
ALA N    N  N N 1   
ALA CA   C  N S 2   
ALA C    C  N N 3   
ALA O    O  N N 4   
ALA CB   C  N N 5   
ALA OXT  O  N N 6   
ALA H    H  N N 7   
ALA H2   H  N N 8   
ALA HA   H  N N 9   
ALA HB1  H  N N 10  
ALA HB2  H  N N 11  
ALA HB3  H  N N 12  
ALA HXT  H  N N 13  
ARG N    N  N N 14  
ARG CA   C  N S 15  
ARG C    C  N N 16  
ARG O    O  N N 17  
ARG CB   C  N N 18  
ARG CG   C  N N 19  
ARG CD   C  N N 20  
ARG NE   N  N N 21  
ARG CZ   C  N N 22  
ARG NH1  N  N N 23  
ARG NH2  N  N N 24  
ARG OXT  O  N N 25  
ARG H    H  N N 26  
ARG H2   H  N N 27  
ARG HA   H  N N 28  
ARG HB2  H  N N 29  
ARG HB3  H  N N 30  
ARG HG2  H  N N 31  
ARG HG3  H  N N 32  
ARG HD2  H  N N 33  
ARG HD3  H  N N 34  
ARG HE   H  N N 35  
ARG HH11 H  N N 36  
ARG HH12 H  N N 37  
ARG HH21 H  N N 38  
ARG HH22 H  N N 39  
ARG HXT  H  N N 40  
ASN N    N  N N 41  
ASN CA   C  N S 42  
ASN C    C  N N 43  
ASN O    O  N N 44  
ASN CB   C  N N 45  
ASN CG   C  N N 46  
ASN OD1  O  N N 47  
ASN ND2  N  N N 48  
ASN OXT  O  N N 49  
ASN H    H  N N 50  
ASN H2   H  N N 51  
ASN HA   H  N N 52  
ASN HB2  H  N N 53  
ASN HB3  H  N N 54  
ASN HD21 H  N N 55  
ASN HD22 H  N N 56  
ASN HXT  H  N N 57  
ASP N    N  N N 58  
ASP CA   C  N S 59  
ASP C    C  N N 60  
ASP O    O  N N 61  
ASP CB   C  N N 62  
ASP CG   C  N N 63  
ASP OD1  O  N N 64  
ASP OD2  O  N N 65  
ASP OXT  O  N N 66  
ASP H    H  N N 67  
ASP H2   H  N N 68  
ASP HA   H  N N 69  
ASP HB2  H  N N 70  
ASP HB3  H  N N 71  
ASP HD2  H  N N 72  
ASP HXT  H  N N 73  
CO  CO   CO N N 74  
GLN N    N  N N 75  
GLN CA   C  N S 76  
GLN C    C  N N 77  
GLN O    O  N N 78  
GLN CB   C  N N 79  
GLN CG   C  N N 80  
GLN CD   C  N N 81  
GLN OE1  O  N N 82  
GLN NE2  N  N N 83  
GLN OXT  O  N N 84  
GLN H    H  N N 85  
GLN H2   H  N N 86  
GLN HA   H  N N 87  
GLN HB2  H  N N 88  
GLN HB3  H  N N 89  
GLN HG2  H  N N 90  
GLN HG3  H  N N 91  
GLN HE21 H  N N 92  
GLN HE22 H  N N 93  
GLN HXT  H  N N 94  
GLU N    N  N N 95  
GLU CA   C  N S 96  
GLU C    C  N N 97  
GLU O    O  N N 98  
GLU CB   C  N N 99  
GLU CG   C  N N 100 
GLU CD   C  N N 101 
GLU OE1  O  N N 102 
GLU OE2  O  N N 103 
GLU OXT  O  N N 104 
GLU H    H  N N 105 
GLU H2   H  N N 106 
GLU HA   H  N N 107 
GLU HB2  H  N N 108 
GLU HB3  H  N N 109 
GLU HG2  H  N N 110 
GLU HG3  H  N N 111 
GLU HE2  H  N N 112 
GLU HXT  H  N N 113 
GLY N    N  N N 114 
GLY CA   C  N N 115 
GLY C    C  N N 116 
GLY O    O  N N 117 
GLY OXT  O  N N 118 
GLY H    H  N N 119 
GLY H2   H  N N 120 
GLY HA2  H  N N 121 
GLY HA3  H  N N 122 
GLY HXT  H  N N 123 
HIS N    N  N N 124 
HIS CA   C  N S 125 
HIS C    C  N N 126 
HIS O    O  N N 127 
HIS CB   C  N N 128 
HIS CG   C  Y N 129 
HIS ND1  N  Y N 130 
HIS CD2  C  Y N 131 
HIS CE1  C  Y N 132 
HIS NE2  N  Y N 133 
HIS OXT  O  N N 134 
HIS H    H  N N 135 
HIS H2   H  N N 136 
HIS HA   H  N N 137 
HIS HB2  H  N N 138 
HIS HB3  H  N N 139 
HIS HD1  H  N N 140 
HIS HD2  H  N N 141 
HIS HE1  H  N N 142 
HIS HE2  H  N N 143 
HIS HXT  H  N N 144 
HOH O    O  N N 145 
HOH H1   H  N N 146 
HOH H2   H  N N 147 
ILE N    N  N N 148 
ILE CA   C  N S 149 
ILE C    C  N N 150 
ILE O    O  N N 151 
ILE CB   C  N S 152 
ILE CG1  C  N N 153 
ILE CG2  C  N N 154 
ILE CD1  C  N N 155 
ILE OXT  O  N N 156 
ILE H    H  N N 157 
ILE H2   H  N N 158 
ILE HA   H  N N 159 
ILE HB   H  N N 160 
ILE HG12 H  N N 161 
ILE HG13 H  N N 162 
ILE HG21 H  N N 163 
ILE HG22 H  N N 164 
ILE HG23 H  N N 165 
ILE HD11 H  N N 166 
ILE HD12 H  N N 167 
ILE HD13 H  N N 168 
ILE HXT  H  N N 169 
LEU N    N  N N 170 
LEU CA   C  N S 171 
LEU C    C  N N 172 
LEU O    O  N N 173 
LEU CB   C  N N 174 
LEU CG   C  N N 175 
LEU CD1  C  N N 176 
LEU CD2  C  N N 177 
LEU OXT  O  N N 178 
LEU H    H  N N 179 
LEU H2   H  N N 180 
LEU HA   H  N N 181 
LEU HB2  H  N N 182 
LEU HB3  H  N N 183 
LEU HG   H  N N 184 
LEU HD11 H  N N 185 
LEU HD12 H  N N 186 
LEU HD13 H  N N 187 
LEU HD21 H  N N 188 
LEU HD22 H  N N 189 
LEU HD23 H  N N 190 
LEU HXT  H  N N 191 
LYS N    N  N N 192 
LYS CA   C  N S 193 
LYS C    C  N N 194 
LYS O    O  N N 195 
LYS CB   C  N N 196 
LYS CG   C  N N 197 
LYS CD   C  N N 198 
LYS CE   C  N N 199 
LYS NZ   N  N N 200 
LYS OXT  O  N N 201 
LYS H    H  N N 202 
LYS H2   H  N N 203 
LYS HA   H  N N 204 
LYS HB2  H  N N 205 
LYS HB3  H  N N 206 
LYS HG2  H  N N 207 
LYS HG3  H  N N 208 
LYS HD2  H  N N 209 
LYS HD3  H  N N 210 
LYS HE2  H  N N 211 
LYS HE3  H  N N 212 
LYS HZ1  H  N N 213 
LYS HZ2  H  N N 214 
LYS HZ3  H  N N 215 
LYS HXT  H  N N 216 
MET N    N  N N 217 
MET CA   C  N S 218 
MET C    C  N N 219 
MET O    O  N N 220 
MET CB   C  N N 221 
MET CG   C  N N 222 
MET SD   S  N N 223 
MET CE   C  N N 224 
MET OXT  O  N N 225 
MET H    H  N N 226 
MET H2   H  N N 227 
MET HA   H  N N 228 
MET HB2  H  N N 229 
MET HB3  H  N N 230 
MET HG2  H  N N 231 
MET HG3  H  N N 232 
MET HE1  H  N N 233 
MET HE2  H  N N 234 
MET HE3  H  N N 235 
MET HXT  H  N N 236 
PHE N    N  N N 237 
PHE CA   C  N S 238 
PHE C    C  N N 239 
PHE O    O  N N 240 
PHE CB   C  N N 241 
PHE CG   C  Y N 242 
PHE CD1  C  Y N 243 
PHE CD2  C  Y N 244 
PHE CE1  C  Y N 245 
PHE CE2  C  Y N 246 
PHE CZ   C  Y N 247 
PHE OXT  O  N N 248 
PHE H    H  N N 249 
PHE H2   H  N N 250 
PHE HA   H  N N 251 
PHE HB2  H  N N 252 
PHE HB3  H  N N 253 
PHE HD1  H  N N 254 
PHE HD2  H  N N 255 
PHE HE1  H  N N 256 
PHE HE2  H  N N 257 
PHE HZ   H  N N 258 
PHE HXT  H  N N 259 
PRO N    N  N N 260 
PRO CA   C  N S 261 
PRO C    C  N N 262 
PRO O    O  N N 263 
PRO CB   C  N N 264 
PRO CG   C  N N 265 
PRO CD   C  N N 266 
PRO OXT  O  N N 267 
PRO H    H  N N 268 
PRO HA   H  N N 269 
PRO HB2  H  N N 270 
PRO HB3  H  N N 271 
PRO HG2  H  N N 272 
PRO HG3  H  N N 273 
PRO HD2  H  N N 274 
PRO HD3  H  N N 275 
PRO HXT  H  N N 276 
SER N    N  N N 277 
SER CA   C  N S 278 
SER C    C  N N 279 
SER O    O  N N 280 
SER CB   C  N N 281 
SER OG   O  N N 282 
SER OXT  O  N N 283 
SER H    H  N N 284 
SER H2   H  N N 285 
SER HA   H  N N 286 
SER HB2  H  N N 287 
SER HB3  H  N N 288 
SER HG   H  N N 289 
SER HXT  H  N N 290 
THR N    N  N N 291 
THR CA   C  N S 292 
THR C    C  N N 293 
THR O    O  N N 294 
THR CB   C  N R 295 
THR OG1  O  N N 296 
THR CG2  C  N N 297 
THR OXT  O  N N 298 
THR H    H  N N 299 
THR H2   H  N N 300 
THR HA   H  N N 301 
THR HB   H  N N 302 
THR HG1  H  N N 303 
THR HG21 H  N N 304 
THR HG22 H  N N 305 
THR HG23 H  N N 306 
THR HXT  H  N N 307 
TYR N    N  N N 308 
TYR CA   C  N S 309 
TYR C    C  N N 310 
TYR O    O  N N 311 
TYR CB   C  N N 312 
TYR CG   C  Y N 313 
TYR CD1  C  Y N 314 
TYR CD2  C  Y N 315 
TYR CE1  C  Y N 316 
TYR CE2  C  Y N 317 
TYR CZ   C  Y N 318 
TYR OH   O  N N 319 
TYR OXT  O  N N 320 
TYR H    H  N N 321 
TYR H2   H  N N 322 
TYR HA   H  N N 323 
TYR HB2  H  N N 324 
TYR HB3  H  N N 325 
TYR HD1  H  N N 326 
TYR HD2  H  N N 327 
TYR HE1  H  N N 328 
TYR HE2  H  N N 329 
TYR HH   H  N N 330 
TYR HXT  H  N N 331 
VAL N    N  N N 332 
VAL CA   C  N S 333 
VAL C    C  N N 334 
VAL O    O  N N 335 
VAL CB   C  N N 336 
VAL CG1  C  N N 337 
VAL CG2  C  N N 338 
VAL OXT  O  N N 339 
VAL H    H  N N 340 
VAL H2   H  N N 341 
VAL HA   H  N N 342 
VAL HB   H  N N 343 
VAL HG11 H  N N 344 
VAL HG12 H  N N 345 
VAL HG13 H  N N 346 
VAL HG21 H  N N 347 
VAL HG22 H  N N 348 
VAL HG23 H  N N 349 
VAL HXT  H  N N 350 
# 
loop_
_chem_comp_bond.comp_id 
_chem_comp_bond.atom_id_1 
_chem_comp_bond.atom_id_2 
_chem_comp_bond.value_order 
_chem_comp_bond.pdbx_aromatic_flag 
_chem_comp_bond.pdbx_stereo_config 
_chem_comp_bond.pdbx_ordinal 
ALA N   CA   sing N N 1   
ALA N   H    sing N N 2   
ALA N   H2   sing N N 3   
ALA CA  C    sing N N 4   
ALA CA  CB   sing N N 5   
ALA CA  HA   sing N N 6   
ALA C   O    doub N N 7   
ALA C   OXT  sing N N 8   
ALA CB  HB1  sing N N 9   
ALA CB  HB2  sing N N 10  
ALA CB  HB3  sing N N 11  
ALA OXT HXT  sing N N 12  
ARG N   CA   sing N N 13  
ARG N   H    sing N N 14  
ARG N   H2   sing N N 15  
ARG CA  C    sing N N 16  
ARG CA  CB   sing N N 17  
ARG CA  HA   sing N N 18  
ARG C   O    doub N N 19  
ARG C   OXT  sing N N 20  
ARG CB  CG   sing N N 21  
ARG CB  HB2  sing N N 22  
ARG CB  HB3  sing N N 23  
ARG CG  CD   sing N N 24  
ARG CG  HG2  sing N N 25  
ARG CG  HG3  sing N N 26  
ARG CD  NE   sing N N 27  
ARG CD  HD2  sing N N 28  
ARG CD  HD3  sing N N 29  
ARG NE  CZ   sing N N 30  
ARG NE  HE   sing N N 31  
ARG CZ  NH1  sing N N 32  
ARG CZ  NH2  doub N N 33  
ARG NH1 HH11 sing N N 34  
ARG NH1 HH12 sing N N 35  
ARG NH2 HH21 sing N N 36  
ARG NH2 HH22 sing N N 37  
ARG OXT HXT  sing N N 38  
ASN N   CA   sing N N 39  
ASN N   H    sing N N 40  
ASN N   H2   sing N N 41  
ASN CA  C    sing N N 42  
ASN CA  CB   sing N N 43  
ASN CA  HA   sing N N 44  
ASN C   O    doub N N 45  
ASN C   OXT  sing N N 46  
ASN CB  CG   sing N N 47  
ASN CB  HB2  sing N N 48  
ASN CB  HB3  sing N N 49  
ASN CG  OD1  doub N N 50  
ASN CG  ND2  sing N N 51  
ASN ND2 HD21 sing N N 52  
ASN ND2 HD22 sing N N 53  
ASN OXT HXT  sing N N 54  
ASP N   CA   sing N N 55  
ASP N   H    sing N N 56  
ASP N   H2   sing N N 57  
ASP CA  C    sing N N 58  
ASP CA  CB   sing N N 59  
ASP CA  HA   sing N N 60  
ASP C   O    doub N N 61  
ASP C   OXT  sing N N 62  
ASP CB  CG   sing N N 63  
ASP CB  HB2  sing N N 64  
ASP CB  HB3  sing N N 65  
ASP CG  OD1  doub N N 66  
ASP CG  OD2  sing N N 67  
ASP OD2 HD2  sing N N 68  
ASP OXT HXT  sing N N 69  
GLN N   CA   sing N N 70  
GLN N   H    sing N N 71  
GLN N   H2   sing N N 72  
GLN CA  C    sing N N 73  
GLN CA  CB   sing N N 74  
GLN CA  HA   sing N N 75  
GLN C   O    doub N N 76  
GLN C   OXT  sing N N 77  
GLN CB  CG   sing N N 78  
GLN CB  HB2  sing N N 79  
GLN CB  HB3  sing N N 80  
GLN CG  CD   sing N N 81  
GLN CG  HG2  sing N N 82  
GLN CG  HG3  sing N N 83  
GLN CD  OE1  doub N N 84  
GLN CD  NE2  sing N N 85  
GLN NE2 HE21 sing N N 86  
GLN NE2 HE22 sing N N 87  
GLN OXT HXT  sing N N 88  
GLU N   CA   sing N N 89  
GLU N   H    sing N N 90  
GLU N   H2   sing N N 91  
GLU CA  C    sing N N 92  
GLU CA  CB   sing N N 93  
GLU CA  HA   sing N N 94  
GLU C   O    doub N N 95  
GLU C   OXT  sing N N 96  
GLU CB  CG   sing N N 97  
GLU CB  HB2  sing N N 98  
GLU CB  HB3  sing N N 99  
GLU CG  CD   sing N N 100 
GLU CG  HG2  sing N N 101 
GLU CG  HG3  sing N N 102 
GLU CD  OE1  doub N N 103 
GLU CD  OE2  sing N N 104 
GLU OE2 HE2  sing N N 105 
GLU OXT HXT  sing N N 106 
GLY N   CA   sing N N 107 
GLY N   H    sing N N 108 
GLY N   H2   sing N N 109 
GLY CA  C    sing N N 110 
GLY CA  HA2  sing N N 111 
GLY CA  HA3  sing N N 112 
GLY C   O    doub N N 113 
GLY C   OXT  sing N N 114 
GLY OXT HXT  sing N N 115 
HIS N   CA   sing N N 116 
HIS N   H    sing N N 117 
HIS N   H2   sing N N 118 
HIS CA  C    sing N N 119 
HIS CA  CB   sing N N 120 
HIS CA  HA   sing N N 121 
HIS C   O    doub N N 122 
HIS C   OXT  sing N N 123 
HIS CB  CG   sing N N 124 
HIS CB  HB2  sing N N 125 
HIS CB  HB3  sing N N 126 
HIS CG  ND1  sing Y N 127 
HIS CG  CD2  doub Y N 128 
HIS ND1 CE1  doub Y N 129 
HIS ND1 HD1  sing N N 130 
HIS CD2 NE2  sing Y N 131 
HIS CD2 HD2  sing N N 132 
HIS CE1 NE2  sing Y N 133 
HIS CE1 HE1  sing N N 134 
HIS NE2 HE2  sing N N 135 
HIS OXT HXT  sing N N 136 
HOH O   H1   sing N N 137 
HOH O   H2   sing N N 138 
ILE N   CA   sing N N 139 
ILE N   H    sing N N 140 
ILE N   H2   sing N N 141 
ILE CA  C    sing N N 142 
ILE CA  CB   sing N N 143 
ILE CA  HA   sing N N 144 
ILE C   O    doub N N 145 
ILE C   OXT  sing N N 146 
ILE CB  CG1  sing N N 147 
ILE CB  CG2  sing N N 148 
ILE CB  HB   sing N N 149 
ILE CG1 CD1  sing N N 150 
ILE CG1 HG12 sing N N 151 
ILE CG1 HG13 sing N N 152 
ILE CG2 HG21 sing N N 153 
ILE CG2 HG22 sing N N 154 
ILE CG2 HG23 sing N N 155 
ILE CD1 HD11 sing N N 156 
ILE CD1 HD12 sing N N 157 
ILE CD1 HD13 sing N N 158 
ILE OXT HXT  sing N N 159 
LEU N   CA   sing N N 160 
LEU N   H    sing N N 161 
LEU N   H2   sing N N 162 
LEU CA  C    sing N N 163 
LEU CA  CB   sing N N 164 
LEU CA  HA   sing N N 165 
LEU C   O    doub N N 166 
LEU C   OXT  sing N N 167 
LEU CB  CG   sing N N 168 
LEU CB  HB2  sing N N 169 
LEU CB  HB3  sing N N 170 
LEU CG  CD1  sing N N 171 
LEU CG  CD2  sing N N 172 
LEU CG  HG   sing N N 173 
LEU CD1 HD11 sing N N 174 
LEU CD1 HD12 sing N N 175 
LEU CD1 HD13 sing N N 176 
LEU CD2 HD21 sing N N 177 
LEU CD2 HD22 sing N N 178 
LEU CD2 HD23 sing N N 179 
LEU OXT HXT  sing N N 180 
LYS N   CA   sing N N 181 
LYS N   H    sing N N 182 
LYS N   H2   sing N N 183 
LYS CA  C    sing N N 184 
LYS CA  CB   sing N N 185 
LYS CA  HA   sing N N 186 
LYS C   O    doub N N 187 
LYS C   OXT  sing N N 188 
LYS CB  CG   sing N N 189 
LYS CB  HB2  sing N N 190 
LYS CB  HB3  sing N N 191 
LYS CG  CD   sing N N 192 
LYS CG  HG2  sing N N 193 
LYS CG  HG3  sing N N 194 
LYS CD  CE   sing N N 195 
LYS CD  HD2  sing N N 196 
LYS CD  HD3  sing N N 197 
LYS CE  NZ   sing N N 198 
LYS CE  HE2  sing N N 199 
LYS CE  HE3  sing N N 200 
LYS NZ  HZ1  sing N N 201 
LYS NZ  HZ2  sing N N 202 
LYS NZ  HZ3  sing N N 203 
LYS OXT HXT  sing N N 204 
MET N   CA   sing N N 205 
MET N   H    sing N N 206 
MET N   H2   sing N N 207 
MET CA  C    sing N N 208 
MET CA  CB   sing N N 209 
MET CA  HA   sing N N 210 
MET C   O    doub N N 211 
MET C   OXT  sing N N 212 
MET CB  CG   sing N N 213 
MET CB  HB2  sing N N 214 
MET CB  HB3  sing N N 215 
MET CG  SD   sing N N 216 
MET CG  HG2  sing N N 217 
MET CG  HG3  sing N N 218 
MET SD  CE   sing N N 219 
MET CE  HE1  sing N N 220 
MET CE  HE2  sing N N 221 
MET CE  HE3  sing N N 222 
MET OXT HXT  sing N N 223 
PHE N   CA   sing N N 224 
PHE N   H    sing N N 225 
PHE N   H2   sing N N 226 
PHE CA  C    sing N N 227 
PHE CA  CB   sing N N 228 
PHE CA  HA   sing N N 229 
PHE C   O    doub N N 230 
PHE C   OXT  sing N N 231 
PHE CB  CG   sing N N 232 
PHE CB  HB2  sing N N 233 
PHE CB  HB3  sing N N 234 
PHE CG  CD1  doub Y N 235 
PHE CG  CD2  sing Y N 236 
PHE CD1 CE1  sing Y N 237 
PHE CD1 HD1  sing N N 238 
PHE CD2 CE2  doub Y N 239 
PHE CD2 HD2  sing N N 240 
PHE CE1 CZ   doub Y N 241 
PHE CE1 HE1  sing N N 242 
PHE CE2 CZ   sing Y N 243 
PHE CE2 HE2  sing N N 244 
PHE CZ  HZ   sing N N 245 
PHE OXT HXT  sing N N 246 
PRO N   CA   sing N N 247 
PRO N   CD   sing N N 248 
PRO N   H    sing N N 249 
PRO CA  C    sing N N 250 
PRO CA  CB   sing N N 251 
PRO CA  HA   sing N N 252 
PRO C   O    doub N N 253 
PRO C   OXT  sing N N 254 
PRO CB  CG   sing N N 255 
PRO CB  HB2  sing N N 256 
PRO CB  HB3  sing N N 257 
PRO CG  CD   sing N N 258 
PRO CG  HG2  sing N N 259 
PRO CG  HG3  sing N N 260 
PRO CD  HD2  sing N N 261 
PRO CD  HD3  sing N N 262 
PRO OXT HXT  sing N N 263 
SER N   CA   sing N N 264 
SER N   H    sing N N 265 
SER N   H2   sing N N 266 
SER CA  C    sing N N 267 
SER CA  CB   sing N N 268 
SER CA  HA   sing N N 269 
SER C   O    doub N N 270 
SER C   OXT  sing N N 271 
SER CB  OG   sing N N 272 
SER CB  HB2  sing N N 273 
SER CB  HB3  sing N N 274 
SER OG  HG   sing N N 275 
SER OXT HXT  sing N N 276 
THR N   CA   sing N N 277 
THR N   H    sing N N 278 
THR N   H2   sing N N 279 
THR CA  C    sing N N 280 
THR CA  CB   sing N N 281 
THR CA  HA   sing N N 282 
THR C   O    doub N N 283 
THR C   OXT  sing N N 284 
THR CB  OG1  sing N N 285 
THR CB  CG2  sing N N 286 
THR CB  HB   sing N N 287 
THR OG1 HG1  sing N N 288 
THR CG2 HG21 sing N N 289 
THR CG2 HG22 sing N N 290 
THR CG2 HG23 sing N N 291 
THR OXT HXT  sing N N 292 
TYR N   CA   sing N N 293 
TYR N   H    sing N N 294 
TYR N   H2   sing N N 295 
TYR CA  C    sing N N 296 
TYR CA  CB   sing N N 297 
TYR CA  HA   sing N N 298 
TYR C   O    doub N N 299 
TYR C   OXT  sing N N 300 
TYR CB  CG   sing N N 301 
TYR CB  HB2  sing N N 302 
TYR CB  HB3  sing N N 303 
TYR CG  CD1  doub Y N 304 
TYR CG  CD2  sing Y N 305 
TYR CD1 CE1  sing Y N 306 
TYR CD1 HD1  sing N N 307 
TYR CD2 CE2  doub Y N 308 
TYR CD2 HD2  sing N N 309 
TYR CE1 CZ   doub Y N 310 
TYR CE1 HE1  sing N N 311 
TYR CE2 CZ   sing Y N 312 
TYR CE2 HE2  sing N N 313 
TYR CZ  OH   sing N N 314 
TYR OH  HH   sing N N 315 
TYR OXT HXT  sing N N 316 
VAL N   CA   sing N N 317 
VAL N   H    sing N N 318 
VAL N   H2   sing N N 319 
VAL CA  C    sing N N 320 
VAL CA  CB   sing N N 321 
VAL CA  HA   sing N N 322 
VAL C   O    doub N N 323 
VAL C   OXT  sing N N 324 
VAL CB  CG1  sing N N 325 
VAL CB  CG2  sing N N 326 
VAL CB  HB   sing N N 327 
VAL CG1 HG11 sing N N 328 
VAL CG1 HG12 sing N N 329 
VAL CG1 HG13 sing N N 330 
VAL CG2 HG21 sing N N 331 
VAL CG2 HG22 sing N N 332 
VAL CG2 HG23 sing N N 333 
VAL OXT HXT  sing N N 334 
# 
_pdbx_initial_refinement_model.id               1 
_pdbx_initial_refinement_model.entity_id_list   ? 
_pdbx_initial_refinement_model.type             'experimental model' 
_pdbx_initial_refinement_model.source_name      PDB 
_pdbx_initial_refinement_model.accession_code   5NFK 
_pdbx_initial_refinement_model.details          ? 
# 
_atom_sites.entry_id                    5NFL 
_atom_sites.fract_transf_matrix[1][1]   0.03007676 
_atom_sites.fract_transf_matrix[1][2]   -0.01173429 
_atom_sites.fract_transf_matrix[1][3]   -0.00341635 
_atom_sites.fract_transf_matrix[2][1]   -0.01163026 
_atom_sites.fract_transf_matrix[2][2]   -0.02606814 
_atom_sites.fract_transf_matrix[2][3]   -0.01285271 
_atom_sites.fract_transf_matrix[3][1]   0.00096858 
_atom_sites.fract_transf_matrix[3][2]   0.00668572 
_atom_sites.fract_transf_matrix[3][3]   -0.01443658 
_atom_sites.fract_transf_vector[1]      0.027700 
_atom_sites.fract_transf_vector[2]      -0.004289 
_atom_sites.fract_transf_vector[3]      0.117201 
# 
loop_
_atom_type.symbol 
C  
CO 
H  
N  
O  
S  
# 
loop_
_atom_site.group_PDB 
_atom_site.id 
_atom_site.type_symbol 
_atom_site.label_atom_id 
_atom_site.label_alt_id 
_atom_site.label_comp_id 
_atom_site.label_asym_id 
_atom_site.label_entity_id 
_atom_site.label_seq_id 
_atom_site.pdbx_PDB_ins_code 
_atom_site.Cartn_x 
_atom_site.Cartn_y 
_atom_site.Cartn_z 
_atom_site.occupancy 
_atom_site.B_iso_or_equiv 
_atom_site.pdbx_formal_charge 
_atom_site.auth_seq_id 
_atom_site.auth_comp_id 
_atom_site.auth_asym_id 
_atom_site.auth_atom_id 
_atom_site.pdbx_PDB_model_num 
ATOM   1    N  N    . ALA A 1 2  ? 5.872   -6.712  -11.822 1.00 26.99 ? 4   ALA A N    1 
ATOM   2    C  CA   . ALA A 1 2  ? 4.834   -7.001  -12.821 1.00 27.21 ? 4   ALA A CA   1 
ATOM   3    C  C    . ALA A 1 2  ? 3.533   -6.303  -12.431 1.00 27.91 ? 4   ALA A C    1 
ATOM   4    O  O    . ALA A 1 2  ? 3.389   -5.876  -11.280 1.00 28.77 ? 4   ALA A O    1 
ATOM   5    C  CB   . ALA A 1 2  ? 4.619   -8.512  -12.955 1.00 27.22 ? 4   ALA A CB   1 
ATOM   6    H  HA   . ALA A 1 2  ? 5.116   -6.657  -13.683 1.00 32.65 ? 4   ALA A HA   1 
ATOM   7    H  HB1  . ALA A 1 2  ? 3.930   -8.675  -13.619 1.00 32.66 ? 4   ALA A HB1  1 
ATOM   8    H  HB2  . ALA A 1 2  ? 5.451   -8.926  -13.232 1.00 32.66 ? 4   ALA A HB2  1 
ATOM   9    H  HB3  . ALA A 1 2  ? 4.341   -8.868  -12.096 1.00 32.66 ? 4   ALA A HB3  1 
ATOM   10   N  N    . PRO A 1 3  ? 2.580   -6.163  -13.382 1.00 27.97 ? 5   PRO A N    1 
ATOM   11   C  CA   . PRO A 1 3  ? 1.307   -5.557  -12.951 1.00 25.19 ? 5   PRO A CA   1 
ATOM   12   C  C    . PRO A 1 3  ? 0.615   -6.426  -11.909 1.00 20.32 ? 5   PRO A C    1 
ATOM   13   O  O    . PRO A 1 3  ? 0.701   -7.653  -12.013 1.00 18.95 ? 5   PRO A O    1 
ATOM   14   C  CB   . PRO A 1 3  ? 0.479   -5.476  -14.248 1.00 27.42 ? 5   PRO A CB   1 
ATOM   15   C  CG   . PRO A 1 3  ? 1.073   -6.525  -15.155 1.00 29.38 ? 5   PRO A CG   1 
ATOM   16   C  CD   . PRO A 1 3  ? 2.573   -6.480  -14.826 1.00 29.27 ? 5   PRO A CD   1 
ATOM   17   H  HA   . PRO A 1 3  ? 1.451   -4.666  -12.596 1.00 30.23 ? 5   PRO A HA   1 
ATOM   18   H  HB2  . PRO A 1 3  ? -0.450  -5.676  -14.056 1.00 32.90 ? 5   PRO A HB2  1 
ATOM   19   H  HB3  . PRO A 1 3  ? 0.569   -4.593  -14.640 1.00 32.90 ? 5   PRO A HB3  1 
ATOM   20   H  HG2  . PRO A 1 3  ? 0.698   -7.395  -14.947 1.00 35.26 ? 5   PRO A HG2  1 
ATOM   21   H  HG3  . PRO A 1 3  ? 0.914   -6.290  -16.083 1.00 35.26 ? 5   PRO A HG3  1 
ATOM   22   H  HD2  . PRO A 1 3  ? 2.983   -7.343  -14.988 1.00 35.13 ? 5   PRO A HD2  1 
ATOM   23   H  HD3  . PRO A 1 3  ? 3.010   -5.775  -15.331 1.00 35.13 ? 5   PRO A HD3  1 
ATOM   24   N  N    . GLY A 1 4  ? -0.019  -5.804  -10.911 1.00 17.36 ? 6   GLY A N    1 
ATOM   25   C  CA   . GLY A 1 4  ? -0.699  -6.538  -9.862  1.00 15.19 ? 6   GLY A CA   1 
ATOM   26   C  C    . GLY A 1 4  ? 0.230   -6.939  -8.711  1.00 12.84 ? 6   GLY A C    1 
ATOM   27   O  O    . GLY A 1 4  ? -0.244  -7.272  -7.652  1.00 11.99 ? 6   GLY A O    1 
ATOM   28   H  H    . GLY A 1 4  ? -0.067  -4.950  -10.827 1.00 20.84 ? 6   GLY A H    1 
ATOM   29   H  HA2  . GLY A 1 4  ? -1.414  -5.992  -9.501  1.00 18.23 ? 6   GLY A HA2  1 
ATOM   30   H  HA3  . GLY A 1 4  ? -1.089  -7.344  -10.235 1.00 18.23 ? 6   GLY A HA3  1 
ATOM   31   N  N    . ASP A 1 5  ? 1.544   -6.877  -8.908  1.00 11.64 ? 7   ASP A N    1 
ATOM   32   C  CA   . ASP A 1 5  ? 2.489   -7.301  -7.868  1.00 11.46 ? 7   ASP A CA   1 
ATOM   33   C  C    . ASP A 1 5  ? 2.414   -6.440  -6.596  1.00 9.28  ? 7   ASP A C    1 
ATOM   34   O  O    . ASP A 1 5  ? 2.562   -6.955  -5.490  1.00 8.44  ? 7   ASP A O    1 
ATOM   35   C  CB   . ASP A 1 5  ? 3.940   -7.289  -8.406  1.00 12.87 ? 7   ASP A CB   1 
ATOM   36   C  CG   . ASP A 1 5  ? 4.286   -8.534  -9.227  1.00 17.04 ? 7   ASP A CG   1 
ATOM   37   O  OD1  . ASP A 1 5  ? 3.464   -9.489  -9.290  1.00 16.33 ? 7   ASP A OD1  1 
ATOM   38   O  OD2  . ASP A 1 5  ? 5.391   -8.544  -9.810  1.00 19.24 ? 7   ASP A OD2  1 
ATOM   39   H  H    . ASP A 1 5  ? 1.917   -6.594  -9.630  1.00 13.97 ? 7   ASP A H    1 
ATOM   40   H  HA   . ASP A 1 5  ? 2.279   -8.213  -7.615  1.00 13.75 ? 7   ASP A HA   1 
ATOM   41   H  HB2  . ASP A 1 5  ? 4.058   -6.514  -8.977  1.00 15.44 ? 7   ASP A HB2  1 
ATOM   42   H  HB3  . ASP A 1 5  ? 4.554   -7.245  -7.657  1.00 15.44 ? 7   ASP A HB3  1 
ATOM   43   N  N    . ILE A 1 6  ? 2.208   -5.135  -6.745  1.00 8.93  ? 8   ILE A N    1 
ATOM   44   C  CA   . ILE A 1 6  ? 2.119   -4.256  -5.585  1.00 7.98  ? 8   ILE A CA   1 
ATOM   45   C  C    . ILE A 1 6  ? 0.935   -4.695  -4.736  1.00 7.32  ? 8   ILE A C    1 
ATOM   46   O  O    . ILE A 1 6  ? 1.049   -4.888  -3.514  1.00 7.40  ? 8   ILE A O    1 
ATOM   47   C  CB   . ILE A 1 6  ? 1.955   -2.796  -5.989  1.00 8.75  ? 8   ILE A CB   1 
ATOM   48   C  CG1  . ILE A 1 6  ? 3.235   -2.297  -6.672  1.00 10.61 ? 8   ILE A CG1  1 
ATOM   49   C  CG2  . ILE A 1 6  ? 1.652   -1.940  -4.779  1.00 8.17  ? 8   ILE A CG2  1 
ATOM   50   C  CD1  . ILE A 1 6  ? 3.100   -0.882  -7.292  1.00 14.58 ? 8   ILE A CD1  1 
ATOM   51   H  H    . ILE A 1 6  ? 2.118   -4.736  -7.502  1.00 10.71 ? 8   ILE A H    1 
ATOM   52   H  HA   . ILE A 1 6  ? 2.927   -4.339  -5.054  1.00 9.58  ? 8   ILE A HA   1 
ATOM   53   H  HB   . ILE A 1 6  ? 1.217   -2.725  -6.616  1.00 10.50 ? 8   ILE A HB   1 
ATOM   54   H  HG12 . ILE A 1 6  ? 3.948   -2.267  -6.015  1.00 12.73 ? 8   ILE A HG12 1 
ATOM   55   H  HG13 . ILE A 1 6  ? 3.470   -2.913  -7.384  1.00 12.73 ? 8   ILE A HG13 1 
ATOM   56   H  HG21 . ILE A 1 6  ? 1.552   -1.018  -5.062  1.00 9.80  ? 8   ILE A HG21 1 
ATOM   57   H  HG22 . ILE A 1 6  ? 0.831   -2.253  -4.369  1.00 9.80  ? 8   ILE A HG22 1 
ATOM   58   H  HG23 . ILE A 1 6  ? 2.386   -2.016  -4.148  1.00 9.80  ? 8   ILE A HG23 1 
ATOM   59   H  HD11 . ILE A 1 6  ? 3.943   -0.636  -7.703  1.00 17.49 ? 8   ILE A HD11 1 
ATOM   60   H  HD12 . ILE A 1 6  ? 2.397   -0.896  -7.961  1.00 17.49 ? 8   ILE A HD12 1 
ATOM   61   H  HD13 . ILE A 1 6  ? 2.876   -0.250  -6.591  1.00 17.49 ? 8   ILE A HD13 1 
ATOM   62   N  N    . GLU A 1 7  ? -0.205  -4.866  -5.390  1.00 6.85  ? 9   GLU A N    1 
ATOM   63   C  CA   . GLU A 1 7  ? -1.433  -5.266  -4.707  1.00 6.33  ? 9   GLU A CA   1 
ATOM   64   C  C    . GLU A 1 7  ? -1.269  -6.636  -4.039  1.00 6.18  ? 9   GLU A C    1 
ATOM   65   O  O    . GLU A 1 7  ? -1.687  -6.831  -2.882  1.00 6.14  ? 9   GLU A O    1 
ATOM   66   C  CB   . GLU A 1 7  ? -2.610  -5.271  -5.702  1.00 7.11  ? 9   GLU A CB   1 
ATOM   67   C  CG   . GLU A 1 7  ? -3.931  -5.795  -5.081  1.00 8.23  ? 9   GLU A CG   1 
ATOM   68   C  CD   . GLU A 1 7  ? -5.210  -5.282  -5.749  1.00 10.78 ? 9   GLU A CD   1 
ATOM   69   O  OE1  . GLU A 1 7  ? -5.156  -4.340  -6.574  1.00 10.63 ? 9   GLU A OE1  1 
ATOM   70   O  OE2  . GLU A 1 7  ? -6.282  -5.844  -5.434  1.00 11.45 ? 9   GLU A OE2  1 
ATOM   71   H  H    . GLU A 1 7  ? -0.298  -4.756  -6.238  1.00 8.21  ? 9   GLU A H    1 
ATOM   72   H  HA   . GLU A 1 7  ? -1.632  -4.619  -4.013  1.00 7.59  ? 9   GLU A HA   1 
ATOM   73   H  HB2  . GLU A 1 7  ? -2.765  -4.365  -6.011  1.00 8.53  ? 9   GLU A HB2  1 
ATOM   74   H  HB3  . GLU A 1 7  ? -2.386  -5.843  -6.452  1.00 8.53  ? 9   GLU A HB3  1 
ATOM   75   H  HG2  . GLU A 1 7  ? -3.937  -6.763  -5.143  1.00 9.87  ? 9   GLU A HG2  1 
ATOM   76   H  HG3  . GLU A 1 7  ? -3.960  -5.529  -4.149  1.00 9.87  ? 9   GLU A HG3  1 
ATOM   77   N  N    . ASP A 1 8  ? -0.677  -7.588  -4.766  1.00 7.09  ? 10  ASP A N    1 
ATOM   78   C  CA   . ASP A 1 8  ? -0.397  -8.916  -4.209  1.00 7.77  ? 10  ASP A CA   1 
ATOM   79   C  C    . ASP A 1 8  ? 0.452   -8.823  -2.934  1.00 7.77  ? 10  ASP A C    1 
ATOM   80   O  O    . ASP A 1 8  ? 0.197   -9.517  -1.946  1.00 8.75  ? 10  ASP A O    1 
ATOM   81   C  CB   . ASP A 1 8  ? 0.341   -9.821  -5.222  1.00 7.98  ? 10  ASP A CB   1 
ATOM   82   C  CG   . ASP A 1 8  ? -0.549  -10.324 -6.359  1.00 8.70  ? 10  ASP A CG   1 
ATOM   83   O  OD1  . ASP A 1 8  ? -1.782  -10.174 -6.284  1.00 7.83  ? 10  ASP A OD1  1 
ATOM   84   O  OD2  . ASP A 1 8  ? 0.004   -10.882 -7.344  1.00 9.36  ? 10  ASP A OD2  1 
ATOM   85   H  H    . ASP A 1 8  ? -0.429  -7.490  -5.584  1.00 8.51  ? 10  ASP A H    1 
ATOM   86   H  HA   . ASP A 1 8  ? -1.236  -9.346  -3.979  1.00 9.32  ? 10  ASP A HA   1 
ATOM   87   H  HB2  . ASP A 1 8  ? 1.071   -9.318  -5.617  1.00 9.58  ? 10  ASP A HB2  1 
ATOM   88   H  HB3  . ASP A 1 8  ? 0.691   -10.594 -4.754  1.00 9.58  ? 10  ASP A HB3  1 
ATOM   89   N  N    . MET A 1 9  ? 1.509   -8.023  -2.952  1.00 6.53  ? 11  MET A N    1 
ATOM   90   C  CA   . MET A 1 9  ? 2.377   -7.992  -1.790  1.00 7.98  ? 11  MET A CA   1 
ATOM   91   C  C    . MET A 1 9  ? 1.703   -7.359  -0.597  1.00 8.12  ? 11  MET A C    1 
ATOM   92   O  O    . MET A 1 9  ? 1.932   -7.797  0.517   1.00 8.39  ? 11  MET A O    1 
ATOM   93   C  CB   . MET A 1 9  ? 3.673   -7.273  -2.106  1.00 8.98  ? 11  MET A CB   1 
ATOM   94   C  CG   . MET A 1 9  ? 4.484   -8.033  -3.129  1.00 10.38 ? 11  MET A CG   1 
ATOM   95   S  SD   . MET A 1 9  ? 6.012   -7.157  -3.524  1.00 15.54 ? 11  MET A SD   1 
ATOM   96   C  CE   . MET A 1 9  ? 6.784   -7.346  -1.927  1.00 45.46 ? 11  MET A CE   1 
ATOM   97   H  H    . MET A 1 9  ? 1.740   -7.507  -3.600  1.00 7.84  ? 11  MET A H    1 
ATOM   98   H  HA   . MET A 1 9  ? 2.604   -8.906  -1.558  1.00 9.58  ? 11  MET A HA   1 
ATOM   99   H  HB2  . MET A 1 9  ? 3.473   -6.394  -2.467  1.00 10.78 ? 11  MET A HB2  1 
ATOM   100  H  HB3  . MET A 1 9  ? 4.201   -7.193  -1.296  1.00 10.78 ? 11  MET A HB3  1 
ATOM   101  H  HG2  . MET A 1 9  ? 4.715   -8.905  -2.773  1.00 12.45 ? 11  MET A HG2  1 
ATOM   102  H  HG3  . MET A 1 9  ? 3.967   -8.127  -3.945  1.00 12.45 ? 11  MET A HG3  1 
ATOM   103  H  HE1  . MET A 1 9  ? 7.655   -6.919  -1.944  1.00 54.55 ? 11  MET A HE1  1 
ATOM   104  H  HE2  . MET A 1 9  ? 6.224   -6.927  -1.255  1.00 54.55 ? 11  MET A HE2  1 
ATOM   105  H  HE3  . MET A 1 9  ? 6.882   -8.291  -1.733  1.00 54.55 ? 11  MET A HE3  1 
ATOM   106  N  N    . ILE A 1 10 ? 0.864   -6.361  -0.824  1.00 8.25  ? 12  ILE A N    1 
ATOM   107  C  CA   . ILE A 1 10 ? 0.148   -5.711  0.271   1.00 8.26  ? 12  ILE A CA   1 
ATOM   108  C  C    . ILE A 1 10 ? -0.812  -6.718  0.904   1.00 8.34  ? 12  ILE A C    1 
ATOM   109  O  O    . ILE A 1 10 ? -0.832  -6.887  2.141   1.00 6.97  ? 12  ILE A O    1 
ATOM   110  C  CB   . ILE A 1 10 ? -0.602  -4.439  -0.206  1.00 6.10  ? 12  ILE A CB   1 
ATOM   111  C  CG1  . ILE A 1 10 ? 0.416   -3.352  -0.574  1.00 5.47  ? 12  ILE A CG1  1 
ATOM   112  C  CG2  . ILE A 1 10 ? -1.479  -3.900  0.893   1.00 7.17  ? 12  ILE A CG2  1 
ATOM   113  C  CD1  . ILE A 1 10 ? -0.184  -2.112  -1.186  1.00 6.25  ? 12  ILE A CD1  1 
ATOM   114  H  H    . ILE A 1 10 ? 0.688   -6.037  -1.601  1.00 9.90  ? 12  ILE A H    1 
ATOM   115  H  HA   . ILE A 1 10 ? 0.788   -5.442  0.950   1.00 9.91  ? 12  ILE A HA   1 
ATOM   116  H  HB   . ILE A 1 10 ? -1.145  -4.654  -0.981  1.00 7.32  ? 12  ILE A HB   1 
ATOM   117  H  HG12 . ILE A 1 10 ? 0.888   -3.084  0.230   1.00 6.57  ? 12  ILE A HG12 1 
ATOM   118  H  HG13 . ILE A 1 10 ? 1.044   -3.720  -1.214  1.00 6.57  ? 12  ILE A HG13 1 
ATOM   119  H  HG21 . ILE A 1 10 ? -1.936  -3.107  0.570   1.00 8.60  ? 12  ILE A HG21 1 
ATOM   120  H  HG22 . ILE A 1 10 ? -2.127  -4.578  1.140   1.00 8.60  ? 12  ILE A HG22 1 
ATOM   121  H  HG23 . ILE A 1 10 ? -0.925  -3.676  1.657   1.00 8.60  ? 12  ILE A HG23 1 
ATOM   122  H  HD11 . ILE A 1 10 ? 0.527   -1.483  -1.386  1.00 7.49  ? 12  ILE A HD11 1 
ATOM   123  H  HD12 . ILE A 1 10 ? -0.649  -2.356  -2.001  1.00 7.49  ? 12  ILE A HD12 1 
ATOM   124  H  HD13 . ILE A 1 10 ? -0.807  -1.718  -0.555  1.00 7.49  ? 12  ILE A HD13 1 
ATOM   125  N  N    . LYS A 1 11 ? -1.582  -7.420  0.070   1.00 8.70  ? 13  LYS A N    1 
ATOM   126  C  CA   . LYS A 1 11 ? -2.535  -8.383  0.598   1.00 10.11 ? 13  LYS A CA   1 
ATOM   127  C  C    . LYS A 1 11 ? -1.852  -9.574  1.265   1.00 9.62  ? 13  LYS A C    1 
ATOM   128  O  O    . LYS A 1 11 ? -2.430  -10.158 2.178   1.00 9.45  ? 13  LYS A O    1 
ATOM   129  C  CB   . LYS A 1 11 ? -3.487  -8.884  -0.497  1.00 11.90 ? 13  LYS A CB   1 
ATOM   130  C  CG   . LYS A 1 11 ? -4.430  -7.794  -1.036  1.00 14.59 ? 13  LYS A CG   1 
ATOM   131  C  CD   . LYS A 1 11 ? -5.585  -8.397  -1.845  1.00 17.54 ? 13  LYS A CD   1 
ATOM   132  C  CE   . LYS A 1 11 ? -6.693  -7.410  -2.010  1.00 19.95 ? 13  LYS A CE   1 
ATOM   133  N  NZ   . LYS A 1 11 ? -7.802  -8.021  -2.772  1.00 20.90 ? 13  LYS A NZ   1 
ATOM   134  H  H    . LYS A 1 11 ? -1.569  -7.356  -0.787  1.00 10.44 ? 13  LYS A H    1 
ATOM   135  H  HA   . LYS A 1 11 ? -3.074  -7.941  1.273   1.00 12.13 ? 13  LYS A HA   1 
ATOM   136  H  HB2  . LYS A 1 11 ? -2.961  -9.217  -1.241  1.00 14.28 ? 13  LYS A HB2  1 
ATOM   137  H  HB3  . LYS A 1 11 ? -4.034  -9.597  -0.133  1.00 14.28 ? 13  LYS A HB3  1 
ATOM   138  H  HG2  . LYS A 1 11 ? -4.807  -7.299  -0.292  1.00 17.51 ? 13  LYS A HG2  1 
ATOM   139  H  HG3  . LYS A 1 11 ? -3.932  -7.198  -1.618  1.00 17.51 ? 13  LYS A HG3  1 
ATOM   140  H  HD2  . LYS A 1 11 ? -5.265  -8.648  -2.726  1.00 21.05 ? 13  LYS A HD2  1 
ATOM   141  H  HD3  . LYS A 1 11 ? -5.934  -9.173  -1.379  1.00 21.05 ? 13  LYS A HD3  1 
ATOM   142  H  HE2  . LYS A 1 11 ? -7.026  -7.146  -1.139  1.00 23.94 ? 13  LYS A HE2  1 
ATOM   143  H  HE3  . LYS A 1 11 ? -6.370  -6.638  -2.501  1.00 23.94 ? 13  LYS A HE3  1 
ATOM   144  H  HZ1  . LYS A 1 11 ? -8.463  -7.434  -2.871  1.00 25.08 ? 13  LYS A HZ1  1 
ATOM   145  H  HZ2  . LYS A 1 11 ? -7.516  -8.274  -3.576  1.00 25.08 ? 13  LYS A HZ2  1 
ATOM   146  H  HZ3  . LYS A 1 11 ? -8.111  -8.734  -2.339  1.00 25.08 ? 13  LYS A HZ3  1 
ATOM   147  N  N    . ALA A 1 12 ? -0.662  -9.965  0.807   1.00 9.33  ? 14  ALA A N    1 
ATOM   148  C  CA   . ALA A 1 12 ? 0.068   -11.067 1.448   1.00 9.27  ? 14  ALA A CA   1 
ATOM   149  C  C    . ALA A 1 12 ? 0.569   -10.620 2.818   1.00 9.22  ? 14  ALA A C    1 
ATOM   150  O  O    . ALA A 1 12 ? 0.492   -11.342 3.813   1.00 8.75  ? 14  ALA A O    1 
ATOM   151  C  CB   . ALA A 1 12 ? 1.250   -11.534 0.562   1.00 8.43  ? 14  ALA A CB   1 
ATOM   152  H  H    . ALA A 1 12 ? -0.257  -9.614  0.134   1.00 11.19 ? 14  ALA A H    1 
ATOM   153  H  HA   . ALA A 1 12 ? -0.532  -11.818 1.574   1.00 11.12 ? 14  ALA A HA   1 
ATOM   154  H  HB1  . ALA A 1 12 ? 1.712   -12.259 1.010   1.00 10.11 ? 14  ALA A HB1  1 
ATOM   155  H  HB2  . ALA A 1 12 ? 0.904   -11.838 -0.291  1.00 10.11 ? 14  ALA A HB2  1 
ATOM   156  H  HB3  . ALA A 1 12 ? 1.857   -10.789 0.427   1.00 10.11 ? 14  ALA A HB3  1 
ATOM   157  N  N    . GLY A 1 13 ? 1.053   -9.387  2.875   1.00 10.11 ? 15  GLY A N    1 
ATOM   158  C  CA   . GLY A 1 13 ? 1.674   -8.886  4.083   1.00 10.73 ? 15  GLY A CA   1 
ATOM   159  C  C    . GLY A 1 13 ? 0.714   -8.358  5.134   1.00 11.54 ? 15  GLY A C    1 
ATOM   160  O  O    . GLY A 1 13 ? 1.044   -8.323  6.329   1.00 12.00 ? 15  GLY A O    1 
ATOM   161  H  H    . GLY A 1 13 ? 1.032   -8.822  2.226   1.00 12.14 ? 15  GLY A H    1 
ATOM   162  H  HA2  . GLY A 1 13 ? 2.194   -9.599  4.487   1.00 12.88 ? 15  GLY A HA2  1 
ATOM   163  H  HA3  . GLY A 1 13 ? 2.283   -8.169  3.848   1.00 12.88 ? 15  GLY A HA3  1 
ATOM   164  N  N    . ILE A 1 14 ? -0.476  -7.945  4.694   1.00 11.20 ? 16  ILE A N    1 
ATOM   165  C  CA   . ILE A 1 14 ? -1.480  -7.405  5.592   1.00 10.76 ? 16  ILE A CA   1 
ATOM   166  C  C    . ILE A 1 14 ? -2.774  -8.185  5.345   1.00 11.53 ? 16  ILE A C    1 
ATOM   167  O  O    . ILE A 1 14 ? -3.659  -7.720  4.614   1.00 11.02 ? 16  ILE A O    1 
ATOM   168  C  CB   . ILE A 1 14 ? -1.732  -5.891  5.376   1.00 8.66  ? 16  ILE A CB   1 
ATOM   169  C  CG1  . ILE A 1 14 ? -0.440  -5.073  5.485   1.00 8.97  ? 16  ILE A CG1  1 
ATOM   170  C  CG2  . ILE A 1 14 ? -2.711  -5.380  6.421   1.00 7.72  ? 16  ILE A CG2  1 
ATOM   171  C  CD1  . ILE A 1 14 ? -0.601  -3.577  5.073   1.00 8.47  ? 16  ILE A CD1  1 
ATOM   172  H  H    . ILE A 1 14 ? -0.721  -7.969  3.870   1.00 13.44 ? 16  ILE A H    1 
ATOM   173  H  HA   . ILE A 1 14 ? -1.204  -7.544  6.512   1.00 12.91 ? 16  ILE A HA   1 
ATOM   174  H  HB   . ILE A 1 14 ? -2.115  -5.758  4.494   1.00 10.39 ? 16  ILE A HB   1 
ATOM   175  H  HG12 . ILE A 1 14 ? -0.135  -5.095  6.406   1.00 10.77 ? 16  ILE A HG12 1 
ATOM   176  H  HG13 . ILE A 1 14 ? 0.230   -5.469  4.907   1.00 10.77 ? 16  ILE A HG13 1 
ATOM   177  H  HG21 . ILE A 1 14 ? -2.861  -4.433  6.275   1.00 9.27  ? 16  ILE A HG21 1 
ATOM   178  H  HG22 . ILE A 1 14 ? -3.546  -5.866  6.334   1.00 9.27  ? 16  ILE A HG22 1 
ATOM   179  H  HG23 . ILE A 1 14 ? -2.333  -5.524  7.302   1.00 9.27  ? 16  ILE A HG23 1 
ATOM   180  H  HD11 . ILE A 1 14 ? 0.254   -3.130  5.170   1.00 10.16 ? 16  ILE A HD11 1 
ATOM   181  H  HD12 . ILE A 1 14 ? -0.895  -3.535  4.150   1.00 10.16 ? 16  ILE A HD12 1 
ATOM   182  H  HD13 . ILE A 1 14 ? -1.261  -3.160  5.651   1.00 10.16 ? 16  ILE A HD13 1 
ATOM   183  N  N    . PRO A 1 15 ? -2.875  -9.386  5.931   1.00 11.63 ? 17  PRO A N    1 
ATOM   184  C  CA   . PRO A 1 15 ? -4.002  -10.269 5.617   1.00 12.38 ? 17  PRO A CA   1 
ATOM   185  C  C    . PRO A 1 15 ? -5.343  -9.594  5.905   1.00 10.97 ? 17  PRO A C    1 
ATOM   186  O  O    . PRO A 1 15 ? -5.525  -9.005  6.965   1.00 9.99  ? 17  PRO A O    1 
ATOM   187  C  CB   . PRO A 1 15 ? -3.758  -11.476 6.534   1.00 13.15 ? 17  PRO A CB   1 
ATOM   188  C  CG   . PRO A 1 15 ? -2.274  -11.497 6.727   1.00 12.46 ? 17  PRO A CG   1 
ATOM   189  C  CD   . PRO A 1 15 ? -1.883  -10.044 6.802   1.00 11.70 ? 17  PRO A CD   1 
ATOM   190  H  HA   . PRO A 1 15 ? -3.968  -10.550 4.690   1.00 14.86 ? 17  PRO A HA   1 
ATOM   191  H  HB2  . PRO A 1 15 ? -4.216  -11.346 7.380   1.00 15.78 ? 17  PRO A HB2  1 
ATOM   192  H  HB3  . PRO A 1 15 ? -4.062  -12.288 6.097   1.00 15.78 ? 17  PRO A HB3  1 
ATOM   193  H  HG2  . PRO A 1 15 ? -2.057  -11.956 7.554   1.00 14.95 ? 17  PRO A HG2  1 
ATOM   194  H  HG3  . PRO A 1 15 ? -1.849  -11.930 5.970   1.00 14.95 ? 17  PRO A HG3  1 
ATOM   195  H  HD2  . PRO A 1 15 ? -1.963  -9.718  7.713   1.00 14.04 ? 17  PRO A HD2  1 
ATOM   196  H  HD3  . PRO A 1 15 ? -0.988  -9.915  6.453   1.00 14.04 ? 17  PRO A HD3  1 
ATOM   197  N  N    . GLY A 1 16 ? -6.254  -9.662  4.948   1.00 11.13 ? 18  GLY A N    1 
ATOM   198  C  CA   . GLY A 1 16 ? -7.566  -9.054  5.100   1.00 12.00 ? 18  GLY A CA   1 
ATOM   199  C  C    . GLY A 1 16 ? -7.670  -7.666  4.499   1.00 10.72 ? 18  GLY A C    1 
ATOM   200  O  O    . GLY A 1 16 ? -8.765  -7.117  4.423   1.00 11.17 ? 18  GLY A O    1 
ATOM   201  H  H    . GLY A 1 16 ? -6.138  -10.058 4.193   1.00 13.36 ? 18  GLY A H    1 
ATOM   202  H  HA2  . GLY A 1 16 ? -8.230  -9.618  4.676   1.00 14.40 ? 18  GLY A HA2  1 
ATOM   203  H  HA3  . GLY A 1 16 ? -7.779  -8.991  6.045   1.00 14.40 ? 18  GLY A HA3  1 
ATOM   204  N  N    . ALA A 1 17 ? -6.551  -7.089  4.067   1.00 9.71  ? 19  ALA A N    1 
ATOM   205  C  CA   . ALA A 1 17 ? -6.564  -5.741  3.490   1.00 9.36  ? 19  ALA A CA   1 
ATOM   206  C  C    . ALA A 1 17 ? -7.361  -5.647  2.183   1.00 11.17 ? 19  ALA A C    1 
ATOM   207  O  O    . ALA A 1 17 ? -7.297  -6.548  1.348   1.00 11.43 ? 19  ALA A O    1 
ATOM   208  C  CB   . ALA A 1 17 ? -5.151  -5.264  3.242   1.00 8.78  ? 19  ALA A CB   1 
ATOM   209  H  H    . ALA A 1 17 ? -5.773  -7.453  4.095   1.00 11.65 ? 19  ALA A H    1 
ATOM   210  H  HA   . ALA A 1 17 ? -6.973  -5.134  4.128   1.00 11.23 ? 19  ALA A HA   1 
ATOM   211  H  HB1  . ALA A 1 17 ? -5.181  -4.372  2.861   1.00 10.53 ? 19  ALA A HB1  1 
ATOM   212  H  HB2  . ALA A 1 17 ? -4.671  -5.248  4.085   1.00 10.53 ? 19  ALA A HB2  1 
ATOM   213  H  HB3  . ALA A 1 17 ? -4.716  -5.873  2.624   1.00 10.53 ? 19  ALA A HB3  1 
ATOM   214  N  N    . ARG A 1 18 ? -8.099  -4.550  2.012   1.00 9.99  ? 20  ARG A N    1 
ATOM   215  C  CA   . ARG A 1 18 ? -8.668  -4.202  0.722   1.00 10.29 ? 20  ARG A CA   1 
ATOM   216  C  C    . ARG A 1 18 ? -7.719  -3.217  0.056   1.00 9.35  ? 20  ARG A C    1 
ATOM   217  O  O    . ARG A 1 18 ? -7.278  -2.279  0.702   1.00 9.93  ? 20  ARG A O    1 
ATOM   218  C  CB   . ARG A 1 18 ? -10.067 -3.597  0.875   1.00 12.38 ? 20  ARG A CB   1 
ATOM   219  C  CG   . ARG A 1 18 ? -11.089 -4.554  1.502   1.00 15.18 ? 20  ARG A CG   1 
ATOM   220  C  CD   . ARG A 1 18 ? -12.526 -4.211  1.026   1.00 22.55 ? 20  ARG A CD   1 
ATOM   221  N  NE   . ARG A 1 18 ? -12.840 -2.794  1.197   1.00 22.86 ? 20  ARG A NE   1 
ATOM   222  C  CZ   . ARG A 1 18 ? -13.239 -2.232  2.343   1.00 24.40 ? 20  ARG A CZ   1 
ATOM   223  N  NH1  . ARG A 1 18 ? -13.335 -2.950  3.458   1.00 25.39 ? 20  ARG A NH1  1 
ATOM   224  N  NH2  . ARG A 1 18 ? -13.519 -0.932  2.390   1.00 23.78 ? 20  ARG A NH2  1 
ATOM   225  H  H    . ARG A 1 18 ? -8.283  -3.989  2.637   1.00 11.98 ? 20  ARG A H    1 
ATOM   226  H  HA   . ARG A 1 18 ? -8.731  -4.995  0.168   1.00 12.35 ? 20  ARG A HA   1 
ATOM   227  H  HB2  . ARG A 1 18 ? -10.008 -2.812  1.442   1.00 14.86 ? 20  ARG A HB2  1 
ATOM   228  H  HB3  . ARG A 1 18 ? -10.395 -3.344  -0.003  1.00 14.86 ? 20  ARG A HB3  1 
ATOM   229  H  HG2  . ARG A 1 18 ? -10.886 -5.464  1.234   1.00 18.22 ? 20  ARG A HG2  1 
ATOM   230  H  HG3  . ARG A 1 18 ? -11.059 -4.471  2.468   1.00 18.22 ? 20  ARG A HG3  1 
ATOM   231  H  HD2  . ARG A 1 18 ? -12.608 -4.428  0.084   1.00 27.07 ? 20  ARG A HD2  1 
ATOM   232  H  HD3  . ARG A 1 18 ? -13.164 -4.727  1.544   1.00 27.07 ? 20  ARG A HD3  1 
ATOM   233  H  HE   . ARG A 1 18 ? -12.761 -2.282  0.509   1.00 27.44 ? 20  ARG A HE   1 
ATOM   234  H  HH11 . ARG A 1 18 ? -13.160 -3.793  3.443   1.00 30.47 ? 20  ARG A HH11 1 
ATOM   235  H  HH12 . ARG A 1 18 ? -13.586 -2.576  4.190   1.00 30.47 ? 20  ARG A HH12 1 
ATOM   236  H  HH21 . ARG A 1 18 ? -13.453 -0.452  1.679   1.00 28.53 ? 20  ARG A HH21 1 
ATOM   237  H  HH22 . ARG A 1 18 ? -13.762 -0.572  3.131   1.00 28.53 ? 20  ARG A HH22 1 
ATOM   238  N  N    . VAL A 1 19 ? -7.387  -3.423  -1.213  1.00 6.72  ? 21  VAL A N    1 
ATOM   239  C  CA   . VAL A 1 19 ? -6.386  -2.567  -1.873  1.00 7.40  ? 21  VAL A CA   1 
ATOM   240  C  C    . VAL A 1 19 ? -6.934  -2.026  -3.181  1.00 9.86  ? 21  VAL A C    1 
ATOM   241  O  O    . VAL A 1 19 ? -7.540  -2.778  -3.955  1.00 10.98 ? 21  VAL A O    1 
ATOM   242  C  CB   . VAL A 1 19 ? -5.102  -3.340  -2.174  1.00 7.77  ? 21  VAL A CB   1 
ATOM   243  C  CG1  . VAL A 1 19 ? -4.077  -2.449  -2.843  1.00 9.07  ? 21  VAL A CG1  1 
ATOM   244  C  CG2  . VAL A 1 19 ? -4.542  -3.921  -0.914  1.00 8.45  ? 21  VAL A CG2  1 
ATOM   245  H  H    . VAL A 1 19 ? -7.715  -4.040  -1.713  1.00 8.06  ? 21  VAL A H    1 
ATOM   246  H  HA   . VAL A 1 19 ? -6.168  -1.819  -1.296  1.00 8.88  ? 21  VAL A HA   1 
ATOM   247  H  HB   . VAL A 1 19 ? -5.307  -4.070  -2.778  1.00 9.33  ? 21  VAL A HB   1 
ATOM   248  H  HG11 . VAL A 1 19 ? -3.277  -2.967  -3.019  1.00 10.89 ? 21  VAL A HG11 1 
ATOM   249  H  HG12 . VAL A 1 19 ? -4.446  -2.114  -3.675  1.00 10.89 ? 21  VAL A HG12 1 
ATOM   250  H  HG13 . VAL A 1 19 ? -3.869  -1.709  -2.251  1.00 10.89 ? 21  VAL A HG13 1 
ATOM   251  H  HG21 . VAL A 1 19 ? -3.729  -4.407  -1.125  1.00 10.14 ? 21  VAL A HG21 1 
ATOM   252  H  HG22 . VAL A 1 19 ? -4.346  -3.202  -0.294  1.00 10.14 ? 21  VAL A HG22 1 
ATOM   253  H  HG23 . VAL A 1 19 ? -5.196  -4.524  -0.526  1.00 10.14 ? 21  VAL A HG23 1 
ATOM   254  N  N    . THR A 1 20 ? -6.723  -0.732  -3.420  1.00 8.57  ? 22  THR A N    1 
ATOM   255  C  CA   . THR A 1 20 ? -7.073  -0.108  -4.678  1.00 9.54  ? 22  THR A CA   1 
ATOM   256  C  C    . THR A 1 20 ? -5.817  0.566   -5.222  1.00 9.73  ? 22  THR A C    1 
ATOM   257  O  O    . THR A 1 20 ? -5.341  1.506   -4.635  1.00 10.66 ? 22  THR A O    1 
ATOM   258  C  CB   . THR A 1 20 ? -8.214  0.923   -4.507  1.00 11.18 ? 22  THR A CB   1 
ATOM   259  O  OG1  . THR A 1 20 ? -9.399  0.273   -4.030  1.00 11.99 ? 22  THR A OG1  1 
ATOM   260  C  CG2  . THR A 1 20 ? -8.541  1.552   -5.815  1.00 12.08 ? 22  THR A CG2  1 
ATOM   261  H  H    . THR A 1 20 ? -6.370  -0.190  -2.853  1.00 10.29 ? 22  THR A H    1 
ATOM   262  H  HA   . THR A 1 20 ? -7.361  -0.786  -5.309  1.00 11.45 ? 22  THR A HA   1 
ATOM   263  H  HB   . THR A 1 20 ? -7.944  1.616   -3.884  1.00 13.41 ? 22  THR A HB   1 
ATOM   264  H  HG1  . THR A 1 20 ? -9.249  -0.091  -3.288  1.00 14.39 ? 22  THR A HG1  1 
ATOM   265  H  HG21 . THR A 1 20 ? -9.257  2.198   -5.703  1.00 14.49 ? 22  THR A HG21 1 
ATOM   266  H  HG22 . THR A 1 20 ? -7.760  2.006   -6.170  1.00 14.49 ? 22  THR A HG22 1 
ATOM   267  H  HG23 . THR A 1 20 ? -8.826  0.874   -6.447  1.00 14.49 ? 22  THR A HG23 1 
ATOM   268  N  N    . ILE A 1 21 ? -5.269  0.075   -6.327  1.00 8.83  ? 23  ILE A N    1 
ATOM   269  C  CA   . ILE A 1 21 ? -4.014  0.626   -6.871  1.00 8.94  ? 23  ILE A CA   1 
ATOM   270  C  C    . ILE A 1 21 ? -4.292  1.345   -8.162  1.00 8.05  ? 23  ILE A C    1 
ATOM   271  O  O    . ILE A 1 21 ? -4.904  0.761   -9.048  1.00 7.12  ? 23  ILE A O    1 
ATOM   272  C  CB   . ILE A 1 21 ? -2.934  -0.460  -7.204  1.00 26.77 ? 23  ILE A CB   1 
ATOM   273  C  CG1  . ILE A 1 21 ? -2.622  -1.365  -6.020  1.00 27.42 ? 23  ILE A CG1  1 
ATOM   274  C  CG2  . ILE A 1 21 ? -1.621  0.213   -7.689  1.00 22.67 ? 23  ILE A CG2  1 
ATOM   275  C  CD1  . ILE A 1 21 ? -2.282  -0.603  -4.781  1.00 27.47 ? 23  ILE A CD1  1 
ATOM   276  H  H    . ILE A 1 21 ? -5.595  -0.576  -6.785  1.00 10.59 ? 23  ILE A H    1 
ATOM   277  H  HA   . ILE A 1 21 ? -3.636  1.257   -6.239  1.00 10.73 ? 23  ILE A HA   1 
ATOM   278  H  HB   . ILE A 1 21 ? -3.275  -1.012  -7.925  1.00 32.13 ? 23  ILE A HB   1 
ATOM   279  H  HG12 . ILE A 1 21 ? -3.397  -1.916  -5.830  1.00 32.91 ? 23  ILE A HG12 1 
ATOM   280  H  HG13 . ILE A 1 21 ? -1.863  -1.926  -6.245  1.00 32.91 ? 23  ILE A HG13 1 
ATOM   281  H  HG21 . ILE A 1 21 ? -0.969  -0.477  -7.888  1.00 27.20 ? 23  ILE A HG21 1 
ATOM   282  H  HG22 . ILE A 1 21 ? -1.808  0.732   -8.486  1.00 27.20 ? 23  ILE A HG22 1 
ATOM   283  H  HG23 . ILE A 1 21 ? -1.285  0.791   -6.987  1.00 27.20 ? 23  ILE A HG23 1 
ATOM   284  H  HD11 . ILE A 1 21 ? -2.094  -1.231  -4.067  1.00 32.97 ? 23  ILE A HD11 1 
ATOM   285  H  HD12 . ILE A 1 21 ? -1.502  -0.053  -4.953  1.00 32.97 ? 23  ILE A HD12 1 
ATOM   286  H  HD13 . ILE A 1 21 ? -3.036  -0.042  -4.540  1.00 32.97 ? 23  ILE A HD13 1 
ATOM   287  N  N    . ARG A 1 22 ? -3.753  2.551   -8.313  1.00 8.67  ? 24  ARG A N    1 
ATOM   288  C  CA   . ARG A 1 22 ? -3.789  3.209   -9.608  1.00 10.24 ? 24  ARG A CA   1 
ATOM   289  C  C    . ARG A 1 22 ? -2.392  3.693   -10.011 1.00 10.35 ? 24  ARG A C    1 
ATOM   290  O  O    . ARG A 1 22 ? -1.611  4.193   -9.195  1.00 10.08 ? 24  ARG A O    1 
ATOM   291  C  CB   . ARG A 1 22 ? -4.820  4.350   -9.630  1.00 14.02 ? 24  ARG A CB   1 
ATOM   292  C  CG   . ARG A 1 22 ? -4.369  5.679   -9.131  1.00 15.75 ? 24  ARG A CG   1 
ATOM   293  C  CD   . ARG A 1 22 ? -5.534  6.730   -9.188  1.00 20.74 ? 24  ARG A CD   1 
ATOM   294  N  NE   . ARG A 1 22 ? -5.161  7.995   -8.539  1.00 19.82 ? 24  ARG A NE   1 
ATOM   295  C  CZ   . ARG A 1 22 ? -4.751  9.095   -9.176  1.00 19.81 ? 24  ARG A CZ   1 
ATOM   296  N  NH1  . ARG A 1 22 ? -4.681  9.140   -10.498 1.00 18.82 ? 24  ARG A NH1  1 
ATOM   297  N  NH2  . ARG A 1 22 ? -4.425  10.176  -8.476  1.00 20.91 ? 24  ARG A NH2  1 
ATOM   298  H  H    . ARG A 1 22 ? -3.366  3.001   -7.691  1.00 10.40 ? 24  ARG A H    1 
ATOM   299  H  HA   . ARG A 1 22 ? -4.069  2.558   -10.270 1.00 12.29 ? 24  ARG A HA   1 
ATOM   300  H  HB2  . ARG A 1 22 ? -5.113  4.473   -10.547 1.00 16.83 ? 24  ARG A HB2  1 
ATOM   301  H  HB3  . ARG A 1 22 ? -5.578  4.083   -9.086  1.00 16.83 ? 24  ARG A HB3  1 
ATOM   302  H  HG2  . ARG A 1 22 ? -4.078  5.595   -8.210  1.00 18.90 ? 24  ARG A HG2  1 
ATOM   303  H  HG3  . ARG A 1 22 ? -3.641  6.000   -9.686  1.00 18.90 ? 24  ARG A HG3  1 
ATOM   304  H  HD2  . ARG A 1 22 ? -5.749  6.917   -10.115 1.00 24.89 ? 24  ARG A HD2  1 
ATOM   305  H  HD3  . ARG A 1 22 ? -6.309  6.372   -8.729  1.00 24.89 ? 24  ARG A HD3  1 
ATOM   306  H  HE   . ARG A 1 22 ? -5.211  8.030   -7.681  1.00 23.79 ? 24  ARG A HE   1 
ATOM   307  H  HH11 . ARG A 1 22 ? -4.886  8.447   -10.964 1.00 22.59 ? 24  ARG A HH11 1 
ATOM   308  H  HH12 . ARG A 1 22 ? -4.421  9.860   -10.890 1.00 22.59 ? 24  ARG A HH12 1 
ATOM   309  H  HH21 . ARG A 1 22 ? -4.473  10.164  -7.617  1.00 25.10 ? 24  ARG A HH21 1 
ATOM   310  H  HH22 . ARG A 1 22 ? -4.171  10.891  -8.882  1.00 25.10 ? 24  ARG A HH22 1 
ATOM   311  N  N    . ASP A 1 23 ? -2.088  3.485   -11.288 1.00 10.08 ? 25  ASP A N    1 
ATOM   312  C  CA   . ASP A 1 23 ? -0.810  3.869   -11.876 1.00 10.56 ? 25  ASP A CA   1 
ATOM   313  C  C    . ASP A 1 23 ? -0.847  5.309   -12.322 1.00 10.06 ? 25  ASP A C    1 
ATOM   314  O  O    . ASP A 1 23 ? -1.440  5.629   -13.366 1.00 11.26 ? 25  ASP A O    1 
ATOM   315  C  CB   . ASP A 1 23 ? -0.503  2.970   -13.066 1.00 11.50 ? 25  ASP A CB   1 
ATOM   316  C  CG   . ASP A 1 23 ? 0.885   3.214   -13.658 1.00 12.10 ? 25  ASP A CG   1 
ATOM   317  O  OD1  . ASP A 1 23 ? 1.577   4.192   -13.284 1.00 10.40 ? 25  ASP A OD1  1 
ATOM   318  O  OD2  . ASP A 1 23 ? 1.289   2.403   -14.516 1.00 13.55 ? 25  ASP A OD2  1 
ATOM   319  H  H    . ASP A 1 23 ? -2.622  3.112   -11.849 1.00 12.10 ? 25  ASP A H    1 
ATOM   320  H  HA   . ASP A 1 23 ? -0.104  3.765   -11.218 1.00 12.67 ? 25  ASP A HA   1 
ATOM   321  H  HB2  . ASP A 1 23 ? -0.547  2.044   -12.782 1.00 13.79 ? 25  ASP A HB2  1 
ATOM   322  H  HB3  . ASP A 1 23 ? -1.158  3.134   -13.762 1.00 13.79 ? 25  ASP A HB3  1 
ATOM   323  N  N    . LEU A 1 24 ? -0.225  6.179   -11.544 1.00 7.80  ? 26  LEU A N    1 
ATOM   324  C  CA   . LEU A 1 24 ? -0.145  7.570   -11.910 1.00 8.37  ? 26  LEU A CA   1 
ATOM   325  C  C    . LEU A 1 24 ? 0.507   7.732   -13.287 1.00 10.68 ? 26  LEU A C    1 
ATOM   326  O  O    . LEU A 1 24 ? 1.546   7.132   -13.564 1.00 12.39 ? 26  LEU A O    1 
ATOM   327  C  CB   . LEU A 1 24 ? 0.642   8.342   -10.861 1.00 8.62  ? 26  LEU A CB   1 
ATOM   328  C  CG   . LEU A 1 24 ? 0.084   8.185   -9.457  1.00 9.77  ? 26  LEU A CG   1 
ATOM   329  C  CD1  . LEU A 1 24 ? 0.920   9.013   -8.467  1.00 11.64 ? 26  LEU A CD1  1 
ATOM   330  C  CD2  . LEU A 1 24 ? -1.378  8.600   -9.416  1.00 10.62 ? 26  LEU A CD2  1 
ATOM   331  H  H    . LEU A 1 24 ? 0.157   5.984   -10.799 1.00 9.36  ? 26  LEU A H    1 
ATOM   332  H  HA   . LEU A 1 24 ? -1.040  7.941   -11.953 1.00 10.05 ? 26  LEU A HA   1 
ATOM   333  H  HB2  . LEU A 1 24 ? 1.558   8.021   -10.855 1.00 10.34 ? 26  LEU A HB2  1 
ATOM   334  H  HB3  . LEU A 1 24 ? 0.624   9.285   -11.085 1.00 10.34 ? 26  LEU A HB3  1 
ATOM   335  H  HG   . LEU A 1 24 ? 0.141   7.253   -9.195  1.00 11.73 ? 26  LEU A HG   1 
ATOM   336  H  HD11 . LEU A 1 24 ? 0.553   8.903   -7.576  1.00 13.97 ? 26  LEU A HD11 1 
ATOM   337  H  HD12 . LEU A 1 24 ? 1.838   8.699   -8.489  1.00 13.97 ? 26  LEU A HD12 1 
ATOM   338  H  HD13 . LEU A 1 24 ? 0.885   9.947   -8.728  1.00 13.97 ? 26  LEU A HD13 1 
ATOM   339  H  HD21 . LEU A 1 24 ? -1.711  8.491   -8.512  1.00 12.74 ? 26  LEU A HD21 1 
ATOM   340  H  HD22 . LEU A 1 24 ? -1.450  9.529   -9.685  1.00 12.74 ? 26  LEU A HD22 1 
ATOM   341  H  HD23 . LEU A 1 24 ? -1.883  8.039   -10.024 1.00 12.74 ? 26  LEU A HD23 1 
ATOM   342  N  N    . ALA A 1 25 ? -0.125  8.542   -14.143 1.00 10.45 ? 27  ALA A N    1 
ATOM   343  C  CA   . ALA A 1 25 ? 0.350   8.835   -15.495 1.00 10.43 ? 27  ALA A CA   1 
ATOM   344  C  C    . ALA A 1 25 ? 0.360   7.585   -16.379 1.00 12.26 ? 27  ALA A C    1 
ATOM   345  O  O    . ALA A 1 25 ? 0.825   7.622   -17.526 1.00 12.75 ? 27  ALA A O    1 
ATOM   346  C  CB   . ALA A 1 25 ? 1.745   9.474   -15.450 1.00 9.65  ? 27  ALA A CB   1 
ATOM   347  H  H    . ALA A 1 25 ? -0.860  8.946   -13.952 1.00 12.54 ? 27  ALA A H    1 
ATOM   348  H  HA   . ALA A 1 25 ? -0.253  9.475   -15.904 1.00 12.51 ? 27  ALA A HA   1 
ATOM   349  H  HB1  . ALA A 1 25 ? 2.036   9.659   -16.357 1.00 11.58 ? 27  ALA A HB1  1 
ATOM   350  H  HB2  . ALA A 1 25 ? 1.696   10.301  -14.945 1.00 11.58 ? 27  ALA A HB2  1 
ATOM   351  H  HB3  . ALA A 1 25 ? 2.360   8.860   -15.022 1.00 11.58 ? 27  ALA A HB3  1 
ATOM   352  N  N    . GLY A 1 26 ? -0.192  6.487   -15.872 1.00 11.22 ? 28  GLY A N    1 
ATOM   353  C  CA   . GLY A 1 26 ? -0.049  5.212   -16.547 1.00 12.14 ? 28  GLY A CA   1 
ATOM   354  C  C    . GLY A 1 26 ? 1.401   4.915   -16.911 1.00 12.83 ? 28  GLY A C    1 
ATOM   355  O  O    . GLY A 1 26 ? 1.659   4.313   -17.957 1.00 13.42 ? 28  GLY A O    1 
ATOM   356  H  H    . GLY A 1 26 ? -0.649  6.458   -15.143 1.00 13.47 ? 28  GLY A H    1 
ATOM   357  H  HA2  . GLY A 1 26 ? -0.374  4.502   -15.972 1.00 14.57 ? 28  GLY A HA2  1 
ATOM   358  H  HA3  . GLY A 1 26 ? -0.576  5.215   -17.361 1.00 14.57 ? 28  GLY A HA3  1 
ATOM   359  N  N    . ASP A 1 27 ? 2.342   5.322   -16.055 1.00 12.46 ? 29  ASP A N    1 
ATOM   360  C  CA   . ASP A 1 27 ? 3.775   5.280   -16.409 1.00 10.34 ? 29  ASP A CA   1 
ATOM   361  C  C    . ASP A 1 27 ? 4.542   4.046   -15.921 1.00 11.16 ? 29  ASP A C    1 
ATOM   362  O  O    . ASP A 1 27 ? 5.731   3.888   -16.222 1.00 11.23 ? 29  ASP A O    1 
ATOM   363  C  CB   . ASP A 1 27 ? 4.476   6.540   -15.900 1.00 9.51  ? 29  ASP A CB   1 
ATOM   364  C  CG   . ASP A 1 27 ? 4.439   6.692   -14.382 1.00 10.47 ? 29  ASP A CG   1 
ATOM   365  O  OD1  . ASP A 1 27 ? 4.192   5.669   -13.672 1.00 10.50 ? 29  ASP A OD1  1 
ATOM   366  O  OD2  . ASP A 1 27 ? 4.698   7.842   -13.906 1.00 8.61  ? 29  ASP A OD2  1 
ATOM   367  H  H    . ASP A 1 27 ? 2.184   5.624   -15.266 1.00 14.95 ? 29  ASP A H    1 
ATOM   368  H  HA   . ASP A 1 27 ? 3.842   5.289   -17.377 1.00 12.40 ? 29  ASP A HA   1 
ATOM   369  H  HB2  . ASP A 1 27 ? 5.406   6.513   -16.173 1.00 11.42 ? 29  ASP A HB2  1 
ATOM   370  H  HB3  . ASP A 1 27 ? 4.042   7.317   -16.286 1.00 11.42 ? 29  ASP A HB3  1 
ATOM   371  N  N    . GLY A 1 28 ? 3.871   3.161   -15.203 1.00 10.39 ? 30  GLY A N    1 
ATOM   372  C  CA   . GLY A 1 28 ? 4.480   1.924   -14.773 1.00 11.22 ? 30  GLY A CA   1 
ATOM   373  C  C    . GLY A 1 28 ? 5.589   2.141   -13.756 1.00 12.59 ? 30  GLY A C    1 
ATOM   374  O  O    . GLY A 1 28 ? 6.443   1.259   -13.559 1.00 12.00 ? 30  GLY A O    1 
ATOM   375  H  H    . GLY A 1 28 ? 3.055   3.258   -14.951 1.00 12.47 ? 30  GLY A H    1 
ATOM   376  H  HA2  . GLY A 1 28 ? 3.805   1.354   -14.373 1.00 13.47 ? 30  GLY A HA2  1 
ATOM   377  H  HA3  . GLY A 1 28 ? 4.854   1.465   -15.540 1.00 13.47 ? 30  GLY A HA3  1 
ATOM   378  N  N    . ASP A 1 29 ? 5.568   3.311   -13.111 1.00 11.00 ? 31  ASP A N    1 
ATOM   379  C  CA   . ASP A 1 29 ? 6.634   3.757   -12.223 1.00 11.02 ? 31  ASP A CA   1 
ATOM   380  C  C    . ASP A 1 29 ? 6.062   4.284   -10.900 1.00 10.25 ? 31  ASP A C    1 
ATOM   381  O  O    . ASP A 1 29 ? 6.353   3.753   -9.825  1.00 9.56  ? 31  ASP A O    1 
ATOM   382  C  CB   . ASP A 1 29 ? 7.439   4.838   -12.940 1.00 12.06 ? 31  ASP A CB   1 
ATOM   383  C  CG   . ASP A 1 29 ? 8.661   5.309   -12.162 1.00 12.93 ? 31  ASP A CG   1 
ATOM   384  O  OD1  . ASP A 1 29 ? 9.085   4.667   -11.167 1.00 12.34 ? 31  ASP A OD1  1 
ATOM   385  O  OD2  . ASP A 1 29 ? 9.185   6.372   -12.561 1.00 13.40 ? 31  ASP A OD2  1 
ATOM   386  H  H    . ASP A 1 29 ? 4.925   3.879   -13.179 1.00 13.20 ? 31  ASP A H    1 
ATOM   387  H  HA   . ASP A 1 29 ? 7.225   3.013   -12.028 1.00 13.23 ? 31  ASP A HA   1 
ATOM   388  H  HB2  . ASP A 1 29 ? 7.746   4.488   -13.791 1.00 14.47 ? 31  ASP A HB2  1 
ATOM   389  H  HB3  . ASP A 1 29 ? 6.868   5.609   -13.089 1.00 14.47 ? 31  ASP A HB3  1 
ATOM   390  N  N    . HIS A 1 30 ? 5.227   5.318   -10.990 1.00 8.95  ? 32  HIS A N    1 
ATOM   391  C  CA   . HIS A 1 30 ? 4.664   5.950   -9.807  1.00 8.76  ? 32  HIS A CA   1 
ATOM   392  C  C    . HIS A 1 30 ? 3.203   5.551   -9.686  1.00 7.56  ? 32  HIS A C    1 
ATOM   393  O  O    . HIS A 1 30 ? 2.455   5.511   -10.696 1.00 6.22  ? 32  HIS A O    1 
ATOM   394  C  CB   . HIS A 1 30 ? 4.815   7.475   -9.876  1.00 8.59  ? 32  HIS A CB   1 
ATOM   395  C  CG   . HIS A 1 30 ? 6.223   7.945   -9.757  1.00 8.47  ? 32  HIS A CG   1 
ATOM   396  N  ND1  . HIS A 1 30 ? 6.581   9.275   -9.856  1.00 9.28  ? 32  HIS A ND1  1 
ATOM   397  C  CD2  . HIS A 1 30 ? 7.378   7.261   -9.554  1.00 8.70  ? 32  HIS A CD2  1 
ATOM   398  C  CE1  . HIS A 1 30 ? 7.891   9.386   -9.736  1.00 8.63  ? 32  HIS A CE1  1 
ATOM   399  N  NE2  . HIS A 1 30 ? 8.392   8.181   -9.534  1.00 7.89  ? 32  HIS A NE2  1 
ATOM   400  H  H    . HIS A 1 30 ? 4.971   5.671   -11.731 1.00 10.74 ? 32  HIS A H    1 
ATOM   401  H  HA   . HIS A 1 30 ? 5.134   5.632   -9.020  1.00 10.52 ? 32  HIS A HA   1 
ATOM   402  H  HB2  . HIS A 1 30 ? 4.469   7.785   -10.727 1.00 10.30 ? 32  HIS A HB2  1 
ATOM   403  H  HB3  . HIS A 1 30 ? 4.307   7.872   -9.150  1.00 10.30 ? 32  HIS A HB3  1 
ATOM   404  H  HD1  . HIS A 1 30 ? 6.038   9.927   -9.996  1.00 11.13 ? 32  HIS A HD1  1 
ATOM   405  H  HD2  . HIS A 1 30 ? 7.463   6.342   -9.445  1.00 10.44 ? 32  HIS A HD2  1 
ATOM   406  H  HE1  . HIS A 1 30 ? 8.375   10.180  -9.758  1.00 10.35 ? 32  HIS A HE1  1 
ATOM   407  N  N    . TYR A 1 31 ? 2.823   5.242   -8.451  1.00 7.66  ? 33  TYR A N    1 
ATOM   408  C  CA   . TYR A 1 31 ? 1.501   4.698   -8.135  1.00 8.49  ? 33  TYR A CA   1 
ATOM   409  C  C    . TYR A 1 31 ? 0.869   5.391   -6.934  1.00 7.53  ? 33  TYR A C    1 
ATOM   410  O  O    . TYR A 1 31 ? 1.547   6.028   -6.112  1.00 7.12  ? 33  TYR A O    1 
ATOM   411  C  CB   . TYR A 1 31 ? 1.595   3.202   -7.844  1.00 9.96  ? 33  TYR A CB   1 
ATOM   412  C  CG   . TYR A 1 31 ? 2.101   2.345   -8.987  1.00 10.33 ? 33  TYR A CG   1 
ATOM   413  C  CD1  . TYR A 1 31 ? 3.463   2.215   -9.234  1.00 11.91 ? 33  TYR A CD1  1 
ATOM   414  C  CD2  . TYR A 1 31 ? 1.217   1.650   -9.809  1.00 11.22 ? 33  TYR A CD2  1 
ATOM   415  C  CE1  . TYR A 1 31 ? 3.930   1.422   -10.264 1.00 11.75 ? 33  TYR A CE1  1 
ATOM   416  C  CE2  . TYR A 1 31 ? 1.681   0.840   -10.851 1.00 11.76 ? 33  TYR A CE2  1 
ATOM   417  C  CZ   . TYR A 1 31 ? 3.033   0.740   -11.067 1.00 12.66 ? 33  TYR A CZ   1 
ATOM   418  O  OH   . TYR A 1 31 ? 3.503   -0.031  -12.094 1.00 13.45 ? 33  TYR A OH   1 
ATOM   419  H  H    . TYR A 1 31 ? 3.324   5.341   -7.760  1.00 9.20  ? 33  TYR A H    1 
ATOM   420  H  HA   . TYR A 1 31 ? 0.915   4.821   -8.899  1.00 10.19 ? 33  TYR A HA   1 
ATOM   421  H  HB2  . TYR A 1 31 ? 2.197   3.072   -7.094  1.00 11.95 ? 33  TYR A HB2  1 
ATOM   422  H  HB3  . TYR A 1 31 ? 0.711   2.879   -7.608  1.00 11.95 ? 33  TYR A HB3  1 
ATOM   423  H  HD1  . TYR A 1 31 ? 4.071   2.668   -8.695  1.00 14.29 ? 33  TYR A HD1  1 
ATOM   424  H  HD2  . TYR A 1 31 ? 0.301   1.717   -9.657  1.00 13.47 ? 33  TYR A HD2  1 
ATOM   425  H  HE1  . TYR A 1 31 ? 4.844   1.349   -10.420 1.00 14.10 ? 33  TYR A HE1  1 
ATOM   426  H  HE2  . TYR A 1 31 ? 1.082   0.385   -11.398 1.00 14.11 ? 33  TYR A HE2  1 
ATOM   427  H  HH   . TYR A 1 31 ? 2.862   -0.390  -12.502 1.00 16.14 ? 33  TYR A HH   1 
ATOM   428  N  N    . ALA A 1 32 ? -0.447  5.286   -6.850  1.00 7.64  ? 34  ALA A N    1 
ATOM   429  C  CA   . ALA A 1 32 ? -1.147  5.633   -5.643  1.00 8.85  ? 34  ALA A CA   1 
ATOM   430  C  C    . ALA A 1 32 ? -1.946  4.426   -5.177  1.00 12.03 ? 34  ALA A C    1 
ATOM   431  O  O    . ALA A 1 32 ? -2.516  3.688   -5.992  1.00 13.22 ? 34  ALA A O    1 
ATOM   432  C  CB   . ALA A 1 32 ? -2.025  6.801   -5.879  1.00 9.63  ? 34  ALA A CB   1 
ATOM   433  H  H    . ALA A 1 32 ? -0.956  5.014   -7.487  1.00 9.17  ? 34  ALA A H    1 
ATOM   434  H  HA   . ALA A 1 32 ? -0.507  5.864   -4.952  1.00 10.62 ? 34  ALA A HA   1 
ATOM   435  H  HB1  . ALA A 1 32 ? -1.480  7.552   -6.163  1.00 11.56 ? 34  ALA A HB1  1 
ATOM   436  H  HB2  . ALA A 1 32 ? -2.666  6.578   -6.571  1.00 11.56 ? 34  ALA A HB2  1 
ATOM   437  H  HB3  . ALA A 1 32 ? -2.488  7.020   -5.056  1.00 11.56 ? 34  ALA A HB3  1 
ATOM   438  N  N    . ALA A 1 33 ? -1.984  4.212   -3.863  1.00 11.59 ? 35  ALA A N    1 
ATOM   439  C  CA   . ALA A 1 33 ? -2.685  3.061   -3.308  1.00 10.34 ? 35  ALA A CA   1 
ATOM   440  C  C    . ALA A 1 33 ? -3.587  3.481   -2.158  1.00 11.16 ? 35  ALA A C    1 
ATOM   441  O  O    . ALA A 1 33 ? -3.155  4.236   -1.278  1.00 10.16 ? 35  ALA A O    1 
ATOM   442  C  CB   . ALA A 1 33 ? -1.699  2.044   -2.845  1.00 9.70  ? 35  ALA A CB   1 
ATOM   443  H  H    . ALA A 1 33 ? -1.613  4.718   -3.275  1.00 13.90 ? 35  ALA A H    1 
ATOM   444  H  HA   . ALA A 1 33 ? -3.236  2.658   -3.997  1.00 12.41 ? 35  ALA A HA   1 
ATOM   445  H  HB1  . ALA A 1 33 ? -2.177  1.284   -2.479  1.00 11.64 ? 35  ALA A HB1  1 
ATOM   446  H  HB2  . ALA A 1 33 ? -1.158  1.762   -3.600  1.00 11.64 ? 35  ALA A HB2  1 
ATOM   447  H  HB3  . ALA A 1 33 ? -1.134  2.441   -2.163  1.00 11.64 ? 35  ALA A HB3  1 
ATOM   448  N  N    . GLU A 1 34 ? -4.832  3.008   -2.187  1.00 11.64 ? 36  GLU A N    1 
ATOM   449  C  CA   . GLU A 1 34 ? -5.691  3.028   -1.011  1.00 11.44 ? 36  GLU A CA   1 
ATOM   450  C  C    . GLU A 1 34 ? -5.704  1.628   -0.377  1.00 9.97  ? 36  GLU A C    1 
ATOM   451  O  O    . GLU A 1 34 ? -5.939  0.627   -1.070  1.00 8.59  ? 36  GLU A O    1 
ATOM   452  C  CB   . GLU A 1 34 ? -7.111  3.477   -1.353  1.00 17.00 ? 36  GLU A CB   1 
ATOM   453  C  CG   . GLU A 1 34 ? -7.985  3.454   -0.126  1.00 23.41 ? 36  GLU A CG   1 
ATOM   454  C  CD   . GLU A 1 34 ? -9.375  3.971   -0.352  1.00 29.66 ? 36  GLU A CD   1 
ATOM   455  O  OE1  . GLU A 1 34 ? -9.735  4.218   -1.532  1.00 32.13 ? 36  GLU A OE1  1 
ATOM   456  O  OE2  . GLU A 1 34 ? -10.088 4.143   0.666   1.00 30.87 ? 36  GLU A OE2  1 
ATOM   457  H  H    . GLU A 1 34 ? -5.204  2.669   -2.884  1.00 13.96 ? 36  GLU A H    1 
ATOM   458  H  HA   . GLU A 1 34 ? -5.326  3.650   -0.362  1.00 13.72 ? 36  GLU A HA   1 
ATOM   459  H  HB2  . GLU A 1 34 ? -7.089  4.383   -1.698  1.00 20.40 ? 36  GLU A HB2  1 
ATOM   460  H  HB3  . GLU A 1 34 ? -7.491  2.874   -2.011  1.00 20.40 ? 36  GLU A HB3  1 
ATOM   461  H  HG2  . GLU A 1 34 ? -8.057  2.539   0.188   1.00 28.09 ? 36  GLU A HG2  1 
ATOM   462  H  HG3  . GLU A 1 34 ? -7.573  4.004   0.559   1.00 28.09 ? 36  GLU A HG3  1 
ATOM   463  N  N    . VAL A 1 35 ? -5.411  1.548   0.926   1.00 9.33  ? 37  VAL A N    1 
ATOM   464  C  CA   . VAL A 1 35 ? -5.388  0.264   1.644   1.00 9.56  ? 37  VAL A CA   1 
ATOM   465  C  C    . VAL A 1 35 ? -6.274  0.385   2.862   1.00 8.82  ? 37  VAL A C    1 
ATOM   466  O  O    . VAL A 1 35 ? -6.076  1.284   3.677   1.00 8.45  ? 37  VAL A O    1 
ATOM   467  C  CB   . VAL A 1 35 ? -3.969  -0.137  2.107   1.00 9.59  ? 37  VAL A CB   1 
ATOM   468  C  CG1  . VAL A 1 35 ? -3.988  -1.530  2.724   1.00 9.01  ? 37  VAL A CG1  1 
ATOM   469  C  CG2  . VAL A 1 35 ? -2.977  -0.062  0.940   1.00 9.76  ? 37  VAL A CG2  1 
ATOM   470  H  H    . VAL A 1 35 ? -5.220  2.226   1.419   1.00 11.19 ? 37  VAL A H    1 
ATOM   471  H  HA   . VAL A 1 35 ? -5.739  -0.438  1.073   1.00 11.47 ? 37  VAL A HA   1 
ATOM   472  H  HB   . VAL A 1 35 ? -3.673  0.487   2.789   1.00 11.51 ? 37  VAL A HB   1 
ATOM   473  H  HG11 . VAL A 1 35 ? -3.090  -1.762  3.008   1.00 10.82 ? 37  VAL A HG11 1 
ATOM   474  H  HG12 . VAL A 1 35 ? -4.586  -1.529  3.487   1.00 10.82 ? 37  VAL A HG12 1 
ATOM   475  H  HG13 . VAL A 1 35 ? -4.300  -2.164  2.060   1.00 10.82 ? 37  VAL A HG13 1 
ATOM   476  H  HG21 . VAL A 1 35 ? -2.096  -0.318  1.257   1.00 11.71 ? 37  VAL A HG21 1 
ATOM   477  H  HG22 . VAL A 1 35 ? -3.266  -0.670  0.241   1.00 11.71 ? 37  VAL A HG22 1 
ATOM   478  H  HG23 . VAL A 1 35 ? -2.957  0.846   0.601   1.00 11.71 ? 37  VAL A HG23 1 
ATOM   479  N  N    . VAL A 1 36 ? -7.255  -0.497  2.970   1.00 8.44  ? 38  VAL A N    1 
ATOM   480  C  CA   . VAL A 1 36 ? -8.163  -0.500  4.094   1.00 9.21  ? 38  VAL A CA   1 
ATOM   481  C  C    . VAL A 1 36 ? -7.970  -1.822  4.831   1.00 8.05  ? 38  VAL A C    1 
ATOM   482  O  O    . VAL A 1 36 ? -8.053  -2.906  4.236   1.00 7.65  ? 38  VAL A O    1 
ATOM   483  C  CB   . VAL A 1 36 ? -9.618  -0.319  3.636   1.00 10.12 ? 38  VAL A CB   1 
ATOM   484  C  CG1  . VAL A 1 36 ? -10.585 -0.283  4.816   1.00 9.85  ? 38  VAL A CG1  1 
ATOM   485  C  CG2  . VAL A 1 36 ? -9.734  0.947   2.806   1.00 11.28 ? 38  VAL A CG2  1 
ATOM   486  H  H    . VAL A 1 36 ? -7.415  -1.115  2.392   1.00 10.13 ? 38  VAL A H    1 
ATOM   487  H  HA   . VAL A 1 36 ? -7.936  0.226   4.696   1.00 11.05 ? 38  VAL A HA   1 
ATOM   488  H  HB   . VAL A 1 36 ? -9.864  -1.070  3.073   1.00 12.15 ? 38  VAL A HB   1 
ATOM   489  H  HG11 . VAL A 1 36 ? -11.489 -0.169  4.481   1.00 11.82 ? 38  VAL A HG11 1 
ATOM   490  H  HG12 . VAL A 1 36 ? -10.518 -1.118  5.306   1.00 11.82 ? 38  VAL A HG12 1 
ATOM   491  H  HG13 . VAL A 1 36 ? -10.351 0.460   5.394   1.00 11.82 ? 38  VAL A HG13 1 
ATOM   492  H  HG21 . VAL A 1 36 ? -10.655 1.054   2.521   1.00 13.54 ? 38  VAL A HG21 1 
ATOM   493  H  HG22 . VAL A 1 36 ? -9.465  1.705   3.348   1.00 13.54 ? 38  VAL A HG22 1 
ATOM   494  H  HG23 . VAL A 1 36 ? -9.154  0.870   2.032   1.00 13.54 ? 38  VAL A HG23 1 
ATOM   495  N  N    . ALA A 1 37 ? -7.702  -1.735  6.123   1.00 6.07  ? 39  ALA A N    1 
ATOM   496  C  CA   . ALA A 1 37 ? -7.400  -2.934  6.901   1.00 6.25  ? 39  ALA A CA   1 
ATOM   497  C  C    . ALA A 1 37 ? -7.771  -2.751  8.366   1.00 7.45  ? 39  ALA A C    1 
ATOM   498  O  O    . ALA A 1 37 ? -7.518  -1.690  8.944   1.00 6.93  ? 39  ALA A O    1 
ATOM   499  C  CB   . ALA A 1 37 ? -5.928  -3.278  6.774   1.00 6.26  ? 39  ALA A CB   1 
ATOM   500  H  H    . ALA A 1 37 ? -7.687  -1.004  6.575   1.00 7.28  ? 39  ALA A H    1 
ATOM   501  H  HA   . ALA A 1 37 ? -7.915  -3.678  6.551   1.00 7.50  ? 39  ALA A HA   1 
ATOM   502  H  HB1  . ALA A 1 37 ? -5.745  -4.075  7.296   1.00 7.51  ? 39  ALA A HB1  1 
ATOM   503  H  HB2  . ALA A 1 37 ? -5.721  -3.438  5.841   1.00 7.51  ? 39  ALA A HB2  1 
ATOM   504  H  HB3  . ALA A 1 37 ? -5.401  -2.535  7.109   1.00 7.51  ? 39  ALA A HB3  1 
ATOM   505  N  N    . GLU A 1 38 ? -8.359  -3.795  8.961   1.00 6.51  ? 40  GLU A N    1 
ATOM   506  C  CA   . GLU A 1 38 ? -8.755  -3.751  10.349  1.00 5.79  ? 40  GLU A CA   1 
ATOM   507  C  C    . GLU A 1 38 ? -7.528  -3.550  11.231  1.00 5.83  ? 40  GLU A C    1 
ATOM   508  O  O    . GLU A 1 38 ? -7.615  -2.846  12.225  1.00 6.27  ? 40  GLU A O    1 
ATOM   509  C  CB   . GLU A 1 38 ? -9.521  -5.038  10.745  1.00 6.82  ? 40  GLU A CB   1 
ATOM   510  C  CG   . GLU A 1 38 ? -10.070 -5.033  12.184  1.00 7.54  ? 40  GLU A CG   1 
ATOM   511  C  CD   . GLU A 1 38 ? -11.022 -3.888  12.423  1.00 7.86  ? 40  GLU A CD   1 
ATOM   512  O  OE1  . GLU A 1 38 ? -11.831 -3.606  11.489  1.00 7.23  ? 40  GLU A OE1  1 
ATOM   513  O  OE2  . GLU A 1 38 ? -10.952 -3.264  13.528  1.00 7.98  ? 40  GLU A OE2  1 
ATOM   514  H  H    . GLU A 1 38 ? -8.535  -4.539  8.570   1.00 7.81  ? 40  GLU A H    1 
ATOM   515  H  HA   . GLU A 1 38 ? -9.348  -2.996  10.486  1.00 6.95  ? 40  GLU A HA   1 
ATOM   516  H  HB2  . GLU A 1 38 ? -10.273 -5.150  10.143  1.00 8.18  ? 40  GLU A HB2  1 
ATOM   517  H  HB3  . GLU A 1 38 ? -8.920  -5.795  10.662  1.00 8.18  ? 40  GLU A HB3  1 
ATOM   518  H  HG2  . GLU A 1 38 ? -10.547 -5.862  12.346  1.00 9.05  ? 40  GLU A HG2  1 
ATOM   519  H  HG3  . GLU A 1 38 ? -9.331  -4.946  12.807  1.00 9.05  ? 40  GLU A HG3  1 
ATOM   520  N  N    . ALA A 1 39 ? -6.390  -4.142  10.865  1.00 6.43  ? 41  ALA A N    1 
ATOM   521  C  CA   . ALA A 1 39 ? -5.144  -3.948  11.611  1.00 8.21  ? 41  ALA A CA   1 
ATOM   522  C  C    . ALA A 1 39 ? -4.704  -2.471  11.735  1.00 8.40  ? 41  ALA A C    1 
ATOM   523  O  O    . ALA A 1 39 ? -3.914  -2.124  12.624  1.00 8.10  ? 41  ALA A O    1 
ATOM   524  C  CB   . ALA A 1 39 ? -4.048  -4.741  10.991  1.00 9.52  ? 41  ALA A CB   1 
ATOM   525  H  H    . ALA A 1 39 ? -6.312  -4.662  10.185  1.00 7.71  ? 41  ALA A H    1 
ATOM   526  H  HA   . ALA A 1 39 ? -5.272  -4.288  12.510  1.00 9.85  ? 41  ALA A HA   1 
ATOM   527  H  HB1  . ALA A 1 39 ? -3.232  -4.600  11.497  1.00 11.42 ? 41  ALA A HB1  1 
ATOM   528  H  HB2  . ALA A 1 39 ? -4.290  -5.680  11.005  1.00 11.42 ? 41  ALA A HB2  1 
ATOM   529  H  HB3  . ALA A 1 39 ? -3.924  -4.444  10.075  1.00 11.42 ? 41  ALA A HB3  1 
ATOM   530  N  N    . PHE A 1 40 ? -5.218  -1.604  10.870  1.00 7.24  ? 42  PHE A N    1 
ATOM   531  C  CA   . PHE A 1 40 ? -4.927  -0.178  10.957  1.00 7.30  ? 42  PHE A CA   1 
ATOM   532  C  C    . PHE A 1 40 ? -5.723  0.588   12.036  1.00 7.43  ? 42  PHE A C    1 
ATOM   533  O  O    . PHE A 1 40 ? -5.369  1.733   12.378  1.00 6.53  ? 42  PHE A O    1 
ATOM   534  C  CB   . PHE A 1 40 ? -5.224  0.490   9.629   1.00 8.11  ? 42  PHE A CB   1 
ATOM   535  C  CG   . PHE A 1 40 ? -4.313  0.090   8.483   1.00 7.15  ? 42  PHE A CG   1 
ATOM   536  C  CD1  . PHE A 1 40 ? -3.132  -0.596  8.679   1.00 8.08  ? 42  PHE A CD1  1 
ATOM   537  C  CD2  . PHE A 1 40 ? -4.665  0.440   7.198   1.00 6.88  ? 42  PHE A CD2  1 
ATOM   538  C  CE1  . PHE A 1 40 ? -2.313  -0.905  7.601   1.00 9.32  ? 42  PHE A CE1  1 
ATOM   539  C  CE2  . PHE A 1 40 ? -3.866  0.127   6.116   1.00 7.69  ? 42  PHE A CE2  1 
ATOM   540  C  CZ   . PHE A 1 40 ? -2.697  -0.553  6.314   1.00 8.96  ? 42  PHE A CZ   1 
ATOM   541  H  H    . PHE A 1 40 ? -5.740  -1.818  10.220  1.00 8.69  ? 42  PHE A H    1 
ATOM   542  H  HA   . PHE A 1 40 ? -3.983  -0.062  11.144  1.00 8.75  ? 42  PHE A HA   1 
ATOM   543  H  HB2  . PHE A 1 40 ? -6.133  0.269   9.371   1.00 9.73  ? 42  PHE A HB2  1 
ATOM   544  H  HB3  . PHE A 1 40 ? -5.143  1.450   9.743   1.00 9.73  ? 42  PHE A HB3  1 
ATOM   545  H  HD1  . PHE A 1 40 ? -2.871  -0.831  9.541   1.00 9.70  ? 42  PHE A HD1  1 
ATOM   546  H  HD2  . PHE A 1 40 ? -5.457  0.905   7.056   1.00 8.25  ? 42  PHE A HD2  1 
ATOM   547  H  HE1  . PHE A 1 40 ? -1.520  -1.374  7.738   1.00 11.19 ? 42  PHE A HE1  1 
ATOM   548  H  HE2  . PHE A 1 40 ? -4.126  0.370   5.257   1.00 9.23  ? 42  PHE A HE2  1 
ATOM   549  H  HZ   . PHE A 1 40 ? -2.155  -0.769  5.590   1.00 10.76 ? 42  PHE A HZ   1 
ATOM   550  N  N    . ARG A 1 41 ? -6.799  0.000   12.567  1.00 6.63  ? 43  ARG A N    1 
ATOM   551  C  CA   . ARG A 1 41 ? -7.669  0.755   13.497  1.00 6.11  ? 43  ARG A CA   1 
ATOM   552  C  C    . ARG A 1 41 ? -6.923  1.075   14.795  1.00 6.46  ? 43  ARG A C    1 
ATOM   553  O  O    . ARG A 1 41 ? -6.279  0.207   15.385  1.00 7.88  ? 43  ARG A O    1 
ATOM   554  C  CB   . ARG A 1 41 ? -8.968  0.004   13.815  1.00 5.16  ? 43  ARG A CB   1 
ATOM   555  C  CG   . ARG A 1 41 ? -10.083 0.939   14.316  1.00 4.97  ? 43  ARG A CG   1 
ATOM   556  C  CD   . ARG A 1 41 ? -11.400 0.187   14.623  1.00 8.40  ? 43  ARG A CD   1 
ATOM   557  N  NE   . ARG A 1 41 ? -11.870 -0.618  13.507  1.00 8.02  ? 43  ARG A NE   1 
ATOM   558  C  CZ   . ARG A 1 41 ? -12.628 -0.162  12.512  1.00 9.47  ? 43  ARG A CZ   1 
ATOM   559  N  NH1  . ARG A 1 41 ? -12.979 1.121   12.460  1.00 9.87  ? 43  ARG A NH1  1 
ATOM   560  N  NH2  . ARG A 1 41 ? -13.026 -0.985  11.549  1.00 10.34 ? 43  ARG A NH2  1 
ATOM   561  H  H    . ARG A 1 41 ? -7.047  -0.808  12.415  1.00 7.96  ? 43  ARG A H    1 
ATOM   562  H  HA   . ARG A 1 41 ? -7.911  1.598   13.082  1.00 7.34  ? 43  ARG A HA   1 
ATOM   563  H  HB2  . ARG A 1 41 ? -9.283  -0.436  13.011  1.00 6.19  ? 43  ARG A HB2  1 
ATOM   564  H  HB3  . ARG A 1 41 ? -8.792  -0.652  14.508  1.00 6.19  ? 43  ARG A HB3  1 
ATOM   565  H  HG2  . ARG A 1 41 ? -9.788  1.374   15.132  1.00 5.97  ? 43  ARG A HG2  1 
ATOM   566  H  HG3  . ARG A 1 41 ? -10.268 1.604   13.634  1.00 5.97  ? 43  ARG A HG3  1 
ATOM   567  H  HD2  . ARG A 1 41 ? -11.258 -0.403  15.379  1.00 10.08 ? 43  ARG A HD2  1 
ATOM   568  H  HD3  . ARG A 1 41 ? -12.091 0.835   14.835  1.00 10.08 ? 43  ARG A HD3  1 
ATOM   569  H  HE   . ARG A 1 41 ? -11.643 -1.448  13.489  1.00 9.62  ? 43  ARG A HE   1 
ATOM   570  H  HH11 . ARG A 1 41 ? -12.731 1.660   13.082  1.00 11.85 ? 43  ARG A HH11 1 
ATOM   571  H  HH12 . ARG A 1 41 ? -13.464 1.408   11.811  1.00 11.85 ? 43  ARG A HH12 1 
ATOM   572  H  HH21 . ARG A 1 41 ? -12.797 -1.813  11.569  1.00 12.41 ? 43  ARG A HH21 1 
ATOM   573  H  HH22 . ARG A 1 41 ? -13.504 -0.687  10.899  1.00 12.41 ? 43  ARG A HH22 1 
ATOM   574  N  N    . GLY A 1 42 ? -6.971  2.339   15.207  1.00 5.62  ? 44  GLY A N    1 
ATOM   575  C  CA   . GLY A 1 42 ? -6.192  2.808   16.352  1.00 6.22  ? 44  GLY A CA   1 
ATOM   576  C  C    . GLY A 1 42 ? -4.741  3.210   16.074  1.00 6.82  ? 44  GLY A C    1 
ATOM   577  O  O    . GLY A 1 42 ? -4.078  3.763   16.958  1.00 6.36  ? 44  GLY A O    1 
ATOM   578  H  H    . GLY A 1 42 ? -7.452  2.949   14.839  1.00 6.75  ? 44  GLY A H    1 
ATOM   579  H  HA2  . GLY A 1 42 ? -6.641  3.576   16.736  1.00 7.46  ? 44  GLY A HA2  1 
ATOM   580  H  HA3  . GLY A 1 42 ? -6.178  2.108   17.022  1.00 7.46  ? 44  GLY A HA3  1 
ATOM   581  N  N    . LYS A 1 43 ? -4.245  2.940   14.864  1.00 6.21  ? 45  LYS A N    1 
ATOM   582  C  CA   . LYS A 1 43 ? -2.893  3.327   14.480  1.00 7.80  ? 45  LYS A CA   1 
ATOM   583  C  C    . LYS A 1 43 ? -2.934  4.676   13.790  1.00 8.04  ? 45  LYS A C    1 
ATOM   584  O  O    . LYS A 1 43 ? -3.955  5.052   13.214  1.00 8.55  ? 45  LYS A O    1 
ATOM   585  C  CB   . LYS A 1 43 ? -2.266  2.267   13.575  1.00 8.49  ? 45  LYS A CB   1 
ATOM   586  C  CG   . LYS A 1 43 ? -2.009  0.951   14.296  1.00 14.54 ? 45  LYS A CG   1 
ATOM   587  C  CD   . LYS A 1 43 ? -1.169  0.011   13.467  1.00 20.22 ? 45  LYS A CD   1 
ATOM   588  C  CE   . LYS A 1 43 ? -0.928  -1.314  14.214  1.00 24.90 ? 45  LYS A CE   1 
ATOM   589  N  NZ   . LYS A 1 43 ? -2.211  -1.876  14.793  1.00 29.12 ? 45  LYS A NZ   1 
ATOM   590  H  H    . LYS A 1 43 ? -4.678  2.530   14.245  1.00 7.45  ? 45  LYS A H    1 
ATOM   591  H  HA   . LYS A 1 43 ? -2.344  3.409   15.276  1.00 9.36  ? 45  LYS A HA   1 
ATOM   592  H  HB2  . LYS A 1 43 ? -2.867  2.090   12.833  1.00 10.19 ? 45  LYS A HB2  1 
ATOM   593  H  HB3  . LYS A 1 43 ? -1.417  2.597   13.242  1.00 10.19 ? 45  LYS A HB3  1 
ATOM   594  H  HG2  . LYS A 1 43 ? -1.537  1.129   15.124  1.00 17.45 ? 45  LYS A HG2  1 
ATOM   595  H  HG3  . LYS A 1 43 ? -2.857  0.517   14.479  1.00 17.45 ? 45  LYS A HG3  1 
ATOM   596  H  HD2  . LYS A 1 43 ? -1.630  -0.186  12.637  1.00 24.26 ? 45  LYS A HD2  1 
ATOM   597  H  HD3  . LYS A 1 43 ? -0.309  0.421   13.286  1.00 24.26 ? 45  LYS A HD3  1 
ATOM   598  H  HE2  . LYS A 1 43 ? -0.562  -1.968  13.596  1.00 29.88 ? 45  LYS A HE2  1 
ATOM   599  H  HE3  . LYS A 1 43 ? -0.308  -1.160  14.944  1.00 29.88 ? 45  LYS A HE3  1 
ATOM   600  H  HZ1  . LYS A 1 43 ? -2.797  -2.030  14.140  1.00 34.95 ? 45  LYS A HZ1  1 
ATOM   601  H  HZ2  . LYS A 1 43 ? -2.044  -2.639  15.218  1.00 34.95 ? 45  LYS A HZ2  1 
ATOM   602  H  HZ3  . LYS A 1 43 ? -2.565  -1.296  15.368  1.00 34.95 ? 45  LYS A HZ3  1 
ATOM   603  N  N    . THR A 1 44 ? -1.837  5.419   13.900  1.00 7.18  ? 46  THR A N    1 
ATOM   604  C  CA   . THR A 1 44 ? -1.690  6.695   13.230  1.00 6.36  ? 46  THR A CA   1 
ATOM   605  C  C    . THR A 1 44 ? -1.477  6.434   11.745  1.00 6.64  ? 46  THR A C    1 
ATOM   606  O  O    . THR A 1 44 ? -1.065  5.321   11.372  1.00 6.17  ? 46  THR A O    1 
ATOM   607  C  CB   . THR A 1 44 ? -0.465  7.477   13.757  1.00 6.68  ? 46  THR A CB   1 
ATOM   608  O  OG1  . THR A 1 44 ? 0.728   6.768   13.385  1.00 5.58  ? 46  THR A OG1  1 
ATOM   609  C  CG2  . THR A 1 44 ? -0.504  7.651   15.302  1.00 6.06  ? 46  THR A CG2  1 
ATOM   610  H  H    . THR A 1 44 ? -1.151  5.195   14.368  1.00 8.62  ? 46  THR A H    1 
ATOM   611  H  HA   . THR A 1 44 ? -2.489  7.233   13.350  1.00 7.63  ? 46  THR A HA   1 
ATOM   612  H  HB   . THR A 1 44 ? -0.452  8.358   13.352  1.00 8.01  ? 46  THR A HB   1 
ATOM   613  H  HG1  . THR A 1 44 ? 1.405   7.180   13.663  1.00 6.69  ? 46  THR A HG1  1 
ATOM   614  H  HG21 . THR A 1 44 ? -0.512  6.782   15.734  1.00 7.27  ? 46  THR A HG21 1 
ATOM   615  H  HG22 . THR A 1 44 ? 0.276   8.144   15.599  1.00 7.27  ? 46  THR A HG22 1 
ATOM   616  H  HG23 . THR A 1 44 ? -1.302  8.138   15.561  1.00 7.27  ? 46  THR A HG23 1 
ATOM   617  N  N    . ARG A 1 45 ? -1.657  7.456   10.915  1.00 6.49  ? 47  ARG A N    1 
ATOM   618  C  CA   . ARG A 1 45 ? -1.330  7.318   9.502   1.00 7.53  ? 47  ARG A CA   1 
ATOM   619  C  C    . ARG A 1 45 ? 0.140   6.949   9.309   1.00 8.08  ? 47  ARG A C    1 
ATOM   620  O  O    . ARG A 1 45 ? 0.437   6.126   8.458   1.00 8.51  ? 47  ARG A O    1 
ATOM   621  C  CB   . ARG A 1 45 ? -1.671  8.582   8.687   1.00 8.90  ? 47  ARG A CB   1 
ATOM   622  C  CG   . ARG A 1 45 ? -1.118  9.854   9.184   1.00 12.09 ? 47  ARG A CG   1 
ATOM   623  C  CD   . ARG A 1 45 ? -1.674  11.058  8.340   1.00 24.43 ? 47  ARG A CD   1 
ATOM   624  N  NE   . ARG A 1 45 ? -1.351  10.925  6.919   1.00 24.17 ? 47  ARG A NE   1 
ATOM   625  C  CZ   . ARG A 1 45 ? -2.225  10.892  5.904   1.00 24.69 ? 47  ARG A CZ   1 
ATOM   626  N  NH1  . ARG A 1 45 ? -3.541  10.982  6.106   1.00 25.17 ? 47  ARG A NH1  1 
ATOM   627  N  NH2  . ARG A 1 45 ? -1.761  10.786  4.657   1.00 24.68 ? 47  ARG A NH2  1 
ATOM   628  H  H    . ARG A 1 45 ? -1.961  8.228   11.139  1.00 7.79  ? 47  ARG A H    1 
ATOM   629  H  HA   . ARG A 1 45 ? -1.860  6.592   9.138   1.00 9.03  ? 47  ARG A HA   1 
ATOM   630  H  HB2  . ARG A 1 45 ? -1.341  8.458   7.784   1.00 10.68 ? 47  ARG A HB2  1 
ATOM   631  H  HB3  . ARG A 1 45 ? -2.636  8.676   8.665   1.00 10.68 ? 47  ARG A HB3  1 
ATOM   632  H  HG2  . ARG A 1 45 ? -1.379  9.980   10.110  1.00 14.50 ? 47  ARG A HG2  1 
ATOM   633  H  HG3  . ARG A 1 45 ? -0.152  9.842   9.103   1.00 14.50 ? 47  ARG A HG3  1 
ATOM   634  H  HD2  . ARG A 1 45 ? -2.640  11.090  8.429   1.00 29.31 ? 47  ARG A HD2  1 
ATOM   635  H  HD3  . ARG A 1 45 ? -1.281  11.883  8.665   1.00 29.31 ? 47  ARG A HD3  1 
ATOM   636  H  HE   . ARG A 1 45 ? -0.518  10.862  6.715   1.00 29.00 ? 47  ARG A HE   1 
ATOM   637  H  HH11 . ARG A 1 45 ? -3.850  11.057  6.905   1.00 30.21 ? 47  ARG A HH11 1 
ATOM   638  H  HH12 . ARG A 1 45 ? -4.081  10.959  5.436   1.00 30.21 ? 47  ARG A HH12 1 
ATOM   639  H  HH21 . ARG A 1 45 ? -0.915  10.727  4.517   1.00 29.62 ? 47  ARG A HH21 1 
ATOM   640  H  HH22 . ARG A 1 45 ? -2.311  10.760  3.997   1.00 29.62 ? 47  ARG A HH22 1 
ATOM   641  N  N    . VAL A 1 46 ? 1.060   7.498   10.109  1.00 7.51  ? 48  VAL A N    1 
ATOM   642  C  CA   . VAL A 1 46 ? 2.468   7.114   9.975   1.00 7.77  ? 48  VAL A CA   1 
ATOM   643  C  C    . VAL A 1 46 ? 2.653   5.605   10.273  1.00 7.01  ? 48  VAL A C    1 
ATOM   644  O  O    . VAL A 1 46 ? 3.381   4.894   9.553   1.00 5.91  ? 48  VAL A O    1 
ATOM   645  C  CB   . VAL A 1 46 ? 3.347   7.985   10.900  1.00 7.34  ? 48  VAL A CB   1 
ATOM   646  C  CG1  . VAL A 1 46 ? 4.778   7.427   11.038  1.00 7.35  ? 48  VAL A CG1  1 
ATOM   647  C  CG2  . VAL A 1 46 ? 3.372   9.404   10.352  1.00 8.00  ? 48  VAL A CG2  1 
ATOM   648  H  H    . VAL A 1 46 ? 0.900   8.081   10.721  1.00 9.01  ? 48  VAL A H    1 
ATOM   649  H  HA   . VAL A 1 46 ? 2.750   7.273   9.061   1.00 9.32  ? 48  VAL A HA   1 
ATOM   650  H  HB   . VAL A 1 46 ? 2.948   8.011   11.785  1.00 8.81  ? 48  VAL A HB   1 
ATOM   651  H  HG11 . VAL A 1 46 ? 4.854   6.619   10.508  1.00 8.82  ? 48  VAL A HG11 1 
ATOM   652  H  HG12 . VAL A 1 46 ? 5.409   8.093   10.721  1.00 8.82  ? 48  VAL A HG12 1 
ATOM   653  H  HG13 . VAL A 1 46 ? 4.950   7.228   11.972  1.00 8.82  ? 48  VAL A HG13 1 
ATOM   654  H  HG21 . VAL A 1 46 ? 3.924   9.955   10.931  1.00 9.60  ? 48  VAL A HG21 1 
ATOM   655  H  HG22 . VAL A 1 46 ? 3.743   9.390   9.456   1.00 9.60  ? 48  VAL A HG22 1 
ATOM   656  H  HG23 . VAL A 1 46 ? 2.466   9.750   10.332  1.00 9.60  ? 48  VAL A HG23 1 
ATOM   657  N  N    . GLN A 1 47 ? 1.993   5.127   11.324  1.00 6.29  ? 49  GLN A N    1 
ATOM   658  C  CA   . GLN A 1 47 ? 2.043   3.711   11.684  1.00 5.81  ? 49  GLN A CA   1 
ATOM   659  C  C    . GLN A 1 47 ? 1.433   2.812   10.595  1.00 5.87  ? 49  GLN A C    1 
ATOM   660  O  O    . GLN A 1 47 ? 1.958   1.726   10.297  1.00 5.49  ? 49  GLN A O    1 
ATOM   661  C  CB   . GLN A 1 47 ? 1.333   3.494   13.017  1.00 5.62  ? 49  GLN A CB   1 
ATOM   662  C  CG   . GLN A 1 47 ? 2.142   4.001   14.200  1.00 6.86  ? 49  GLN A CG   1 
ATOM   663  C  CD   . GLN A 1 47 ? 1.357   3.954   15.506  1.00 7.84  ? 49  GLN A CD   1 
ATOM   664  O  OE1  . GLN A 1 47 ? 0.127   4.059   15.513  1.00 8.50  ? 49  GLN A OE1  1 
ATOM   665  N  NE2  . GLN A 1 47 ? 2.068   3.791   16.616  1.00 8.65  ? 49  GLN A NE2  1 
ATOM   666  H  H    . GLN A 1 47 ? 1.505   5.604   11.848  1.00 7.55  ? 49  GLN A H    1 
ATOM   667  H  HA   . GLN A 1 47 ? 2.971   3.450   11.797  1.00 6.97  ? 49  GLN A HA   1 
ATOM   668  H  HB2  . GLN A 1 47 ? 0.487   3.969   13.006  1.00 6.74  ? 49  GLN A HB2  1 
ATOM   669  H  HB3  . GLN A 1 47 ? 1.178   2.545   13.143  1.00 6.74  ? 49  GLN A HB3  1 
ATOM   670  H  HG2  . GLN A 1 47 ? 2.932   3.447   14.303  1.00 8.23  ? 49  GLN A HG2  1 
ATOM   671  H  HG3  . GLN A 1 47 ? 2.400   4.921   14.036  1.00 8.23  ? 49  GLN A HG3  1 
ATOM   672  H  HE21 . GLN A 1 47 ? 2.924   3.719   16.573  1.00 10.38 ? 49  GLN A HE21 1 
ATOM   673  H  HE22 . GLN A 1 47 ? 1.671   3.759   17.379  1.00 10.38 ? 49  GLN A HE22 1 
ATOM   674  N  N    . GLN A 1 48 ? 0.356   3.273   9.973   1.00 5.65  ? 50  GLN A N    1 
ATOM   675  C  CA   . GLN A 1 48 ? -0.293  2.483   8.934   1.00 5.57  ? 50  GLN A CA   1 
ATOM   676  C  C    . GLN A 1 48 ? 0.597   2.401   7.709   1.00 5.89  ? 50  GLN A C    1 
ATOM   677  O  O    . GLN A 1 48 ? 0.780   1.321   7.113   1.00 5.19  ? 50  GLN A O    1 
ATOM   678  C  CB   . GLN A 1 48 ? -1.642  3.098   8.598   1.00 5.60  ? 50  GLN A CB   1 
ATOM   679  C  CG   . GLN A 1 48 ? -2.632  3.046   9.768   1.00 5.85  ? 50  GLN A CG   1 
ATOM   680  C  CD   . GLN A 1 48 ? -3.798  4.004   9.595   1.00 6.61  ? 50  GLN A CD   1 
ATOM   681  O  OE1  . GLN A 1 48 ? -3.805  4.834   8.683   1.00 7.16  ? 50  GLN A OE1  1 
ATOM   682  N  NE2  . GLN A 1 48 ? -4.814  3.874   10.462  1.00 8.47  ? 50  GLN A NE2  1 
ATOM   683  H  H    . GLN A 1 48 ? -0.016  4.031   10.130  1.00 6.78  ? 50  GLN A H    1 
ATOM   684  H  HA   . GLN A 1 48 ? -0.442  1.583   9.262   1.00 6.68  ? 50  GLN A HA   1 
ATOM   685  H  HB2  . GLN A 1 48 ? -1.514  4.029   8.358   1.00 6.72  ? 50  GLN A HB2  1 
ATOM   686  H  HB3  . GLN A 1 48 ? -2.033  2.614   7.854   1.00 6.72  ? 50  GLN A HB3  1 
ATOM   687  H  HG2  . GLN A 1 48 ? -2.991  2.147   9.837   1.00 7.02  ? 50  GLN A HG2  1 
ATOM   688  H  HG3  . GLN A 1 48 ? -2.167  3.282   10.585  1.00 7.02  ? 50  GLN A HG3  1 
ATOM   689  H  HE21 . GLN A 1 48 ? -4.783  3.271   11.075  1.00 10.16 ? 50  GLN A HE21 1 
ATOM   690  H  HE22 . GLN A 1 48 ? -5.497  4.394   10.405  1.00 10.16 ? 50  GLN A HE22 1 
ATOM   691  N  N    . HIS A 1 49 ? 1.189   3.536   7.348   1.00 6.67  ? 51  HIS A N    1 
ATOM   692  C  CA   . HIS A 1 49 ? 2.061   3.562   6.187   1.00 7.63  ? 51  HIS A CA   1 
ATOM   693  C  C    . HIS A 1 49 ? 3.264   2.666   6.410   1.00 7.44  ? 51  HIS A C    1 
ATOM   694  O  O    . HIS A 1 49 ? 3.717   1.994   5.485   1.00 6.38  ? 51  HIS A O    1 
ATOM   695  C  CB   . HIS A 1 49 ? 2.485   4.992   5.858   1.00 7.99  ? 51  HIS A CB   1 
ATOM   696  C  CG   . HIS A 1 49 ? 1.337   5.842   5.417   1.00 8.40  ? 51  HIS A CG   1 
ATOM   697  N  ND1  . HIS A 1 49 ? 1.495   7.080   4.828   1.00 8.53  ? 51  HIS A ND1  1 
ATOM   698  C  CD2  . HIS A 1 49 ? 0.004   5.618   5.472   1.00 7.99  ? 51  HIS A CD2  1 
ATOM   699  C  CE1  . HIS A 1 49 ? 0.305   7.590   4.559   1.00 8.62  ? 51  HIS A CE1  1 
ATOM   700  N  NE2  . HIS A 1 49 ? -0.621  6.722   4.940   1.00 7.69  ? 51  HIS A NE2  1 
ATOM   701  H  H    . HIS A 1 49 ? 1.104   4.289   7.753   1.00 8.00  ? 51  HIS A H    1 
ATOM   702  H  HA   . HIS A 1 49 ? 1.573   3.217   5.422   1.00 9.16  ? 51  HIS A HA   1 
ATOM   703  H  HB2  . HIS A 1 49 ? 2.873   5.397   6.650   1.00 9.59  ? 51  HIS A HB2  1 
ATOM   704  H  HB3  . HIS A 1 49 ? 3.139   4.972   5.141   1.00 9.59  ? 51  HIS A HB3  1 
ATOM   705  H  HD1  . HIS A 1 49 ? 2.249   7.466   4.676   1.00 10.24 ? 51  HIS A HD1  1 
ATOM   706  H  HD2  . HIS A 1 49 ? -0.413  4.863   5.821   1.00 9.59  ? 51  HIS A HD2  1 
ATOM   707  H  HE1  . HIS A 1 49 ? 0.145   8.415   4.160   1.00 10.34 ? 51  HIS A HE1  1 
ATOM   708  N  N    . GLN A 1 50 ? 3.755   2.618   7.640   1.00 6.58  ? 52  GLN A N    1 
ATOM   709  C  CA   . GLN A 1 50 ? 4.890   1.755   7.943   1.00 6.55  ? 52  GLN A CA   1 
ATOM   710  C  C    . GLN A 1 50 ? 4.553   0.320   7.625   1.00 6.74  ? 52  GLN A C    1 
ATOM   711  O  O    . GLN A 1 50 ? 5.396   -0.419  7.086   1.00 6.46  ? 52  GLN A O    1 
ATOM   712  C  CB   . GLN A 1 50 ? 5.305   1.893   9.411   1.00 4.95  ? 52  GLN A CB   1 
ATOM   713  C  CG   . GLN A 1 50 ? 6.532   1.070   9.792   1.00 6.30  ? 52  GLN A CG   1 
ATOM   714  C  CD   . GLN A 1 50 ? 7.782   1.544   9.052   1.00 7.56  ? 52  GLN A CD   1 
ATOM   715  O  OE1  . GLN A 1 50 ? 8.186   2.713   9.176   1.00 7.67  ? 52  GLN A OE1  1 
ATOM   716  N  NE2  . GLN A 1 50 ? 8.378   0.651   8.246   1.00 6.39  ? 52  GLN A NE2  1 
ATOM   717  H  H    . GLN A 1 50 ? 3.455   3.068   8.308   1.00 7.90  ? 52  GLN A H    1 
ATOM   718  H  HA   . GLN A 1 50 ? 5.643   2.017   7.392   1.00 7.86  ? 52  GLN A HA   1 
ATOM   719  H  HB2  . GLN A 1 50 ? 5.507   2.825   9.591   1.00 5.94  ? 52  GLN A HB2  1 
ATOM   720  H  HB3  . GLN A 1 50 ? 4.569   1.604   9.971   1.00 5.94  ? 52  GLN A HB3  1 
ATOM   721  H  HG2  . GLN A 1 50 ? 6.691   1.157   10.745  1.00 7.56  ? 52  GLN A HG2  1 
ATOM   722  H  HG3  . GLN A 1 50 ? 6.377   0.141   9.562   1.00 7.56  ? 52  GLN A HG3  1 
ATOM   723  H  HE21 . GLN A 1 50 ? 8.053   -0.141  8.166   1.00 7.67  ? 52  GLN A HE21 1 
ATOM   724  H  HE22 . GLN A 1 50 ? 9.085   0.871   7.808   1.00 7.67  ? 52  GLN A HE22 1 
ATOM   725  N  N    . MET A 1 51 ? 3.333   -0.096  7.972   1.00 7.87  ? 53  MET A N    1 
ATOM   726  C  CA   . MET A 1 51 ? 2.909   -1.489  7.730   1.00 6.99  ? 53  MET A CA   1 
ATOM   727  C  C    . MET A 1 51 ? 2.871   -1.767  6.224   1.00 5.55  ? 53  MET A C    1 
ATOM   728  O  O    . MET A 1 51 ? 3.203   -2.869  5.788   1.00 4.36  ? 53  MET A O    1 
ATOM   729  C  CB   . MET A 1 51 ? 1.538   -1.792  8.358   1.00 7.47  ? 53  MET A CB   1 
ATOM   730  C  CG   . MET A 1 51 ? 1.500   -1.692  9.881   1.00 7.63  ? 53  MET A CG   1 
ATOM   731  S  SD   . MET A 1 51 ? -0.149  -1.965  10.590  1.00 12.60 ? 53  MET A SD   1 
ATOM   732  C  CE   . MET A 1 51 ? -0.372  -3.673  10.182  1.00 18.84 ? 53  MET A CE   1 
ATOM   733  H  H    . MET A 1 51 ? 2.735   0.398   8.344   1.00 9.45  ? 53  MET A H    1 
ATOM   734  H  HA   . MET A 1 51 ? 3.556   -2.085  8.140   1.00 8.38  ? 53  MET A HA   1 
ATOM   735  H  HB2  . MET A 1 51 ? 0.891   -1.160  8.006   1.00 8.96  ? 53  MET A HB2  1 
ATOM   736  H  HB3  . MET A 1 51 ? 1.278   -2.694  8.115   1.00 8.96  ? 53  MET A HB3  1 
ATOM   737  H  HG2  . MET A 1 51 ? 2.097   -2.360  10.253  1.00 9.16  ? 53  MET A HG2  1 
ATOM   738  H  HG3  . MET A 1 51 ? 1.793   -0.806  10.144  1.00 9.16  ? 53  MET A HG3  1 
ATOM   739  H  HE1  . MET A 1 51 ? -1.237  -3.965  10.508  1.00 22.61 ? 53  MET A HE1  1 
ATOM   740  H  HE2  . MET A 1 51 ? -0.330  -3.775  9.219   1.00 22.61 ? 53  MET A HE2  1 
ATOM   741  H  HE3  . MET A 1 51 ? 0.334   -4.191  10.600  1.00 22.61 ? 53  MET A HE3  1 
ATOM   742  N  N    . VAL A 1 52 ? 2.473   -0.770  5.430   1.00 5.58  ? 54  VAL A N    1 
ATOM   743  C  CA   . VAL A 1 52 ? 2.449   -0.926  3.973   1.00 7.26  ? 54  VAL A CA   1 
ATOM   744  C  C    . VAL A 1 52 ? 3.876   -0.995  3.422   1.00 7.19  ? 54  VAL A C    1 
ATOM   745  O  O    . VAL A 1 52 ? 4.187   -1.877  2.598   1.00 8.29  ? 54  VAL A O    1 
ATOM   746  C  CB   . VAL A 1 52 ? 1.670   0.210   3.287   1.00 7.76  ? 54  VAL A CB   1 
ATOM   747  C  CG1  . VAL A 1 52 ? 1.636   0.045   1.751   1.00 7.14  ? 54  VAL A CG1  1 
ATOM   748  C  CG2  . VAL A 1 52 ? 0.257   0.199   3.785   1.00 8.18  ? 54  VAL A CG2  1 
ATOM   749  H  H    . VAL A 1 52 ? 2.214   0.001   5.708   1.00 6.70  ? 54  VAL A H    1 
ATOM   750  H  HA   . VAL A 1 52 ? 2.007   -1.762  3.756   1.00 8.71  ? 54  VAL A HA   1 
ATOM   751  H  HB   . VAL A 1 52 ? 2.074   1.066   3.502   1.00 9.31  ? 54  VAL A HB   1 
ATOM   752  H  HG11 . VAL A 1 52 ? 1.136   0.782   1.366   1.00 8.57  ? 54  VAL A HG11 1 
ATOM   753  H  HG12 . VAL A 1 52 ? 2.544   0.049   1.413   1.00 8.57  ? 54  VAL A HG12 1 
ATOM   754  H  HG13 . VAL A 1 52 ? 1.205   -0.797  1.535   1.00 8.57  ? 54  VAL A HG13 1 
ATOM   755  H  HG21 . VAL A 1 52 ? -0.235  0.915   3.353   1.00 9.82  ? 54  VAL A HG21 1 
ATOM   756  H  HG22 . VAL A 1 52 ? -0.146  -0.657  3.570   1.00 9.82  ? 54  VAL A HG22 1 
ATOM   757  H  HG23 . VAL A 1 52 ? 0.260   0.332   4.745   1.00 9.82  ? 54  VAL A HG23 1 
ATOM   758  N  N    . TYR A 1 53 ? 4.767   -0.110  3.859   1.00 5.62  ? 55  TYR A N    1 
ATOM   759  C  CA   . TYR A 1 53 ? 6.159   -0.211  3.406   1.00 6.24  ? 55  TYR A CA   1 
ATOM   760  C  C    . TYR A 1 53 ? 6.749   -1.581  3.744   1.00 7.10  ? 55  TYR A C    1 
ATOM   761  O  O    . TYR A 1 53 ? 7.463   -2.176  2.922   1.00 6.48  ? 55  TYR A O    1 
ATOM   762  C  CB   . TYR A 1 53 ? 7.039   0.880   4.029   1.00 6.39  ? 55  TYR A CB   1 
ATOM   763  C  CG   . TYR A 1 53 ? 6.592   2.292   3.672   1.00 7.65  ? 55  TYR A CG   1 
ATOM   764  C  CD1  . TYR A 1 53 ? 6.309   2.654   2.350   1.00 8.48  ? 55  TYR A CD1  1 
ATOM   765  C  CD2  . TYR A 1 53 ? 6.458   3.264   4.658   1.00 8.19  ? 55  TYR A CD2  1 
ATOM   766  C  CE1  . TYR A 1 53 ? 5.896   3.949   2.041   1.00 7.75  ? 55  TYR A CE1  1 
ATOM   767  C  CE2  . TYR A 1 53 ? 6.053   4.529   4.367   1.00 8.39  ? 55  TYR A CE2  1 
ATOM   768  C  CZ   . TYR A 1 53 ? 5.782   4.886   3.066   1.00 8.15  ? 55  TYR A CZ   1 
ATOM   769  O  OH   . TYR A 1 53 ? 5.384   6.189   2.841   1.00 7.39  ? 55  TYR A OH   1 
ATOM   770  H  H    . TYR A 1 53 ? 4.603   0.539   4.401   1.00 6.74  ? 55  TYR A H    1 
ATOM   771  H  HA   . TYR A 1 53 ? 6.185   -0.103  2.443   1.00 7.49  ? 55  TYR A HA   1 
ATOM   772  H  HB2  . TYR A 1 53 ? 7.011   0.794   4.994   1.00 7.67  ? 55  TYR A HB2  1 
ATOM   773  H  HB3  . TYR A 1 53 ? 7.950   0.767   3.713   1.00 7.67  ? 55  TYR A HB3  1 
ATOM   774  H  HD1  . TYR A 1 53 ? 6.390   2.023   1.672   1.00 10.17 ? 55  TYR A HD1  1 
ATOM   775  H  HD2  . TYR A 1 53 ? 6.641   3.040   5.542   1.00 9.82  ? 55  TYR A HD2  1 
ATOM   776  H  HE1  . TYR A 1 53 ? 5.711   4.188   1.162   1.00 9.30  ? 55  TYR A HE1  1 
ATOM   777  H  HE2  . TYR A 1 53 ? 5.976   5.159   5.047   1.00 10.07 ? 55  TYR A HE2  1 
ATOM   778  H  HH   . TYR A 1 53 ? 5.233   6.305   2.023   1.00 8.86  ? 55  TYR A HH   1 
ATOM   779  N  N    . ASN A 1 54 ? 6.480   -2.056  4.957   1.00 6.80  ? 56  ASN A N    1 
ATOM   780  C  CA   . ASN A 1 54 ? 6.909   -3.396  5.388   1.00 7.22  ? 56  ASN A CA   1 
ATOM   781  C  C    . ASN A 1 54 ? 6.440   -4.468  4.430   1.00 6.51  ? 56  ASN A C    1 
ATOM   782  O  O    . ASN A 1 54 ? 7.199   -5.391  4.091   1.00 5.81  ? 56  ASN A O    1 
ATOM   783  C  CB   . ASN A 1 54 ? 6.401   -3.746  6.778   1.00 7.47  ? 56  ASN A CB   1 
ATOM   784  C  CG   . ASN A 1 54 ? 7.096   -2.990  7.867   1.00 7.89  ? 56  ASN A CG   1 
ATOM   785  O  OD1  . ASN A 1 54 ? 8.102   -2.289  7.636   1.00 8.60  ? 56  ASN A OD1  1 
ATOM   786  N  ND2  . ASN A 1 54 ? 6.567   -3.115  9.081   1.00 6.78  ? 56  ASN A ND2  1 
ATOM   787  H  H    . ASN A 1 54 ? 6.045   -1.622  5.558   1.00 8.15  ? 56  ASN A H    1 
ATOM   788  H  HA   . ASN A 1 54 ? 7.878   -3.421  5.411   1.00 8.67  ? 56  ASN A HA   1 
ATOM   789  H  HB2  . ASN A 1 54 ? 5.455   -3.540  6.827   1.00 8.97  ? 56  ASN A HB2  1 
ATOM   790  H  HB3  . ASN A 1 54 ? 6.542   -4.692  6.934   1.00 8.97  ? 56  ASN A HB3  1 
ATOM   791  H  HD21 . ASN A 1 54 ? 6.921   -2.705  9.748   1.00 8.13  ? 56  ASN A HD21 1 
ATOM   792  H  HD22 . ASN A 1 54 ? 5.870   -3.605  9.198   1.00 8.13  ? 56  ASN A HD22 1 
ATOM   793  N  N    . ALA A 1 55 ? 5.197   -4.340  3.988   1.00 6.71  ? 57  ALA A N    1 
ATOM   794  C  CA   . ALA A 1 55 ? 4.588   -5.356  3.144   1.00 7.48  ? 57  ALA A CA   1 
ATOM   795  C  C    . ALA A 1 55 ? 5.298   -5.433  1.793   1.00 8.14  ? 57  ALA A C    1 
ATOM   796  O  O    . ALA A 1 55 ? 5.425   -6.516  1.201   1.00 8.42  ? 57  ALA A O    1 
ATOM   797  C  CB   . ALA A 1 55 ? 3.069   -5.075  2.970   1.00 6.28  ? 57  ALA A CB   1 
ATOM   798  H  H    . ALA A 1 55 ? 4.684   -3.673  4.162   1.00 8.05  ? 57  ALA A H    1 
ATOM   799  H  HA   . ALA A 1 55 ? 4.682   -6.219  3.576   1.00 8.98  ? 57  ALA A HA   1 
ATOM   800  H  HB1  . ALA A 1 55 ? 2.683   -5.763  2.404   1.00 7.53  ? 57  ALA A HB1  1 
ATOM   801  H  HB2  . ALA A 1 55 ? 2.644   -5.088  3.842   1.00 7.53  ? 57  ALA A HB2  1 
ATOM   802  H  HB3  . ALA A 1 55 ? 2.953   -4.205  2.558   1.00 7.53  ? 57  ALA A HB3  1 
ATOM   803  N  N    . LEU A 1 56 ? 5.820   -4.305  1.329   1.00 7.96  ? 58  LEU A N    1 
ATOM   804  C  CA   . LEU A 1 56 ? 6.467   -4.267  0.029   1.00 7.80  ? 58  LEU A CA   1 
ATOM   805  C  C    . LEU A 1 56 ? 7.883   -4.840  0.084   1.00 9.60  ? 58  LEU A C    1 
ATOM   806  O  O    . LEU A 1 56 ? 8.475   -5.088  -0.956  1.00 10.39 ? 58  LEU A O    1 
ATOM   807  C  CB   . LEU A 1 56 ? 6.487   -2.848  -0.526  1.00 7.60  ? 58  LEU A CB   1 
ATOM   808  C  CG   . LEU A 1 56 ? 5.350   -2.586  -1.525  1.00 8.51  ? 58  LEU A CG   1 
ATOM   809  C  CD1  . LEU A 1 56 ? 5.524   -3.437  -2.793  1.00 9.33  ? 58  LEU A CD1  1 
ATOM   810  C  CD2  . LEU A 1 56 ? 3.983   -2.841  -0.895  1.00 7.75  ? 58  LEU A CD2  1 
ATOM   811  H  H    . LEU A 1 56 ? 5.812   -3.553  1.747   1.00 9.55  ? 58  LEU A H    1 
ATOM   812  H  HA   . LEU A 1 56 ? 5.954   -4.814  -0.587  1.00 9.36  ? 58  LEU A HA   1 
ATOM   813  H  HB2  . LEU A 1 56 ? 6.392   -2.221  0.209   1.00 9.12  ? 58  LEU A HB2  1 
ATOM   814  H  HB3  . LEU A 1 56 ? 7.330   -2.699  -0.982  1.00 9.12  ? 58  LEU A HB3  1 
ATOM   815  H  HG   . LEU A 1 56 ? 5.381   -1.654  -1.792  1.00 10.21 ? 58  LEU A HG   1 
ATOM   816  H  HD11 . LEU A 1 56 ? 6.370   -3.211  -3.211  1.00 11.20 ? 58  LEU A HD11 1 
ATOM   817  H  HD12 . LEU A 1 56 ? 5.517   -4.375  -2.546  1.00 11.20 ? 58  LEU A HD12 1 
ATOM   818  H  HD13 . LEU A 1 56 ? 4.793   -3.250  -3.401  1.00 11.20 ? 58  LEU A HD13 1 
ATOM   819  H  HD21 . LEU A 1 56 ? 3.293   -2.667  -1.555  1.00 9.30  ? 58  LEU A HD21 1 
ATOM   820  H  HD22 . LEU A 1 56 ? 3.937   -3.766  -0.605  1.00 9.30  ? 58  LEU A HD22 1 
ATOM   821  H  HD23 . LEU A 1 56 ? 3.871   -2.250  -0.134  1.00 9.30  ? 58  LEU A HD23 1 
ATOM   822  N  N    . LYS A 1 57 ? 8.405   -5.056  1.292   1.00 9.85  ? 59  LYS A N    1 
ATOM   823  C  CA   . LYS A 1 57 ? 9.625   -5.847  1.510   1.00 10.66 ? 59  LYS A CA   1 
ATOM   824  C  C    . LYS A 1 57 ? 10.821  -5.342  0.702   1.00 10.67 ? 59  LYS A C    1 
ATOM   825  O  O    . LYS A 1 57 ? 11.743  -6.109  0.340   1.00 10.97 ? 59  LYS A O    1 
ATOM   826  C  CB   . LYS A 1 57 ? 9.326   -7.336  1.220   1.00 10.48 ? 59  LYS A CB   1 
ATOM   827  C  CG   . LYS A 1 57 ? 8.388   -7.963  2.275   1.00 13.40 ? 59  LYS A CG   1 
ATOM   828  C  CD   . LYS A 1 57 ? 8.067   -9.445  2.053   1.00 16.68 ? 59  LYS A CD   1 
ATOM   829  C  CE   . LYS A 1 57 ? 7.038   -9.939  3.077   1.00 19.27 ? 59  LYS A CE   1 
ATOM   830  N  NZ   . LYS A 1 57 ? 7.493   -9.940  4.494   1.00 19.47 ? 59  LYS A NZ   1 
ATOM   831  H  H    . LYS A 1 57 ? 8.064   -4.749  2.019   1.00 11.82 ? 59  LYS A H    1 
ATOM   832  H  HA   . LYS A 1 57 ? 9.865   -5.779  2.447   1.00 12.79 ? 59  LYS A HA   1 
ATOM   833  H  HB2  . LYS A 1 57 ? 8.897   -7.411  0.352   1.00 12.57 ? 59  LYS A HB2  1 
ATOM   834  H  HB3  . LYS A 1 57 ? 10.158  -7.834  1.224   1.00 12.57 ? 59  LYS A HB3  1 
ATOM   835  H  HG2  . LYS A 1 57 ? 8.805   -7.882  3.147   1.00 16.08 ? 59  LYS A HG2  1 
ATOM   836  H  HG3  . LYS A 1 57 ? 7.548   -7.479  2.269   1.00 16.08 ? 59  LYS A HG3  1 
ATOM   837  H  HD2  . LYS A 1 57 ? 7.698   -9.565  1.164   1.00 20.02 ? 59  LYS A HD2  1 
ATOM   838  H  HD3  . LYS A 1 57 ? 8.877   -9.969  2.156   1.00 20.02 ? 59  LYS A HD3  1 
ATOM   839  H  HE2  . LYS A 1 57 ? 6.254   -9.371  3.022   1.00 23.12 ? 59  LYS A HE2  1 
ATOM   840  H  HE3  . LYS A 1 57 ? 6.792   -10.850 2.849   1.00 23.12 ? 59  LYS A HE3  1 
ATOM   841  H  HZ1  . LYS A 1 57 ? 6.842   -10.238 5.022   1.00 23.36 ? 59  LYS A HZ1  1 
ATOM   842  H  HZ2  . LYS A 1 57 ? 8.204   -10.467 4.584   1.00 23.36 ? 59  LYS A HZ2  1 
ATOM   843  H  HZ3  . LYS A 1 57 ? 7.712   -9.114  4.743   1.00 23.36 ? 59  LYS A HZ3  1 
ATOM   844  N  N    . GLY A 1 58 ? 10.834  -4.033  0.468   1.00 9.26  ? 60  GLY A N    1 
ATOM   845  C  CA   . GLY A 1 58 ? 11.936  -3.388  -0.238  1.00 9.89  ? 60  GLY A CA   1 
ATOM   846  C  C    . GLY A 1 58 ? 11.956  -3.679  -1.726  1.00 11.24 ? 60  GLY A C    1 
ATOM   847  O  O    . GLY A 1 58 ? 12.936  -3.387  -2.376  1.00 11.48 ? 60  GLY A O    1 
ATOM   848  H  H    . GLY A 1 58 ? 10.211  -3.492  0.710   1.00 11.12 ? 60  GLY A H    1 
ATOM   849  H  HA2  . GLY A 1 58 ? 11.874  -2.428  -0.118  1.00 11.87 ? 60  GLY A HA2  1 
ATOM   850  H  HA3  . GLY A 1 58 ? 12.777  -3.688  0.140   1.00 11.87 ? 60  GLY A HA3  1 
ATOM   851  N  N    . ASN A 1 59 ? 10.889  -4.260  -2.272  1.00 11.25 ? 61  ASN A N    1 
ATOM   852  C  CA   . ASN A 1 59 ? 10.923  -4.685  -3.663  1.00 13.65 ? 61  ASN A CA   1 
ATOM   853  C  C    . ASN A 1 59 ? 10.707  -3.537  -4.608  1.00 13.74 ? 61  ASN A C    1 
ATOM   854  O  O    . ASN A 1 59 ? 11.010  -3.632  -5.797  1.00 14.81 ? 61  ASN A O    1 
ATOM   855  C  CB   . ASN A 1 59 ? 9.886   -5.771  -3.929  1.00 16.62 ? 61  ASN A CB   1 
ATOM   856  C  CG   . ASN A 1 59 ? 10.266  -7.098  -3.321  1.00 21.02 ? 61  ASN A CG   1 
ATOM   857  O  OD1  . ASN A 1 59 ? 9.424   -7.803  -2.781  1.00 23.28 ? 61  ASN A OD1  1 
ATOM   858  N  ND2  . ASN A 1 59 ? 11.543  -7.433  -3.379  1.00 23.29 ? 61  ASN A ND2  1 
ATOM   859  H  H    . ASN A 1 59 ? 10.147  -4.417  -1.866  1.00 13.51 ? 61  ASN A H    1 
ATOM   860  H  HA   . ASN A 1 59 ? 11.798  -5.061  -3.851  1.00 16.38 ? 61  ASN A HA   1 
ATOM   861  H  HB2  . ASN A 1 59 ? 9.036   -5.498  -3.547  1.00 19.95 ? 61  ASN A HB2  1 
ATOM   862  H  HB3  . ASN A 1 59 ? 9.795   -5.894  -4.888  1.00 19.95 ? 61  ASN A HB3  1 
ATOM   863  H  HD21 . ASN A 1 59 ? 11.807  -8.181  -3.045  1.00 27.94 ? 61  ASN A HD21 1 
ATOM   864  H  HD22 . ASN A 1 59 ? 12.111  -6.904  -3.749  1.00 27.94 ? 61  ASN A HD22 1 
ATOM   865  N  N    . MET A 1 60 ? 10.199  -2.438  -4.083  1.00 12.00 ? 62  MET A N    1 
ATOM   866  C  CA   . MET A 1 60 ? 9.828   -1.297  -4.925  1.00 12.16 ? 62  MET A CA   1 
ATOM   867  C  C    . MET A 1 60 ? 10.774  -0.140  -4.676  1.00 13.09 ? 62  MET A C    1 
ATOM   868  O  O    . MET A 1 60 ? 10.748  0.488   -3.612  1.00 12.09 ? 62  MET A O    1 
ATOM   869  C  CB   . MET A 1 60 ? 8.390   -0.880  -4.640  1.00 11.81 ? 62  MET A CB   1 
ATOM   870  C  CG   . MET A 1 60 ? 7.912   0.244   -5.462  1.00 13.12 ? 62  MET A CG   1 
ATOM   871  S  SD   . MET A 1 60 ? 6.181   0.491   -5.085  1.00 14.67 ? 62  MET A SD   1 
ATOM   872  C  CE   . MET A 1 60 ? 5.760   1.557   -6.441  1.00 14.71 ? 62  MET A CE   1 
ATOM   873  H  H    . MET A 1 60 ? 10.057  -2.319  -3.243  1.00 14.41 ? 62  MET A H    1 
ATOM   874  H  HA   . MET A 1 60 ? 9.886   -1.559  -5.857  1.00 14.59 ? 62  MET A HA   1 
ATOM   875  H  HB2  . MET A 1 60 ? 7.807   -1.637  -4.808  1.00 14.17 ? 62  MET A HB2  1 
ATOM   876  H  HB3  . MET A 1 60 ? 8.321   -0.616  -3.709  1.00 14.17 ? 62  MET A HB3  1 
ATOM   877  H  HG2  . MET A 1 60 ? 8.402   1.050   -5.239  1.00 15.75 ? 62  MET A HG2  1 
ATOM   878  H  HG3  . MET A 1 60 ? 8.003   0.029   -6.403  1.00 15.75 ? 62  MET A HG3  1 
ATOM   879  H  HE1  . MET A 1 60 ? 4.821   1.791   -6.380  1.00 17.65 ? 62  MET A HE1  1 
ATOM   880  H  HE2  . MET A 1 60 ? 6.305   2.359   -6.393  1.00 17.65 ? 62  MET A HE2  1 
ATOM   881  H  HE3  . MET A 1 60 ? 5.933   1.090   -7.274  1.00 17.65 ? 62  MET A HE3  1 
ATOM   882  N  N    . GLY A 1 61 ? 11.624  0.146   -5.652  1.00 14.07 ? 63  GLY A N    1 
ATOM   883  C  CA   . GLY A 1 61 ? 12.631  1.166   -5.455  1.00 13.87 ? 63  GLY A CA   1 
ATOM   884  C  C    . GLY A 1 61 ? 11.920  2.503   -5.361  1.00 12.76 ? 63  GLY A C    1 
ATOM   885  O  O    . GLY A 1 61 ? 10.921  2.721   -6.043  1.00 12.94 ? 63  GLY A O    1 
ATOM   886  H  H    . GLY A 1 61 ? 11.637  -0.232  -6.425  1.00 16.89 ? 63  GLY A H    1 
ATOM   887  H  HA2  . GLY A 1 61 ? 13.123  1.002   -4.635  1.00 16.64 ? 63  GLY A HA2  1 
ATOM   888  H  HA3  . GLY A 1 61 ? 13.249  1.181   -6.203  1.00 16.64 ? 63  GLY A HA3  1 
ATOM   889  N  N    . GLY A 1 62 ? 12.402  3.371   -4.482  1.00 12.08 ? 64  GLY A N    1 
ATOM   890  C  CA   . GLY A 1 62 ? 11.871  4.721   -4.382  1.00 12.22 ? 64  GLY A CA   1 
ATOM   891  C  C    . GLY A 1 62 ? 10.484  4.791   -3.791  1.00 10.58 ? 64  GLY A C    1 
ATOM   892  O  O    . GLY A 1 62 ? 9.797   5.806   -3.921  1.00 8.92  ? 64  GLY A O    1 
ATOM   893  H  H    . GLY A 1 62 ? 13.038  3.201   -3.929  1.00 14.50 ? 64  GLY A H    1 
ATOM   894  H  HA2  . GLY A 1 62 ? 12.463  5.254   -3.830  1.00 14.66 ? 64  GLY A HA2  1 
ATOM   895  H  HA3  . GLY A 1 62 ? 11.842  5.117   -5.267  1.00 14.66 ? 64  GLY A HA3  1 
ATOM   896  N  N    . ILE A 1 63 ? 10.091  3.730   -3.096  1.00 9.39  ? 65  ILE A N    1 
ATOM   897  C  CA   . ILE A 1 63 ? 8.710   3.615   -2.609  1.00 8.84  ? 65  ILE A CA   1 
ATOM   898  C  C    . ILE A 1 63 ? 8.209   4.841   -1.842  1.00 7.77  ? 65  ILE A C    1 
ATOM   899  O  O    . ILE A 1 63 ? 7.035   5.153   -1.900  1.00 7.69  ? 65  ILE A O    1 
ATOM   900  C  CB   . ILE A 1 63 ? 8.566   2.330   -1.752  1.00 7.06  ? 65  ILE A CB   1 
ATOM   901  C  CG1  . ILE A 1 63 ? 7.085   2.040   -1.405  1.00 7.15  ? 65  ILE A CG1  1 
ATOM   902  C  CG2  . ILE A 1 63 ? 9.451   2.383   -0.494  1.00 8.24  ? 65  ILE A CG2  1 
ATOM   903  C  CD1  . ILE A 1 63 ? 6.898   0.676   -0.794  1.00 7.19  ? 65  ILE A CD1  1 
ATOM   904  H  H    . ILE A 1 63 ? 10.595  3.065   -2.891  1.00 11.27 ? 65  ILE A H    1 
ATOM   905  H  HA   . ILE A 1 63 ? 8.130   3.509   -3.379  1.00 10.61 ? 65  ILE A HA   1 
ATOM   906  H  HB   . ILE A 1 63 ? 8.882   1.589   -2.293  1.00 8.48  ? 65  ILE A HB   1 
ATOM   907  H  HG12 . ILE A 1 63 ? 6.774   2.701   -0.767  1.00 8.58  ? 65  ILE A HG12 1 
ATOM   908  H  HG13 . ILE A 1 63 ? 6.556   2.083   -2.216  1.00 8.58  ? 65  ILE A HG13 1 
ATOM   909  H  HG21 . ILE A 1 63 ? 9.331   1.563   0.011   1.00 9.89  ? 65  ILE A HG21 1 
ATOM   910  H  HG22 . ILE A 1 63 ? 10.378  2.472   -0.765  1.00 9.89  ? 65  ILE A HG22 1 
ATOM   911  H  HG23 . ILE A 1 63 ? 9.188   3.145   0.045   1.00 9.89  ? 65  ILE A HG23 1 
ATOM   912  H  HD11 . ILE A 1 63 ? 5.958   0.546   -0.596  1.00 8.63  ? 65  ILE A HD11 1 
ATOM   913  H  HD12 . ILE A 1 63 ? 7.200   0.003   -1.424  1.00 8.63  ? 65  ILE A HD12 1 
ATOM   914  H  HD13 . ILE A 1 63 ? 7.419   0.622   0.023   1.00 8.63  ? 65  ILE A HD13 1 
ATOM   915  N  N    . LEU A 1 64 ? 9.069   5.536   -1.110  1.00 7.58  ? 66  LEU A N    1 
ATOM   916  C  CA   . LEU A 1 64 ? 8.623   6.702   -0.342  1.00 7.56  ? 66  LEU A CA   1 
ATOM   917  C  C    . LEU A 1 64 ? 7.880   7.720   -1.221  1.00 8.09  ? 66  LEU A C    1 
ATOM   918  O  O    . LEU A 1 64 ? 6.868   8.290   -0.804  1.00 8.69  ? 66  LEU A O    1 
ATOM   919  C  CB   . LEU A 1 64 ? 9.822   7.377   0.349   1.00 10.28 ? 66  LEU A CB   1 
ATOM   920  C  CG   . LEU A 1 64 ? 9.507   8.638   1.172   1.00 12.37 ? 66  LEU A CG   1 
ATOM   921  C  CD1  . LEU A 1 64 ? 8.608   8.296   2.328   1.00 13.28 ? 66  LEU A CD1  1 
ATOM   922  C  CD2  . LEU A 1 64 ? 10.801  9.264   1.682   1.00 13.49 ? 66  LEU A CD2  1 
ATOM   923  H  H    . LEU A 1 64 ? 9.908   5.361   -1.039  1.00 9.10  ? 66  LEU A H    1 
ATOM   924  H  HA   . LEU A 1 64 ? 8.011   6.405   0.349   1.00 9.07  ? 66  LEU A HA   1 
ATOM   925  H  HB2  . LEU A 1 64 ? 10.229  6.733   0.950   1.00 12.34 ? 66  LEU A HB2  1 
ATOM   926  H  HB3  . LEU A 1 64 ? 10.464  7.629   -0.333  1.00 12.34 ? 66  LEU A HB3  1 
ATOM   927  H  HG   . LEU A 1 64 ? 9.052   9.286   0.610   1.00 14.84 ? 66  LEU A HG   1 
ATOM   928  H  HD11 . LEU A 1 64 ? 8.423   9.103   2.832   1.00 15.93 ? 66  LEU A HD11 1 
ATOM   929  H  HD12 . LEU A 1 64 ? 7.782   7.921   1.985   1.00 15.93 ? 66  LEU A HD12 1 
ATOM   930  H  HD13 . LEU A 1 64 ? 9.056   7.647   2.894   1.00 15.93 ? 66  LEU A HD13 1 
ATOM   931  H  HD21 . LEU A 1 64 ? 10.586  10.058  2.197   1.00 16.19 ? 66  LEU A HD21 1 
ATOM   932  H  HD22 . LEU A 1 64 ? 11.264  8.620   2.241   1.00 16.19 ? 66  LEU A HD22 1 
ATOM   933  H  HD23 . LEU A 1 64 ? 11.356  9.504   0.923   1.00 16.19 ? 66  LEU A HD23 1 
ATOM   934  N  N    . HIS A 1 65 ? 8.364   7.920   -2.442  1.00 8.62  ? 67  HIS A N    1 
ATOM   935  C  CA   . HIS A 1 65 ? 7.696   8.826   -3.383  1.00 9.72  ? 67  HIS A CA   1 
ATOM   936  C  C    . HIS A 1 65 ? 6.898   8.083   -4.458  1.00 9.52  ? 67  HIS A C    1 
ATOM   937  O  O    . HIS A 1 65 ? 5.950   8.635   -5.015  1.00 9.80  ? 67  HIS A O    1 
ATOM   938  C  CB   . HIS A 1 65 ? 8.741   9.737   -4.039  1.00 10.42 ? 67  HIS A CB   1 
ATOM   939  C  CG   . HIS A 1 65 ? 9.541   9.077   -5.129  1.00 9.02  ? 67  HIS A CG   1 
ATOM   940  N  ND1  . HIS A 1 65 ? 10.805  8.559   -4.922  1.00 9.24  ? 67  HIS A ND1  1 
ATOM   941  C  CD2  . HIS A 1 65 ? 9.268   8.885   -6.447  1.00 9.10  ? 67  HIS A CD2  1 
ATOM   942  C  CE1  . HIS A 1 65 ? 11.259  8.044   -6.059  1.00 9.01  ? 67  HIS A CE1  1 
ATOM   943  N  NE2  . HIS A 1 65 ? 10.352  8.244   -7.000  1.00 8.59  ? 67  HIS A NE2  1 
ATOM   944  H  H    . HIS A 1 65 ? 9.073   7.547   -2.752  1.00 10.34 ? 67  HIS A H    1 
ATOM   945  H  HA   . HIS A 1 65 ? 7.078   9.389   -2.891  1.00 11.67 ? 67  HIS A HA   1 
ATOM   946  H  HB2  . HIS A 1 65 ? 8.288   10.501  -4.428  1.00 12.50 ? 67  HIS A HB2  1 
ATOM   947  H  HB3  . HIS A 1 65 ? 9.363   10.037  -3.358  1.00 12.50 ? 67  HIS A HB3  1 
ATOM   948  H  HD1  . HIS A 1 65 ? 11.221  8.547   -4.169  1.00 11.08 ? 67  HIS A HD1  1 
ATOM   949  H  HD2  . HIS A 1 65 ? 8.489   9.134   -6.889  1.00 10.91 ? 67  HIS A HD2  1 
ATOM   950  H  HE1  . HIS A 1 65 ? 12.086  7.637   -6.178  1.00 10.81 ? 67  HIS A HE1  1 
ATOM   951  N  N    . ALA A 1 66 ? 7.275   6.839   -4.757  1.00 8.40  ? 68  ALA A N    1 
ATOM   952  C  CA   . ALA A 1 66 ? 6.663   6.099   -5.868  1.00 8.80  ? 68  ALA A CA   1 
ATOM   953  C  C    . ALA A 1 66 ? 5.335   5.418   -5.527  1.00 8.80  ? 68  ALA A C    1 
ATOM   954  O  O    . ALA A 1 66 ? 4.618   4.983   -6.431  1.00 8.82  ? 68  ALA A O    1 
ATOM   955  C  CB   . ALA A 1 66 ? 7.648   5.049   -6.408  1.00 9.09  ? 68  ALA A CB   1 
ATOM   956  H  H    . ALA A 1 66 ? 7.883   6.401   -4.336  1.00 10.08 ? 68  ALA A H    1 
ATOM   957  H  HA   . ALA A 1 66 ? 6.487   6.726   -6.587  1.00 10.56 ? 68  ALA A HA   1 
ATOM   958  H  HB1  . ALA A 1 66 ? 7.228   4.571   -7.140  1.00 10.91 ? 68  ALA A HB1  1 
ATOM   959  H  HB2  . ALA A 1 66 ? 8.448   5.500   -6.723  1.00 10.91 ? 68  ALA A HB2  1 
ATOM   960  H  HB3  . ALA A 1 66 ? 7.874   4.432   -5.695  1.00 10.91 ? 68  ALA A HB3  1 
ATOM   961  N  N    . LEU A 1 67 ? 5.025   5.283   -4.239  1.00 7.38  ? 69  LEU A N    1 
ATOM   962  C  CA   . LEU A 1 67 ? 3.747   4.694   -3.796  1.00 7.42  ? 69  LEU A CA   1 
ATOM   963  C  C    . LEU A 1 67 ? 3.069   5.651   -2.838  1.00 7.98  ? 69  LEU A C    1 
ATOM   964  O  O    . LEU A 1 67 ? 3.342   5.616   -1.632  1.00 7.67  ? 69  LEU A O    1 
ATOM   965  C  CB   . LEU A 1 67 ? 3.974   3.337   -3.102  1.00 8.92  ? 69  LEU A CB   1 
ATOM   966  C  CG   . LEU A 1 67 ? 2.723   2.538   -2.745  1.00 9.33  ? 69  LEU A CG   1 
ATOM   967  C  CD1  . LEU A 1 67 ? 1.934   2.227   -3.982  1.00 9.10  ? 69  LEU A CD1  1 
ATOM   968  C  CD2  . LEU A 1 67 ? 3.081   1.237   -2.047  1.00 9.74  ? 69  LEU A CD2  1 
ATOM   969  H  H    . LEU A 1 67 ? 5.537   5.526   -3.592  1.00 8.86  ? 69  LEU A H    1 
ATOM   970  H  HA   . LEU A 1 67 ? 3.167   4.558   -4.562  1.00 8.90  ? 69  LEU A HA   1 
ATOM   971  H  HB2  . LEU A 1 67 ? 4.511   2.783   -3.688  1.00 10.70 ? 69  LEU A HB2  1 
ATOM   972  H  HB3  . LEU A 1 67 ? 4.459   3.496   -2.276  1.00 10.70 ? 69  LEU A HB3  1 
ATOM   973  H  HG   . LEU A 1 67 ? 2.164   3.061   -2.149  1.00 11.19 ? 69  LEU A HG   1 
ATOM   974  H  HD11 . LEU A 1 67 ? 1.146   1.720   -3.733  1.00 10.93 ? 69  LEU A HD11 1 
ATOM   975  H  HD12 . LEU A 1 67 ? 1.673   3.058   -4.407  1.00 10.93 ? 69  LEU A HD12 1 
ATOM   976  H  HD13 . LEU A 1 67 ? 2.487   1.706   -4.585  1.00 10.93 ? 69  LEU A HD13 1 
ATOM   977  H  HD21 . LEU A 1 67 ? 2.264   0.758   -1.837  1.00 11.69 ? 69  LEU A HD21 1 
ATOM   978  H  HD22 . LEU A 1 67 ? 3.635   0.704   -2.639  1.00 11.69 ? 69  LEU A HD22 1 
ATOM   979  H  HD23 . LEU A 1 67 ? 3.565   1.439   -1.232  1.00 11.69 ? 69  LEU A HD23 1 
ATOM   980  N  N    . ALA A 1 68 ? 2.217   6.527   -3.369  1.00 7.46  ? 70  ALA A N    1 
ATOM   981  C  CA   . ALA A 1 68 ? 1.500   7.510   -2.543  1.00 7.87  ? 70  ALA A CA   1 
ATOM   982  C  C    . ALA A 1 68 ? 0.371   6.802   -1.821  1.00 9.23  ? 70  ALA A C    1 
ATOM   983  O  O    . ALA A 1 68 ? -0.414  6.108   -2.472  1.00 11.38 ? 70  ALA A O    1 
ATOM   984  C  CB   . ALA A 1 68 ? 0.961   8.633   -3.407  1.00 7.56  ? 70  ALA A CB   1 
ATOM   985  H  H    . ALA A 1 68 ? 2.033   6.576   -4.207  1.00 8.95  ? 70  ALA A H    1 
ATOM   986  H  HA   . ALA A 1 68 ? 2.105   7.887   -1.884  1.00 9.45  ? 70  ALA A HA   1 
ATOM   987  H  HB1  . ALA A 1 68 ? 0.494   9.268   -2.842  1.00 9.07  ? 70  ALA A HB1  1 
ATOM   988  H  HB2  . ALA A 1 68 ? 1.702   9.070   -3.854  1.00 9.07  ? 70  ALA A HB2  1 
ATOM   989  H  HB3  . ALA A 1 68 ? 0.351   8.261   -4.062  1.00 9.07  ? 70  ALA A HB3  1 
ATOM   990  N  N    . LEU A 1 69 ? 0.262   6.976   -0.500  1.00 6.70  ? 71  LEU A N    1 
ATOM   991  C  CA   . LEU A 1 69 ? -0.624  6.139   0.302   1.00 7.30  ? 71  LEU A CA   1 
ATOM   992  C  C    . LEU A 1 69 ? -1.812  6.848   0.922   1.00 7.89  ? 71  LEU A C    1 
ATOM   993  O  O    . LEU A 1 69 ? -1.692  7.964   1.393   1.00 7.49  ? 71  LEU A O    1 
ATOM   994  C  CB   . LEU A 1 69 ? 0.181   5.487   1.424   1.00 9.14  ? 71  LEU A CB   1 
ATOM   995  C  CG   . LEU A 1 69 ? 1.240   4.491   0.966   1.00 10.74 ? 71  LEU A CG   1 
ATOM   996  C  CD1  . LEU A 1 69 ? 2.083   4.027   2.168   1.00 10.48 ? 71  LEU A CD1  1 
ATOM   997  C  CD2  . LEU A 1 69 ? 0.557   3.292   0.298   1.00 12.94 ? 71  LEU A CD2  1 
ATOM   998  H  H    . LEU A 1 69 ? 0.691   7.570   -0.049  1.00 8.04  ? 71  LEU A H    1 
ATOM   999  H  HA   . LEU A 1 69 ? -0.971  5.430   -0.262  1.00 8.76  ? 71  LEU A HA   1 
ATOM   1000 H  HB2  . LEU A 1 69 ? 0.633   6.184   1.924   1.00 10.96 ? 71  LEU A HB2  1 
ATOM   1001 H  HB3  . LEU A 1 69 ? -0.432  5.014   2.008   1.00 10.96 ? 71  LEU A HB3  1 
ATOM   1002 H  HG   . LEU A 1 69 ? 1.827   4.913   0.320   1.00 12.88 ? 71  LEU A HG   1 
ATOM   1003 H  HD11 . LEU A 1 69 ? 1.499   3.603   2.817   1.00 12.57 ? 71  LEU A HD11 1 
ATOM   1004 H  HD12 . LEU A 1 69 ? 2.750   3.395   1.859   1.00 12.57 ? 71  LEU A HD12 1 
ATOM   1005 H  HD13 . LEU A 1 69 ? 2.515   4.799   2.566   1.00 12.57 ? 71  LEU A HD13 1 
ATOM   1006 H  HD21 . LEU A 1 69 ? 1.236   2.663   0.009   1.00 15.52 ? 71  LEU A HD21 1 
ATOM   1007 H  HD22 . LEU A 1 69 ? -0.036  2.869   0.939   1.00 15.52 ? 71  LEU A HD22 1 
ATOM   1008 H  HD23 . LEU A 1 69 ? 0.048   3.605   -0.467  1.00 15.52 ? 71  LEU A HD23 1 
ATOM   1009 N  N    . GLN A 1 70 ? -2.948  6.153   0.938   1.00 7.87  ? 72  GLN A N    1 
ATOM   1010 C  CA   . GLN A 1 70 ? -4.103  6.529   1.734   1.00 9.64  ? 72  GLN A CA   1 
ATOM   1011 C  C    . GLN A 1 70 ? -4.556  5.285   2.500   1.00 9.05  ? 72  GLN A C    1 
ATOM   1012 O  O    . GLN A 1 70 ? -4.875  4.257   1.889   1.00 9.26  ? 72  GLN A O    1 
ATOM   1013 C  CB   . GLN A 1 70 ? -5.229  7.066   0.868   1.00 14.13 ? 72  GLN A CB   1 
ATOM   1014 C  CG   . GLN A 1 70 ? -6.529  7.276   1.634   1.00 21.71 ? 72  GLN A CG   1 
ATOM   1015 C  CD   . GLN A 1 70 ? -7.606  7.930   0.780   1.00 27.85 ? 72  GLN A CD   1 
ATOM   1016 O  OE1  . GLN A 1 70 ? -7.371  8.936   0.121   1.00 29.00 ? 72  GLN A OE1  1 
ATOM   1017 N  NE2  . GLN A 1 70 ? -8.792  7.345   0.778   1.00 31.55 ? 72  GLN A NE2  1 
ATOM   1018 H  H    . GLN A 1 70 ? -3.073  5.437   0.479   1.00 9.44  ? 72  GLN A H    1 
ATOM   1019 H  HA   . GLN A 1 70 ? -3.851  7.213   2.373   1.00 11.56 ? 72  GLN A HA   1 
ATOM   1020 H  HB2  . GLN A 1 70 ? -4.960  7.921   0.497   1.00 16.95 ? 72  GLN A HB2  1 
ATOM   1021 H  HB3  . GLN A 1 70 ? -5.403  6.435   0.152   1.00 16.95 ? 72  GLN A HB3  1 
ATOM   1022 H  HG2  . GLN A 1 70 ? -6.864  6.416   1.933   1.00 26.05 ? 72  GLN A HG2  1 
ATOM   1023 H  HG3  . GLN A 1 70 ? -6.359  7.850   2.398   1.00 26.05 ? 72  GLN A HG3  1 
ATOM   1024 H  HE21 . GLN A 1 70 ? -8.921  6.633   1.243   1.00 37.86 ? 72  GLN A HE21 1 
ATOM   1025 H  HE22 . GLN A 1 70 ? -9.434  7.675   0.312   1.00 37.86 ? 72  GLN A HE22 1 
ATOM   1026 N  N    . THR A 1 71 ? -4.543  5.350   3.826   1.00 7.03  ? 73  THR A N    1 
ATOM   1027 C  CA   . THR A 1 71 ? -4.889  4.182   4.616   1.00 6.12  ? 73  THR A CA   1 
ATOM   1028 C  C    . THR A 1 71 ? -5.992  4.527   5.583   1.00 7.03  ? 73  THR A C    1 
ATOM   1029 O  O    . THR A 1 71 ? -6.136  5.690   5.975   1.00 5.82  ? 73  THR A O    1 
ATOM   1030 C  CB   . THR A 1 71 ? -3.695  3.664   5.354   1.00 6.91  ? 73  THR A CB   1 
ATOM   1031 O  OG1  . THR A 1 71 ? -3.083  4.760   6.038   1.00 7.94  ? 73  THR A OG1  1 
ATOM   1032 C  CG2  . THR A 1 71 ? -2.709  3.070   4.383   1.00 7.76  ? 73  THR A CG2  1 
ATOM   1033 H  H    . THR A 1 71 ? -4.341  6.048   4.284   1.00 8.44  ? 73  THR A H    1 
ATOM   1034 H  HA   . THR A 1 71 ? -5.209  3.481   4.027   1.00 7.34  ? 73  THR A HA   1 
ATOM   1035 H  HB   . THR A 1 71 ? -3.964  2.983   5.990   1.00 8.29  ? 73  THR A HB   1 
ATOM   1036 H  HG1  . THR A 1 71 ? -3.627  5.100   6.580   1.00 9.53  ? 73  THR A HG1  1 
ATOM   1037 H  HG21 . THR A 1 71 ? -1.934  2.735   4.861   1.00 9.31  ? 73  THR A HG21 1 
ATOM   1038 H  HG22 . THR A 1 71 ? -3.121  2.339   3.898   1.00 9.31  ? 73  THR A HG22 1 
ATOM   1039 H  HG23 . THR A 1 71 ? -2.420  3.745   3.749   1.00 9.31  ? 73  THR A HG23 1 
ATOM   1040 N  N    . SER A 1 72 ? -6.791  3.514   5.924   1.00 7.34  ? 74  SER A N    1 
ATOM   1041 C  CA   . SER A 1 72 ? -7.880  3.651   6.870   1.00 6.87  ? 74  SER A CA   1 
ATOM   1042 C  C    . SER A 1 72 ? -8.309  2.298   7.412   1.00 7.55  ? 74  SER A C    1 
ATOM   1043 O  O    . SER A 1 72 ? -7.971  1.243   6.870   1.00 7.62  ? 74  SER A O    1 
ATOM   1044 C  CB   . SER A 1 72 ? -9.079  4.354   6.222   1.00 7.08  ? 74  SER A CB   1 
ATOM   1045 O  OG   . SER A 1 72 ? -9.511  3.641   5.068   1.00 8.21  ? 74  SER A OG   1 
ATOM   1046 H  H    . SER A 1 72 ? -6.714  2.718   5.606   1.00 8.81  ? 74  SER A H    1 
ATOM   1047 H  HA   . SER A 1 72 ? -7.583  4.193   7.617   1.00 8.25  ? 74  SER A HA   1 
ATOM   1048 H  HB2  . SER A 1 72 ? -9.807  4.392   6.861   1.00 8.49  ? 74  SER A HB2  1 
ATOM   1049 H  HB3  . SER A 1 72 ? -8.817  5.251   5.961   1.00 8.49  ? 74  SER A HB3  1 
ATOM   1050 H  HG   . SER A 1 72 ? -9.739  2.861   5.280   1.00 9.86  ? 74  SER A HG   1 
ATOM   1051 N  N    . ALA A 1 73 ? -9.057  2.334   8.508   1.00 8.81  ? 75  ALA A N    1 
ATOM   1052 C  CA   . ALA A 1 73 ? -9.707  1.147   9.051   1.00 9.05  ? 75  ALA A CA   1 
ATOM   1053 C  C    . ALA A 1 73 ? -11.065 0.980   8.370   1.00 8.20  ? 75  ALA A C    1 
ATOM   1054 O  O    . ALA A 1 73 ? -11.660 1.964   7.954   1.00 7.10  ? 75  ALA A O    1 
ATOM   1055 C  CB   . ALA A 1 73 ? -9.875  1.264   10.566  1.00 9.80  ? 75  ALA A CB   1 
ATOM   1056 H  H    . ALA A 1 73 ? -9.207  3.048   8.964   1.00 10.57 ? 75  ALA A H    1 
ATOM   1057 H  HA   . ALA A 1 73 ? -9.167  0.365   8.858   1.00 10.86 ? 75  ALA A HA   1 
ATOM   1058 H  HB1  . ALA A 1 73 ? -10.309 0.462   10.899  1.00 11.76 ? 75  ALA A HB1  1 
ATOM   1059 H  HB2  . ALA A 1 73 ? -9.000  1.360   10.974  1.00 11.76 ? 75  ALA A HB2  1 
ATOM   1060 H  HB3  . ALA A 1 73 ? -10.420 2.042   10.764  1.00 11.76 ? 75  ALA A HB3  1 
ATOM   1061 N  N    . PRO A 1 74 ? -11.557 -0.266  8.257   1.00 7.98  ? 76  PRO A N    1 
ATOM   1062 C  CA   . PRO A 1 74 ? -12.825 -0.478  7.557   1.00 7.76  ? 76  PRO A CA   1 
ATOM   1063 C  C    . PRO A 1 74 ? -14.012 0.295   8.146   1.00 8.93  ? 76  PRO A C    1 
ATOM   1064 O  O    . PRO A 1 74 ? -14.166 0.402   9.371   1.00 8.54  ? 76  PRO A O    1 
ATOM   1065 C  CB   . PRO A 1 74 ? -13.046 -1.989  7.692   1.00 8.53  ? 76  PRO A CB   1 
ATOM   1066 C  CG   . PRO A 1 74 ? -11.668 -2.562  7.896   1.00 8.64  ? 76  PRO A CG   1 
ATOM   1067 C  CD   . PRO A 1 74 ? -10.933 -1.543  8.670   1.00 7.14  ? 76  PRO A CD   1 
ATOM   1068 H  HA   . PRO A 1 74 ? -12.731 -0.251  6.618   1.00 9.32  ? 76  PRO A HA   1 
ATOM   1069 H  HB2  . PRO A 1 74 ? -13.611 -2.170  8.459   1.00 10.23 ? 76  PRO A HB2  1 
ATOM   1070 H  HB3  . PRO A 1 74 ? -13.447 -2.336  6.880   1.00 10.23 ? 76  PRO A HB3  1 
ATOM   1071 H  HG2  . PRO A 1 74 ? -11.729 -3.392  8.393   1.00 10.37 ? 76  PRO A HG2  1 
ATOM   1072 H  HG3  . PRO A 1 74 ? -11.245 -2.708  7.035   1.00 10.37 ? 76  PRO A HG3  1 
ATOM   1073 H  HD2  . PRO A 1 74 ? -11.058 -1.688  9.621   1.00 8.57  ? 76  PRO A HD2  1 
ATOM   1074 H  HD3  . PRO A 1 74 ? -9.993  -1.551  8.431   1.00 8.57  ? 76  PRO A HD3  1 
ATOM   1075 N  N    . GLU A 1 75 ? -14.834 0.830   7.251   1.00 10.98 ? 77  GLU A N    1 
ATOM   1076 C  CA   . GLU A 1 75 ? -16.112 1.449   7.592   1.00 14.53 ? 77  GLU A CA   1 
ATOM   1077 C  C    . GLU A 1 75 ? -17.221 0.415   7.493   1.00 18.83 ? 77  GLU A C    1 
ATOM   1078 O  O    . GLU A 1 75 ? -18.244 0.507   8.172   1.00 19.94 ? 77  GLU A O    1 
ATOM   1079 C  CB   . GLU A 1 75 ? -16.441 2.590   6.636   1.00 13.70 ? 77  GLU A CB   1 
ATOM   1080 C  CG   . GLU A 1 75 ? -15.427 3.710   6.616   1.00 13.92 ? 77  GLU A CG   1 
ATOM   1081 C  CD   . GLU A 1 75 ? -15.868 4.937   7.398   1.00 13.16 ? 77  GLU A CD   1 
ATOM   1082 O  OE1  . GLU A 1 75 ? -15.093 5.925   7.361   1.00 10.62 ? 77  GLU A OE1  1 
ATOM   1083 O  OE2  . GLU A 1 75 ? -16.979 4.923   8.021   1.00 13.87 ? 77  GLU A OE2  1 
ATOM   1084 O  OXT  . GLU A 1 75 ? -17.112 -0.522  6.683   1.00 20.72 ? 77  GLU A OXT  1 
ATOM   1085 H  H    . GLU A 1 75 ? -14.666 0.846   6.408   1.00 13.18 ? 77  GLU A H    1 
ATOM   1086 H  HA   . GLU A 1 75 ? -16.082 1.795   8.498   1.00 17.44 ? 77  GLU A HA   1 
ATOM   1087 H  HB2  . GLU A 1 75 ? -16.502 2.232   5.736   1.00 16.44 ? 77  GLU A HB2  1 
ATOM   1088 H  HB3  . GLU A 1 75 ? -17.295 2.972   6.894   1.00 16.44 ? 77  GLU A HB3  1 
ATOM   1089 H  HG2  . GLU A 1 75 ? -14.599 3.390   7.005   1.00 16.70 ? 77  GLU A HG2  1 
ATOM   1090 H  HG3  . GLU A 1 75 ? -15.277 3.981   5.696   1.00 16.70 ? 77  GLU A HG3  1 
HETATM 1091 CO CO   . CO  B 2 .  ? 10.465  7.852   -9.128  1.00 10.15 ? 101 CO  A CO   1 
HETATM 1092 O  O    . HOH C 3 .  ? 7.504   -5.978  -10.636 1.00 37.86 ? 201 HOH A O    1 
HETATM 1093 O  O    . HOH C 3 .  ? 0.306   1.053   -16.242 1.00 28.35 ? 202 HOH A O    1 
HETATM 1094 O  O    . HOH C 3 .  ? 7.333   -7.814  5.601   1.00 28.30 ? 203 HOH A O    1 
HETATM 1095 O  O    . HOH C 3 .  ? 10.979  7.717   -11.431 1.00 17.97 ? 204 HOH A O    1 
HETATM 1096 O  O    . HOH C 3 .  ? -12.684 5.704   6.547   1.00 9.77  ? 205 HOH A O    1 
HETATM 1097 O  O    . HOH C 3 .  ? -13.511 -4.749  9.872   1.00 17.99 ? 206 HOH A O    1 
HETATM 1098 O  O    . HOH C 3 .  ? -8.508  4.613   2.859   1.00 18.64 ? 207 HOH A O    1 
HETATM 1099 O  O    . HOH C 3 .  ? 3.031   -3.874  -9.623  1.00 16.08 ? 208 HOH A O    1 
HETATM 1100 O  O    . HOH C 3 .  ? 10.235  5.609   -9.002  1.00 11.72 ? 209 HOH A O    1 
HETATM 1101 O  O    . HOH C 3 .  ? 5.260   8.383   4.290   1.00 16.48 ? 210 HOH A O    1 
HETATM 1102 O  O    . HOH C 3 .  ? -6.316  -8.471  -5.267  1.00 14.16 ? 211 HOH A O    1 
HETATM 1103 O  O    . HOH C 3 .  ? -18.646 -2.611  6.198   1.00 15.20 ? 212 HOH A O    1 
HETATM 1104 O  O    . HOH C 3 .  ? 4.760   6.813   0.337   1.00 10.00 ? 213 HOH A O    1 
HETATM 1105 O  O    . HOH C 3 .  ? 2.776   8.883   3.353   1.00 27.11 ? 214 HOH A O    1 
HETATM 1106 O  O    . HOH C 3 .  ? 10.340  1.386   -8.268  1.00 27.23 ? 215 HOH A O    1 
HETATM 1107 O  O    . HOH C 3 .  ? 9.947   -1.292  -1.682  1.00 10.74 ? 216 HOH A O    1 
HETATM 1108 O  O    . HOH C 3 .  ? 12.447  -8.603  -0.368  1.00 20.09 ? 217 HOH A O    1 
HETATM 1109 O  O    . HOH C 3 .  ? 4.209   -9.046  1.209   1.00 9.06  ? 218 HOH A O    1 
HETATM 1110 O  O    . HOH C 3 .  ? -2.777  -12.540 -7.089  1.00 10.00 ? 219 HOH A O    1 
HETATM 1111 O  O    . HOH C 3 .  ? 7.305   4.796   10.663  1.00 4.37  ? 220 HOH A O    1 
HETATM 1112 O  O    . HOH C 3 .  ? -12.131 3.068   5.522   1.00 9.24  ? 221 HOH A O    1 
HETATM 1113 O  O    . HOH C 3 .  ? 0.761   -6.854  8.592   1.00 24.66 ? 222 HOH A O    1 
HETATM 1114 O  O    . HOH C 3 .  ? -9.119  -3.640  15.503  1.00 15.75 ? 223 HOH A O    1 
HETATM 1115 O  O    . HOH C 3 .  ? -3.504  4.377   -14.626 1.00 21.24 ? 224 HOH A O    1 
HETATM 1116 O  O    . HOH C 3 .  ? -6.606  -2.482  15.070  1.00 9.17  ? 225 HOH A O    1 
HETATM 1117 O  O    . HOH C 3 .  ? 2.710   -11.233 -7.329  1.00 12.56 ? 226 HOH A O    1 
HETATM 1118 O  O    . HOH C 3 .  ? -4.123  -8.002  9.085   1.00 17.01 ? 227 HOH A O    1 
HETATM 1119 O  O    . HOH C 3 .  ? -9.156  -0.152  -1.330  1.00 14.77 ? 228 HOH A O    1 
HETATM 1120 O  O    . HOH C 3 .  ? -4.919  7.300   7.840   1.00 11.06 ? 229 HOH A O    1 
HETATM 1121 O  O    . HOH C 3 .  ? -15.505 -2.254  5.277   1.00 18.24 ? 230 HOH A O    1 
HETATM 1122 O  O    . HOH C 3 .  ? 5.819   10.492  0.486   1.00 11.40 ? 232 HOH A O    1 
HETATM 1123 O  O    . HOH C 3 .  ? 9.372   -1.569  1.018   1.00 6.98  ? 233 HOH A O    1 
HETATM 1124 O  O    . HOH C 3 .  ? -1.610  4.908   17.489  1.00 3.99  ? 234 HOH A O    1 
HETATM 1125 O  O    . HOH C 3 .  ? 5.727   5.680   8.316   1.00 9.61  ? 235 HOH A O    1 
HETATM 1126 O  O    . HOH C 3 .  ? -4.115  -1.507  -10.429 1.00 8.50  ? 236 HOH A O    1 
HETATM 1127 O  O    . HOH C 3 .  ? -6.263  -6.233  9.052   1.00 14.18 ? 237 HOH A O    1 
HETATM 1128 O  O    . HOH C 3 .  ? -17.926 5.533   10.562  1.00 12.85 ? 238 HOH A O    1 
HETATM 1129 O  O    . HOH C 3 .  ? -6.480  -2.101  -7.568  1.00 6.31  ? 239 HOH A O    1 
HETATM 1130 O  O    . HOH C 3 .  ? -3.839  -9.470  -4.539  1.00 6.63  ? 240 HOH A O    1 
HETATM 1131 O  O    . HOH C 3 .  ? -12.433 3.352   14.044  1.00 5.40  ? 241 HOH A O    1 
HETATM 1132 O  O    . HOH C 3 .  ? -7.832  -9.273  1.669   1.00 22.72 ? 242 HOH A O    1 
HETATM 1133 O  O    . HOH C 3 .  ? -8.600  -5.349  -2.960  1.00 16.16 ? 243 HOH A O    1 
HETATM 1134 O  O    . HOH C 3 .  ? 3.243   0.383   12.420  1.00 15.33 ? 244 HOH A O    1 
HETATM 1135 O  O    . HOH C 3 .  ? 5.291   -1.968  -11.078 1.00 20.38 ? 245 HOH A O    1 
HETATM 1136 O  O    . HOH C 3 .  ? -5.761  8.218   -5.782  1.00 33.86 ? 246 HOH A O    1 
HETATM 1137 O  O    . HOH C 3 .  ? 3.089   -5.368  7.119   1.00 15.06 ? 247 HOH A O    1 
HETATM 1138 O  O    . HOH C 3 .  ? 3.075   8.774   -18.811 1.00 18.99 ? 248 HOH A O    1 
HETATM 1139 O  O    . HOH C 3 .  ? 7.995   4.698   7.156   1.00 7.58  ? 249 HOH A O    1 
HETATM 1140 O  O    . HOH C 3 .  ? -16.519 -1.401  9.376   1.00 36.98 ? 250 HOH A O    1 
HETATM 1141 O  O    . HOH C 3 .  ? -7.218  8.202   5.201   1.00 22.67 ? 251 HOH A O    1 
HETATM 1142 O  O    . HOH C 3 .  ? -0.583  3.966   -19.683 1.00 21.00 ? 252 HOH A O    1 
HETATM 1143 O  O    . HOH C 3 .  ? 8.083   1.534   -9.358  1.00 22.86 ? 253 HOH A O    1 
HETATM 1144 O  O    . HOH C 3 .  ? 2.419   8.494   0.602   1.00 17.87 ? 254 HOH A O    1 
HETATM 1145 O  O    . HOH C 3 .  ? -3.653  -3.910  -8.970  1.00 10.01 ? 255 HOH A O    1 
HETATM 1146 O  O    . HOH C 3 .  ? -9.032  -6.194  7.544   1.00 8.39  ? 256 HOH A O    1 
HETATM 1147 O  O    . HOH C 3 .  ? -3.459  7.697   5.067   1.00 7.65  ? 257 HOH A O    1 
HETATM 1148 O  O    . HOH C 3 .  ? 3.478   8.274   -6.457  1.00 12.68 ? 258 HOH A O    1 
HETATM 1149 O  O    . HOH C 3 .  ? -11.386 -8.127  3.760   1.00 13.02 ? 259 HOH A O    1 
HETATM 1150 O  O    . HOH C 3 .  ? -4.164  -0.155  17.317  1.00 19.01 ? 260 HOH A O    1 
HETATM 1151 O  O    . HOH C 3 .  ? -9.967  -7.508  -0.877  1.00 31.73 ? 261 HOH A O    1 
HETATM 1152 O  O    . HOH C 3 .  ? 0.611   -2.955  -10.574 1.00 18.06 ? 262 HOH A O    1 
HETATM 1153 O  O    . HOH C 3 .  ? 4.970   4.185   16.878  1.00 18.56 ? 263 HOH A O    1 
HETATM 1154 O  O    . HOH C 3 .  ? -4.220  7.175   -12.644 1.00 29.79 ? 264 HOH A O    1 
HETATM 1155 O  O    . HOH C 3 .  ? 3.555   -9.636  7.147   1.00 34.27 ? 265 HOH A O    1 
HETATM 1156 O  O    . HOH C 3 .  ? 7.578   8.586   -13.919 1.00 26.71 ? 266 HOH A O    1 
HETATM 1157 O  O    . HOH C 3 .  ? -5.137  9.853   8.366   1.00 6.89  ? 267 HOH A O    1 
HETATM 1158 O  O    . HOH C 3 .  ? -14.045 1.264   4.354   1.00 14.24 ? 268 HOH A O    1 
HETATM 1159 O  O    . HOH C 3 .  ? -0.701  -3.872  -8.178  1.00 9.27  ? 269 HOH A O    1 
HETATM 1160 O  O    . HOH C 3 .  ? 12.016  5.140   -0.680  1.00 10.28 ? 270 HOH A O    1 
HETATM 1161 O  O    . HOH C 3 .  ? 8.603   -10.333 -1.345  1.00 27.75 ? 271 HOH A O    1 
HETATM 1162 O  O    . HOH C 3 .  ? -0.294  10.649  1.367   1.00 37.45 ? 272 HOH A O    1 
HETATM 1163 O  O    . HOH C 3 .  ? 11.300  -6.042  -7.620  1.00 32.80 ? 273 HOH A O    1 
HETATM 1164 O  O    . HOH C 3 .  ? 4.955   -11.294 5.573   1.00 20.57 ? 274 HOH A O    1 
HETATM 1165 O  O    . HOH C 3 .  ? -8.706  -10.555 -1.281  1.00 26.89 ? 275 HOH A O    1 
HETATM 1166 O  O    . HOH C 3 .  ? 6.618   5.637   -18.598 1.00 36.42 ? 276 HOH A O    1 
HETATM 1167 O  O    . HOH C 3 .  ? 15.109  2.942   -3.067  1.00 32.10 ? 277 HOH A O    1 
HETATM 1168 O  O    . HOH C 3 .  ? 3.652   -12.073 -11.192 1.00 36.69 ? 278 HOH A O    1 
HETATM 1169 O  O    . HOH C 3 .  ? 0.700   3.484   19.521  1.00 28.55 ? 279 HOH A O    1 
HETATM 1170 O  O    . HOH C 3 .  ? 13.424  2.886   -1.393  1.00 36.78 ? 280 HOH A O    1 
HETATM 1171 O  O    . HOH C 3 .  ? 15.267  -5.313  -0.864  1.00 35.02 ? 281 HOH A O    1 
HETATM 1172 O  O    . HOH C 3 .  ? 12.781  7.035   -9.038  1.00 17.26 ? 282 HOH A O    1 
HETATM 1173 O  O    . HOH C 3 .  ? 4.629   -2.043  11.734  1.00 36.36 ? 283 HOH A O    1 
HETATM 1174 O  O    . HOH C 3 .  ? -15.521 -3.295  10.885  1.00 22.02 ? 284 HOH A O    1 
HETATM 1175 O  O    . HOH C 3 .  ? 4.440   -7.450  5.887   1.00 17.49 ? 285 HOH A O    1 
HETATM 1176 O  O    . HOH C 3 .  ? -17.613 0.384   3.261   1.00 26.11 ? 286 HOH A O    1 
HETATM 1177 O  O    . HOH C 3 .  ? -10.940 -2.648  -2.652  1.00 34.90 ? 287 HOH A O    1 
HETATM 1178 O  O    . HOH C 3 .  ? -7.673  11.211  -11.111 1.00 24.78 ? 288 HOH A O    1 
HETATM 1179 O  O    . HOH C 3 .  ? 5.407   4.291   12.703  1.00 7.71  ? 289 HOH A O    1 
HETATM 1180 O  O    . HOH C 3 .  ? 3.340   -11.639 -2.309  1.00 18.62 ? 290 HOH A O    1 
HETATM 1181 O  O    . HOH C 3 .  ? 12.250  5.120   -8.977  1.00 33.90 ? 291 HOH A O    1 
HETATM 1182 O  O    . HOH C 3 .  ? -2.766  -0.220  -12.425 1.00 22.64 ? 292 HOH A O    1 
HETATM 1183 O  O    . HOH C 3 .  ? 2.059   0.086   14.746  1.00 26.64 ? 293 HOH A O    1 
HETATM 1184 O  O    . HOH C 3 .  ? -10.019 -10.024 7.140   1.00 14.73 ? 294 HOH A O    1 
HETATM 1185 O  O    . HOH C 3 .  ? -0.425  -1.499  -12.343 1.00 35.02 ? 295 HOH A O    1 
HETATM 1186 O  O    . HOH C 3 .  ? -6.999  -8.402  11.164  1.00 39.15 ? 296 HOH A O    1 
HETATM 1187 O  O    . HOH C 3 .  ? -9.072  8.613   7.424   1.00 15.73 ? 297 HOH A O    1 
HETATM 1188 O  O    . HOH C 3 .  ? -1.487  -7.098  9.821   1.00 24.21 ? 298 HOH A O    1 
HETATM 1189 O  O    . HOH C 3 .  ? 4.636   6.987   -20.042 1.00 24.05 ? 299 HOH A O    1 
HETATM 1190 O  O    . HOH C 3 .  ? 3.988   -11.412 -4.876  1.00 15.69 ? 300 HOH A O    1 
HETATM 1191 O  O    . HOH C 3 .  ? -1.156  -6.106  12.643  1.00 38.69 ? 301 HOH A O    1 
# 
loop_
_atom_site_anisotrop.id 
_atom_site_anisotrop.type_symbol 
_atom_site_anisotrop.pdbx_label_atom_id 
_atom_site_anisotrop.pdbx_label_alt_id 
_atom_site_anisotrop.pdbx_label_comp_id 
_atom_site_anisotrop.pdbx_label_asym_id 
_atom_site_anisotrop.pdbx_label_seq_id 
_atom_site_anisotrop.pdbx_PDB_ins_code 
_atom_site_anisotrop.U[1][1] 
_atom_site_anisotrop.U[2][2] 
_atom_site_anisotrop.U[3][3] 
_atom_site_anisotrop.U[1][2] 
_atom_site_anisotrop.U[1][3] 
_atom_site_anisotrop.U[2][3] 
_atom_site_anisotrop.pdbx_auth_seq_id 
_atom_site_anisotrop.pdbx_auth_comp_id 
_atom_site_anisotrop.pdbx_auth_asym_id 
_atom_site_anisotrop.pdbx_auth_atom_id 
1    N N   . ALA A 2  ? 0.3222 0.3735 0.3299 0.0114  -0.0095 -0.0015 4  ALA A N   
2    C CA  . ALA A 2  ? 0.3245 0.3765 0.3329 0.0115  -0.0100 -0.0017 4  ALA A CA  
3    C C   . ALA A 2  ? 0.3337 0.3833 0.3435 0.0104  -0.0094 -0.0006 4  ALA A C   
4    O O   . ALA A 2  ? 0.3453 0.3923 0.3554 0.0096  -0.0087 -0.0001 4  ALA A O   
5    C CB  . ALA A 2  ? 0.3253 0.3761 0.3329 0.0126  -0.0108 -0.0033 4  ALA A CB  
10   N N   . PRO A 3  ? 0.3339 0.3844 0.3447 0.0102  -0.0097 -0.0003 5  PRO A N   
11   C CA  . PRO A 3  ? 0.2988 0.3471 0.3111 0.0091  -0.0091 0.0007  5  PRO A CA  
12   C C   . PRO A 3  ? 0.2386 0.2826 0.2507 0.0092  -0.0091 -0.0001 5  PRO A C   
13   O O   . PRO A 3  ? 0.2219 0.2653 0.2330 0.0102  -0.0097 -0.0016 5  PRO A O   
14   C CB  . PRO A 3  ? 0.3261 0.3763 0.3392 0.0092  -0.0095 0.0009  5  PRO A CB  
15   C CG  . PRO A 3  ? 0.3506 0.4031 0.3626 0.0105  -0.0104 -0.0005 5  PRO A CG  
16   C CD  . PRO A 3  ? 0.3492 0.4031 0.3600 0.0109  -0.0103 -0.0007 5  PRO A CD  
24   N N   . GLY A 4  ? 0.2019 0.2431 0.2148 0.0082  -0.0083 0.0007  6  GLY A N   
25   C CA  . GLY A 4  ? 0.1758 0.2128 0.1885 0.0082  -0.0082 0.0001  6  GLY A CA  
26   C C   . GLY A 4  ? 0.1469 0.1824 0.1586 0.0085  -0.0080 -0.0005 6  GLY A C   
27   O O   . GLY A 4  ? 0.1374 0.1693 0.1490 0.0083  -0.0077 -0.0008 6  GLY A O   
31   N N   . ASP A 5  ? 0.1313 0.1691 0.1419 0.0091  -0.0082 -0.0007 7  ASP A N   
32   C CA  . ASP A 5  ? 0.1299 0.1662 0.1393 0.0094  -0.0080 -0.0014 7  ASP A CA  
33   C C   . ASP A 5  ? 0.1030 0.1368 0.1129 0.0084  -0.0071 -0.0003 7  ASP A C   
34   O O   . ASP A 5  ? 0.0934 0.1244 0.1027 0.0085  -0.0069 -0.0009 7  ASP A O   
35   C CB  . ASP A 5  ? 0.1469 0.1867 0.1553 0.0100  -0.0083 -0.0016 7  ASP A CB  
36   C CG  . ASP A 5  ? 0.1996 0.2410 0.2070 0.0113  -0.0093 -0.0032 7  ASP A CG  
37   O OD1 . ASP A 5  ? 0.1912 0.2308 0.1986 0.0117  -0.0097 -0.0041 7  ASP A OD1 
38   O OD2 . ASP A 5  ? 0.2266 0.2710 0.2332 0.0119  -0.0096 -0.0034 7  ASP A OD2 
43   N N   . ILE A 6  ? 0.0978 0.1326 0.1088 0.0073  -0.0065 0.0012  8  ILE A N   
44   C CA  . ILE A 6  ? 0.0864 0.1190 0.0978 0.0064  -0.0056 0.0023  8  ILE A CA  
45   C C   . ILE A 6  ? 0.0792 0.1076 0.0912 0.0060  -0.0054 0.0021  8  ILE A C   
46   O O   . ILE A 6  ? 0.0813 0.1068 0.0929 0.0059  -0.0051 0.0019  8  ILE A O   
47   C CB  . ILE A 6  ? 0.0952 0.1294 0.1078 0.0054  -0.0051 0.0039  8  ILE A CB  
48   C CG1 . ILE A 6  ? 0.1176 0.1559 0.1297 0.0057  -0.0052 0.0042  8  ILE A CG1 
49   C CG2 . ILE A 6  ? 0.0885 0.1201 0.1017 0.0043  -0.0042 0.0050  8  ILE A CG2 
50   C CD1 . ILE A 6  ? 0.1666 0.2073 0.1799 0.0047  -0.0047 0.0058  8  ILE A CD1 
62   N N   . GLU A 7  ? 0.0731 0.1013 0.0859 0.0059  -0.0057 0.0020  9  GLU A N   
63   C CA  . GLU A 7  ? 0.0675 0.0920 0.0810 0.0055  -0.0055 0.0019  9  GLU A CA  
64   C C   . GLU A 7  ? 0.0668 0.0889 0.0791 0.0064  -0.0059 0.0003  9  GLU A C   
65   O O   . GLU A 7  ? 0.0675 0.0861 0.0798 0.0061  -0.0055 0.0003  9  GLU A O   
66   C CB  . GLU A 7  ? 0.0768 0.1021 0.0914 0.0053  -0.0058 0.0021  9  GLU A CB  
67   C CG  . GLU A 7  ? 0.0920 0.1135 0.1071 0.0051  -0.0057 0.0018  9  GLU A CG  
68   C CD  . GLU A 7  ? 0.1238 0.1454 0.1404 0.0045  -0.0056 0.0026  9  GLU A CD  
69   O OE1 . GLU A 7  ? 0.1206 0.1451 0.1380 0.0040  -0.0055 0.0037  9  GLU A OE1 
70   O OE2 . GLU A 7  ? 0.1331 0.1521 0.1501 0.0044  -0.0057 0.0022  9  GLU A OE2 
77   N N   . ASP A 8  ? 0.0780 0.1021 0.0893 0.0075  -0.0067 -0.0009 10 ASP A N   
78   C CA  . ASP A 8  ? 0.0876 0.1097 0.0978 0.0084  -0.0071 -0.0024 10 ASP A CA  
79   C C   . ASP A 8  ? 0.0886 0.1089 0.0978 0.0083  -0.0067 -0.0025 10 ASP A C   
80   O O   . ASP A 8  ? 0.1021 0.1192 0.1110 0.0084  -0.0066 -0.0032 10 ASP A O   
81   C CB  . ASP A 8  ? 0.0898 0.1148 0.0989 0.0096  -0.0081 -0.0037 10 ASP A CB  
82   C CG  . ASP A 8  ? 0.0983 0.1243 0.1078 0.0099  -0.0087 -0.0041 10 ASP A CG  
83   O OD1 . ASP A 8  ? 0.0875 0.1117 0.0982 0.0094  -0.0085 -0.0037 10 ASP A OD1 
84   O OD2 . ASP A 8  ? 0.1059 0.1348 0.1149 0.0108  -0.0094 -0.0050 10 ASP A OD2 
89   N N   . MET A 9  ? 0.0722 0.0947 0.0812 0.0081  -0.0063 -0.0018 11 MET A N   
90   C CA  . MET A 9  ? 0.0914 0.1123 0.0995 0.0081  -0.0060 -0.0018 11 MET A CA  
91   C C   . MET A 9  ? 0.0940 0.1116 0.1030 0.0071  -0.0051 -0.0009 11 MET A C   
92   O O   . MET A 9  ? 0.0986 0.1135 0.1068 0.0071  -0.0049 -0.0015 11 MET A O   
93   C CB  . MET A 9  ? 0.1032 0.1273 0.1107 0.0081  -0.0058 -0.0013 11 MET A CB  
94   C CG  . MET A 9  ? 0.1201 0.1473 0.1268 0.0093  -0.0067 -0.0024 11 MET A CG  
95   S SD  . MET A 9  ? 0.1845 0.2155 0.1906 0.0093  -0.0065 -0.0017 11 MET A SD  
96   C CE  . MET A 9  ? 0.5645 0.5928 0.5698 0.0093  -0.0061 -0.0020 11 MET A CE  
106  N N   . ILE A 10 ? 0.0953 0.1128 0.1054 0.0061  -0.0047 0.0003  12 ILE A N   
107  C CA  . ILE A 10 ? 0.0960 0.1106 0.1071 0.0051  -0.0038 0.0012  12 ILE A CA  
108  C C   . ILE A 10 ? 0.0983 0.1092 0.1094 0.0053  -0.0040 0.0003  12 ILE A C   
109  O O   . ILE A 10 ? 0.0822 0.0898 0.0929 0.0051  -0.0036 0.0002  12 ILE A O   
110  C CB  . ILE A 10 ? 0.0679 0.0833 0.0804 0.0041  -0.0034 0.0028  12 ILE A CB  
111  C CG1 . ILE A 10 ? 0.0589 0.0776 0.0714 0.0037  -0.0031 0.0038  12 ILE A CG1 
112  C CG2 . ILE A 10 ? 0.0823 0.0943 0.0957 0.0030  -0.0026 0.0037  12 ILE A CG2 
113  C CD1 . ILE A 10 ? 0.0678 0.0879 0.0816 0.0028  -0.0027 0.0053  12 ILE A CD1 
125  N N   . LYS A 11 ? 0.1027 0.1139 0.1140 0.0057  -0.0046 -0.0003 13 LYS A N   
126  C CA  . LYS A 11 ? 0.1216 0.1294 0.1330 0.0060  -0.0048 -0.0012 13 LYS A CA  
127  C C   . LYS A 11 ? 0.1164 0.1227 0.1264 0.0068  -0.0051 -0.0026 13 LYS A C   
128  O O   . LYS A 11 ? 0.1154 0.1183 0.1253 0.0068  -0.0050 -0.0031 13 LYS A O   
129  C CB  . LYS A 11 ? 0.1438 0.1527 0.1558 0.0062  -0.0054 -0.0016 13 LYS A CB  
130  C CG  . LYS A 11 ? 0.1770 0.1866 0.1907 0.0052  -0.0050 -0.0002 13 LYS A CG  
131  C CD  . LYS A 11 ? 0.2142 0.2236 0.2285 0.0054  -0.0055 -0.0007 13 LYS A CD  
132  C CE  . LYS A 11 ? 0.2443 0.2534 0.2602 0.0044  -0.0050 0.0007  13 LYS A CE  
133  N NZ  . LYS A 11 ? 0.2562 0.2651 0.2727 0.0046  -0.0056 0.0003  13 LYS A NZ  
147  N N   . ALA A 12 ? 0.1122 0.1211 0.1211 0.0077  -0.0056 -0.0034 14 ALA A N   
148  C CA  . ALA A 12 ? 0.1124 0.1199 0.1198 0.0086  -0.0059 -0.0047 14 ALA A CA  
149  C C   . ALA A 12 ? 0.1127 0.1178 0.1197 0.0081  -0.0053 -0.0043 14 ALA A C   
150  O O   . ALA A 12 ? 0.1080 0.1101 0.1145 0.0083  -0.0052 -0.0050 14 ALA A O   
151  C CB  . ALA A 12 ? 0.1010 0.1119 0.1073 0.0096  -0.0066 -0.0055 14 ALA A CB  
157  N N   . GLY A 13 ? 0.1234 0.1301 0.1308 0.0074  -0.0047 -0.0030 15 GLY A N   
158  C CA  . GLY A 13 ? 0.1319 0.1369 0.1390 0.0069  -0.0040 -0.0025 15 GLY A CA  
159  C C   . GLY A 13 ? 0.1430 0.1444 0.1510 0.0059  -0.0032 -0.0016 15 GLY A C   
160  O O   . GLY A 13 ? 0.1498 0.1489 0.1573 0.0057  -0.0028 -0.0016 15 GLY A O   
164  N N   . ILE A 14 ? 0.1513 0.1275 0.1466 -0.0045 -0.0025 -0.0079 16 ILE A N   
165  C CA  . ILE A 14 ? 0.1470 0.1208 0.1412 -0.0045 -0.0015 -0.0056 16 ILE A CA  
166  C C   . ILE A 14 ? 0.1565 0.1295 0.1521 -0.0046 -0.0015 -0.0048 16 ILE A C   
167  O O   . ILE A 14 ? 0.1495 0.1238 0.1455 -0.0054 -0.0009 -0.0040 16 ILE A O   
168  C CB  . ILE A 14 ? 0.1205 0.0954 0.1132 -0.0052 -0.0005 -0.0044 16 ILE A CB  
169  C CG1 . ILE A 14 ? 0.1245 0.1006 0.1158 -0.0051 -0.0005 -0.0052 16 ILE A CG1 
170  C CG2 . ILE A 14 ? 0.1101 0.0820 0.1014 -0.0052 0.0005  -0.0021 16 ILE A CG2 
171  C CD1 . ILE A 14 ? 0.1180 0.0957 0.1082 -0.0059 0.0004  -0.0043 16 ILE A CD1 
183  N N   . PRO A 15 ? 0.1582 0.1289 0.1546 -0.0039 -0.0022 -0.0051 17 PRO A N   
184  C CA  . PRO A 15 ? 0.1673 0.1376 0.1654 -0.0041 -0.0024 -0.0046 17 PRO A CA  
185  C C   . PRO A 15 ? 0.1502 0.1190 0.1475 -0.0046 -0.0012 -0.0024 17 PRO A C   
186  O O   . PRO A 15 ? 0.1391 0.1056 0.1347 -0.0044 -0.0005 -0.0009 17 PRO A O   
187  C CB  . PRO A 15 ? 0.1778 0.1454 0.1763 -0.0032 -0.0032 -0.0050 17 PRO A CB  
188  C CG  . PRO A 15 ? 0.1690 0.1372 0.1671 -0.0027 -0.0039 -0.0066 17 PRO A CG  
189  C CD  . PRO A 15 ? 0.1598 0.1288 0.1559 -0.0031 -0.0030 -0.0059 17 PRO A CD  
197  N N   . GLY A 16 ? 0.1513 0.1218 0.1498 -0.0053 -0.0009 -0.0022 18 GLY A N   
198  C CA  . GLY A 16 ? 0.1629 0.1323 0.1608 -0.0058 0.0002  -0.0001 18 GLY A CA  
199  C C   . GLY A 16 ? 0.1463 0.1179 0.1433 -0.0067 0.0011  0.0005  18 GLY A C   
200  O O   . GLY A 16 ? 0.1521 0.1233 0.1490 -0.0072 0.0020  0.0021  18 GLY A O   
204  N N   . ALA A 17 ? 0.1329 0.1067 0.1295 -0.0068 0.0009  -0.0008 19 ALA A N   
205  C CA  . ALA A 17 ? 0.1280 0.1039 0.1236 -0.0076 0.0017  -0.0003 19 ALA A CA  
206  C C   . ALA A 17 ? 0.1496 0.1280 0.1467 -0.0084 0.0020  -0.0003 19 ALA A C   
207  O O   . ALA A 17 ? 0.1518 0.1319 0.1506 -0.0085 0.0013  -0.0018 19 ALA A O   
208  C CB  . ALA A 17 ? 0.1202 0.0981 0.1152 -0.0074 0.0014  -0.0018 19 ALA A CB  
214  N N   . ARG A 18 ? 0.1348 0.1137 0.1309 -0.0091 0.0031  0.0011  20 ARG A N   
215  C CA  . ARG A 18 ? 0.1373 0.1191 0.1346 -0.0101 0.0034  0.0010  20 ARG A CA  
216  C C   . ARG A 18 ? 0.1246 0.1093 0.1213 -0.0106 0.0035  0.0001  20 ARG A C   
217  O O   . ARG A 18 ? 0.1329 0.1168 0.1276 -0.0104 0.0039  0.0008  20 ARG A O   
218  C CB  . ARG A 18 ? 0.1643 0.1451 0.1612 -0.0106 0.0044  0.0032  20 ARG A CB  
219  C CG  . ARG A 18 ? 0.2004 0.1784 0.1980 -0.0102 0.0044  0.0041  20 ARG A CG  
220  C CD  . ARG A 18 ? 0.2936 0.2718 0.2916 -0.0110 0.0052  0.0057  20 ARG A CD  
221  N NE  . ARG A 18 ? 0.2980 0.2763 0.2944 -0.0115 0.0064  0.0072  20 ARG A NE  
222  C CZ  . ARG A 18 ? 0.3189 0.2945 0.3139 -0.0112 0.0070  0.0090  20 ARG A CZ  
223  N NH1 . ARG A 18 ? 0.3326 0.3051 0.3272 -0.0104 0.0069  0.0094  20 ARG A NH1 
224  N NH2 . ARG A 18 ? 0.3112 0.2873 0.3049 -0.0118 0.0080  0.0102  20 ARG A NH2 
238  N N   . VAL A 19 ? 0.0898 0.0776 0.0877 -0.0110 0.0029  -0.0015 21 VAL A N   
239  C CA  . VAL A 19 ? 0.0976 0.0884 0.0951 -0.0114 0.0029  -0.0025 21 VAL A CA  
240  C C   . VAL A 19 ? 0.1275 0.1213 0.1258 -0.0125 0.0034  -0.0025 21 VAL A C   
241  O O   . VAL A 19 ? 0.1407 0.1357 0.1407 -0.0128 0.0031  -0.0030 21 VAL A O   
242  C CB  . VAL A 19 ? 0.1017 0.0938 0.0999 -0.0110 0.0018  -0.0048 21 VAL A CB  
243  C CG1 . VAL A 19 ? 0.1173 0.1124 0.1149 -0.0114 0.0017  -0.0059 21 VAL A CG1 
244  C CG2 . VAL A 19 ? 0.1116 0.1006 0.1088 -0.0099 0.0013  -0.0049 21 VAL A CG2 
254  N N   . THR A 20 ? 0.1111 0.1065 0.1082 -0.0131 0.0040  -0.0020 22 THR A N   
255  C CA  . THR A 20 ? 0.1221 0.1206 0.1199 -0.0141 0.0043  -0.0020 22 THR A CA  
256  C C   . THR A 20 ? 0.1238 0.1250 0.1211 -0.0144 0.0041  -0.0034 22 THR A C   
257  O O   . THR A 20 ? 0.1363 0.1370 0.1318 -0.0143 0.0045  -0.0029 22 THR A O   
258  C CB  . THR A 20 ? 0.1434 0.1411 0.1402 -0.0147 0.0056  0.0002  22 THR A CB  
259  O OG1 . THR A 20 ? 0.1542 0.1496 0.1517 -0.0145 0.0058  0.0014  22 THR A OG1 
260  C CG2 . THR A 20 ? 0.1533 0.1545 0.1511 -0.0158 0.0059  0.0000  22 THR A CG2 
268  N N   . ILE A 21 ? 0.1108 0.1150 0.1095 -0.0146 0.0034  -0.0054 23 ILE A N   
269  C CA  . ILE A 21 ? 0.1116 0.1184 0.1098 -0.0148 0.0030  -0.0068 23 ILE A CA  
270  C C   . ILE A 21 ? 0.0988 0.1092 0.0977 -0.0160 0.0033  -0.0069 23 ILE A C   
271  O O   . ILE A 21 ? 0.0861 0.0979 0.0865 -0.0164 0.0031  -0.0074 23 ILE A O   
272  C CB  . ILE A 21 ? 0.3366 0.3446 0.3360 -0.0143 0.0018  -0.0092 23 ILE A CB  
273  C CG1 . ILE A 21 ? 0.3461 0.3508 0.3452 -0.0132 0.0012  -0.0093 23 ILE A CG1 
274  C CG2 . ILE A 21 ? 0.2840 0.2946 0.2827 -0.0145 0.0015  -0.0106 23 ILE A CG2 
275  C CD1 . ILE A 21 ? 0.3482 0.3505 0.3451 -0.0127 0.0018  -0.0081 23 ILE A CD1 
287  N N   . ARG A 22 ? 0.1067 0.1184 0.1042 -0.0164 0.0037  -0.0067 24 ARG A N   
288  C CA  . ARG A 22 ? 0.1251 0.1406 0.1233 -0.0175 0.0040  -0.0071 24 ARG A CA  
289  C C   . ARG A 22 ? 0.1259 0.1438 0.1235 -0.0175 0.0035  -0.0087 24 ARG A C   
290  O O   . ARG A 22 ? 0.1234 0.1401 0.1195 -0.0170 0.0035  -0.0086 24 ARG A O   
291  C CB  . ARG A 22 ? 0.1733 0.1887 0.1707 -0.0182 0.0051  -0.0050 24 ARG A CB  
292  C CG  . ARG A 22 ? 0.1960 0.2111 0.1915 -0.0183 0.0057  -0.0041 24 ARG A CG  
293  C CD  . ARG A 22 ? 0.2594 0.2742 0.2543 -0.0191 0.0069  -0.0019 24 ARG A CD  
294  N NE  . ARG A 22 ? 0.2486 0.2629 0.2417 -0.0191 0.0075  -0.0009 24 ARG A NE  
295  C CZ  . ARG A 22 ? 0.2478 0.2646 0.2402 -0.0199 0.0078  -0.0009 24 ARG A CZ  
296  N NH1 . ARG A 22 ? 0.2338 0.2540 0.2274 -0.0206 0.0075  -0.0020 24 ARG A NH1 
297  N NH2 . ARG A 22 ? 0.2627 0.2785 0.2534 -0.0197 0.0083  0.0000  24 ARG A NH2 
311  N N   . ASP A 23 ? 0.1209 0.1423 0.1199 -0.0181 0.0030  -0.0102 25 ASP A N   
312  C CA  . ASP A 23 ? 0.1261 0.1503 0.1248 -0.0183 0.0025  -0.0119 25 ASP A CA  
313  C C   . ASP A 23 ? 0.1195 0.1456 0.1172 -0.0192 0.0033  -0.0110 25 ASP A C   
314  O O   . ASP A 23 ? 0.1335 0.1620 0.1321 -0.0201 0.0035  -0.0108 25 ASP A O   
315  C CB  . ASP A 23 ? 0.1364 0.1634 0.1371 -0.0186 0.0017  -0.0139 25 ASP A CB  
316  C CG  . ASP A 23 ? 0.1430 0.1731 0.1436 -0.0187 0.0010  -0.0158 25 ASP A CG  
317  O OD1 . ASP A 23 ? 0.1220 0.1521 0.1209 -0.0187 0.0013  -0.0155 25 ASP A OD1 
318  O OD2 . ASP A 23 ? 0.1602 0.1924 0.1623 -0.0188 0.0003  -0.0177 25 ASP A OD2 
323  N N   . LEU A 24 ? 0.0918 0.1168 0.0876 -0.0189 0.0036  -0.0104 26 LEU A N   
324  C CA  . LEU A 24 ? 0.0988 0.1256 0.0936 -0.0197 0.0042  -0.0096 26 LEU A CA  
325  C C   . LEU A 24 ? 0.1263 0.1574 0.1221 -0.0205 0.0037  -0.0113 26 LEU A C   
326  O O   . LEU A 24 ? 0.1474 0.1797 0.1437 -0.0201 0.0029  -0.0132 26 LEU A O   
327  C CB  . LEU A 24 ? 0.1032 0.1283 0.0960 -0.0192 0.0044  -0.0090 26 LEU A CB  
328  C CG  . LEU A 24 ? 0.1196 0.1404 0.1113 -0.0184 0.0048  -0.0075 26 LEU A CG  
329  C CD1 . LEU A 24 ? 0.1443 0.1638 0.1342 -0.0179 0.0051  -0.0071 26 LEU A CD1 
330  C CD2 . LEU A 24 ? 0.1306 0.1504 0.1225 -0.0189 0.0058  -0.0055 26 LEU A CD2 
342  N N   . ALA A 25 ? 0.1226 0.1558 0.1186 -0.0215 0.0043  -0.0104 27 ALA A N   
343  C CA  . ALA A 25 ? 0.1207 0.1580 0.1175 -0.0224 0.0040  -0.0118 27 ALA A CA  
344  C C   . ALA A 25 ? 0.1426 0.1817 0.1415 -0.0225 0.0032  -0.0135 27 ALA A C   
345  O O   . ALA A 25 ? 0.1473 0.1900 0.1472 -0.0231 0.0027  -0.0149 27 ALA A O   
346  C CB  . ALA A 25 ? 0.1107 0.1495 0.1064 -0.0223 0.0037  -0.0129 27 ALA A CB  
352  N N   . GLY A 26 ? 0.1300 0.1666 0.1297 -0.0218 0.0030  -0.0134 28 GLY A N   
353  C CA  . GLY A 26 ? 0.1406 0.1785 0.1422 -0.0217 0.0021  -0.0152 28 GLY A CA  
354  C C   . GLY A 26 ? 0.1486 0.1886 0.1503 -0.0214 0.0012  -0.0175 28 GLY A C   
355  O O   . GLY A 26 ? 0.1547 0.1974 0.1579 -0.0218 0.0005  -0.0191 28 GLY A O   
359  N N   . ASP A 27 ? 0.1448 0.1835 0.1449 -0.0208 0.0010  -0.0176 29 ASP A N   
360  C CA  . ASP A 27 ? 0.1172 0.1581 0.1173 -0.0206 0.0003  -0.0196 29 ASP A CA  
361  C C   . ASP A 27 ? 0.1279 0.1675 0.1287 -0.0195 -0.0007 -0.0212 29 ASP A C   
362  O O   . ASP A 27 ? 0.1283 0.1695 0.1289 -0.0193 -0.0014 -0.0230 29 ASP A O   
363  C CB  . ASP A 27 ? 0.1075 0.1483 0.1056 -0.0206 0.0007  -0.0189 29 ASP A CB  
364  C CG  . ASP A 27 ? 0.1216 0.1583 0.1180 -0.0197 0.0011  -0.0176 29 ASP A CG  
365  O OD1 . ASP A 27 ? 0.1227 0.1568 0.1196 -0.0188 0.0008  -0.0176 29 ASP A OD1 
366  O OD2 . ASP A 27 ? 0.0988 0.1350 0.0934 -0.0198 0.0017  -0.0166 29 ASP A OD2 
371  N N   . GLY A 28 ? 0.1190 0.1556 0.1201 -0.0189 -0.0007 -0.0206 30 GLY A N   
372  C CA  . GLY A 28 ? 0.1297 0.1651 0.1316 -0.0179 -0.0016 -0.0220 30 GLY A CA  
373  C C   . GLY A 28 ? 0.1482 0.1819 0.1485 -0.0171 -0.0019 -0.0223 30 GLY A C   
374  O O   . GLY A 28 ? 0.1407 0.1740 0.1414 -0.0163 -0.0028 -0.0240 30 GLY A O   
378  N N   . ASP A 29 ? 0.1291 0.1615 0.1274 -0.0171 -0.0011 -0.0208 31 ASP A N   
379  C CA  . ASP A 29 ? 0.1303 0.1616 0.1269 -0.0164 -0.0012 -0.0210 31 ASP A CA  
380  C C   . ASP A 29 ? 0.1224 0.1500 0.1174 -0.0160 -0.0004 -0.0189 31 ASP A C   
381  O O   . ASP A 29 ? 0.1147 0.1394 0.1092 -0.0151 -0.0007 -0.0188 31 ASP A O   
382  C CB  . ASP A 29 ? 0.1426 0.1770 0.1385 -0.0172 -0.0011 -0.0216 31 ASP A CB  
383  C CG  . ASP A 29 ? 0.1545 0.1881 0.1488 -0.0166 -0.0014 -0.0220 31 ASP A CG  
384  O OD1 . ASP A 29 ? 0.1480 0.1789 0.1418 -0.0156 -0.0017 -0.0223 31 ASP A OD1 
385  O OD2 . ASP A 29 ? 0.1599 0.1957 0.1533 -0.0172 -0.0011 -0.0221 31 ASP A OD2 
390  N N   . HIS A 30 ? 0.1060 0.1337 0.1002 -0.0168 0.0005  -0.0171 32 HIS A N   
391  C CA  . HIS A 30 ? 0.1053 0.1297 0.0980 -0.0164 0.0014  -0.0150 32 HIS A CA  
392  C C   . HIS A 30 ? 0.0903 0.1130 0.0838 -0.0166 0.0018  -0.0135 32 HIS A C   
393  O O   . HIS A 30 ? 0.0723 0.0969 0.0672 -0.0174 0.0020  -0.0134 32 HIS A O   
394  C CB  . HIS A 30 ? 0.1032 0.1287 0.0944 -0.0171 0.0021  -0.0139 32 HIS A CB  
395  C CG  . HIS A 30 ? 0.1016 0.1283 0.0919 -0.0169 0.0017  -0.0151 32 HIS A CG  
396  N ND1 . HIS A 30 ? 0.1119 0.1398 0.1007 -0.0174 0.0023  -0.0145 32 HIS A ND1 
397  C CD2 . HIS A 30 ? 0.1046 0.1313 0.0947 -0.0161 0.0009  -0.0169 32 HIS A CD2 
398  C CE1 . HIS A 30 ? 0.1037 0.1323 0.0917 -0.0169 0.0017  -0.0157 32 HIS A CE1 
399  N NE2 . HIS A 30 ? 0.0943 0.1222 0.0831 -0.0162 0.0008  -0.0172 32 HIS A NE2 
407  N N   . TYR A 31 ? 0.0931 0.1122 0.0859 -0.0158 0.0020  -0.0123 33 TYR A N   
408  C CA  . TYR A 31 ? 0.1041 0.1209 0.0976 -0.0158 0.0024  -0.0110 33 TYR A CA  
409  C C   . TYR A 31 ? 0.0935 0.1071 0.0854 -0.0155 0.0034  -0.0088 33 TYR A C   
410  O O   . TYR A 31 ? 0.0894 0.1017 0.0796 -0.0151 0.0035  -0.0084 33 TYR A O   
411  C CB  . TYR A 31 ? 0.1228 0.1381 0.1175 -0.0149 0.0016  -0.0121 33 TYR A CB  
412  C CG  . TYR A 31 ? 0.1259 0.1442 0.1225 -0.0152 0.0007  -0.0143 33 TYR A CG  
413  C CD1 . TYR A 31 ? 0.1454 0.1652 0.1419 -0.0149 -0.0001 -0.0161 33 TYR A CD1 
414  C CD2 . TYR A 31 ? 0.1363 0.1555 0.1346 -0.0156 0.0006  -0.0144 33 TYR A CD2 
415  C CE1 . TYR A 31 ? 0.1418 0.1644 0.1401 -0.0150 -0.0009 -0.0182 33 TYR A CE1 
416  C CE2 . TYR A 31 ? 0.1416 0.1635 0.1417 -0.0157 -0.0003 -0.0165 33 TYR A CE2 
417  C CZ  . TYR A 31 ? 0.1524 0.1760 0.1523 -0.0155 -0.0010 -0.0184 33 TYR A CZ  
418  O OH  . TYR A 31 ? 0.1610 0.1873 0.1626 -0.0157 -0.0019 -0.0204 33 TYR A OH  
428  N N   . ALA A 32 ? 0.0953 0.1075 0.0875 -0.0158 0.0040  -0.0073 34 ALA A N   
429  C CA  . ALA A 32 ? 0.1122 0.1209 0.1032 -0.0154 0.0047  -0.0052 34 ALA A CA  
430  C C   . ALA A 32 ? 0.1529 0.1592 0.1450 -0.0148 0.0045  -0.0049 34 ALA A C   
431  O O   . ALA A 32 ? 0.1670 0.1745 0.1607 -0.0151 0.0042  -0.0055 34 ALA A O   
432  C CB  . ALA A 32 ? 0.1221 0.1313 0.1125 -0.0162 0.0057  -0.0035 34 ALA A CB  
438  N N   . ALA A 33 ? 0.1488 0.1517 0.1398 -0.0140 0.0045  -0.0041 35 ALA A N   
439  C CA  . ALA A 33 ? 0.1336 0.1338 0.1255 -0.0134 0.0044  -0.0037 35 ALA A CA  
440  C C   . ALA A 33 ? 0.1455 0.1424 0.1361 -0.0132 0.0052  -0.0015 35 ALA A C   
441  O O   . ALA A 33 ? 0.1339 0.1295 0.1228 -0.0129 0.0056  -0.0007 35 ALA A O   
442  C CB  . ALA A 33 ? 0.1257 0.1250 0.1179 -0.0125 0.0033  -0.0052 35 ALA A CB  
448  N N   . GLU A 34 ? 0.1516 0.1474 0.1431 -0.0134 0.0056  -0.0004 36 GLU A N   
449  C CA  . GLU A 34 ? 0.1505 0.1428 0.1412 -0.0129 0.0061  0.0015  36 GLU A CA  
450  C C   . GLU A 34 ? 0.1325 0.1224 0.1240 -0.0121 0.0054  0.0010  36 GLU A C   
451  O O   . GLU A 34 ? 0.1141 0.1050 0.1073 -0.0121 0.0048  -0.0001 36 GLU A O   
452  C CB  . GLU A 34 ? 0.2209 0.2130 0.2119 -0.0137 0.0071  0.0032  36 GLU A CB  
453  C CG  . GLU A 34 ? 0.3037 0.2922 0.2937 -0.0132 0.0077  0.0051  36 GLU A CG  
454  C CD  . GLU A 34 ? 0.3828 0.3711 0.3731 -0.0139 0.0087  0.0070  36 GLU A CD  
455  O OE1 . GLU A 34 ? 0.4129 0.4039 0.4041 -0.0148 0.0087  0.0066  36 GLU A OE1 
456  O OE2 . GLU A 34 ? 0.3993 0.3847 0.3887 -0.0136 0.0093  0.0086  36 GLU A OE2 
463  N N   . VAL A 35 ? 0.1257 0.1126 0.1160 -0.0112 0.0054  0.0016  37 VAL A N   
464  C CA  . VAL A 35 ? 0.1293 0.1138 0.1201 -0.0104 0.0047  0.0012  37 VAL A CA  
465  C C   . VAL A 35 ? 0.1216 0.1025 0.1113 -0.0100 0.0055  0.0032  37 VAL A C   
466  O O   . VAL A 35 ? 0.1178 0.0974 0.1058 -0.0099 0.0061  0.0043  37 VAL A O   
467  C CB  . VAL A 35 ? 0.1300 0.1142 0.1203 -0.0096 0.0038  -0.0003 37 VAL A CB  
468  C CG1 . VAL A 35 ? 0.1231 0.1050 0.1142 -0.0088 0.0031  -0.0009 37 VAL A CG1 
469  C CG2 . VAL A 35 ? 0.1307 0.1185 0.1216 -0.0099 0.0033  -0.0024 37 VAL A CG2 
479  N N   . VAL A 36 ? 0.1168 0.0963 0.1077 -0.0099 0.0054  0.0038  38 VAL A N   
480  C CA  . VAL A 36 ? 0.1279 0.1041 0.1179 -0.0096 0.0060  0.0057  38 VAL A CA  
481  C C   . VAL A 36 ? 0.1138 0.0875 0.1044 -0.0087 0.0052  0.0052  38 VAL A C   
482  O O   . VAL A 36 ? 0.1079 0.0824 0.1002 -0.0086 0.0044  0.0040  38 VAL A O   
483  C CB  . VAL A 36 ? 0.1393 0.1155 0.1299 -0.0103 0.0067  0.0072  38 VAL A CB  
484  C CG1 . VAL A 36 ? 0.1372 0.1100 0.1271 -0.0100 0.0074  0.0092  38 VAL A CG1 
485  C CG2 . VAL A 36 ? 0.1532 0.1321 0.1435 -0.0112 0.0075  0.0075  38 VAL A CG2 
495  N N   . ALA A 37 ? 0.0696 0.0863 0.0747 0.0039  0.0200  -0.0001 39 ALA A N   
496  C CA  . ALA A 37 ? 0.0723 0.0887 0.0766 0.0039  0.0211  0.0006  39 ALA A CA  
497  C C   . ALA A 37 ? 0.0872 0.1048 0.0911 0.0043  0.0211  0.0005  39 ALA A C   
498  O O   . ALA A 37 ? 0.0801 0.0987 0.0843 0.0048  0.0202  0.0002  39 ALA A O   
499  C CB  . ALA A 37 ? 0.0728 0.0881 0.0769 0.0042  0.0211  0.0016  39 ALA A CB  
505  N N   . GLU A 38 ? 0.0754 0.0931 0.0788 0.0039  0.0221  0.0008  40 GLU A N   
506  C CA  . GLU A 38 ? 0.0660 0.0849 0.0691 0.0042  0.0222  0.0007  40 GLU A CA  
507  C C   . GLU A 38 ? 0.0667 0.0855 0.0693 0.0049  0.0219  0.0013  40 GLU A C   
508  O O   . GLU A 38 ? 0.0719 0.0917 0.0744 0.0053  0.0215  0.0010  40 GLU A O   
509  C CB  . GLU A 38 ? 0.0792 0.0980 0.0819 0.0037  0.0235  0.0009  40 GLU A CB  
510  C CG  . GLU A 38 ? 0.0882 0.1082 0.0903 0.0039  0.0237  0.0007  40 GLU A CG  
511  C CD  . GLU A 38 ? 0.0915 0.1129 0.0942 0.0040  0.0230  -0.0003 40 GLU A CD  
512  O OE1 . GLU A 38 ? 0.0833 0.1047 0.0867 0.0036  0.0228  -0.0009 40 GLU A OE1 
513  O OE2 . GLU A 38 ? 0.0927 0.1152 0.0954 0.0045  0.0226  -0.0004 40 GLU A OE2 
520  N N   . ALA A 39 ? 0.0747 0.0923 0.0771 0.0049  0.0222  0.0022  41 ALA A N   
521  C CA  . ALA A 39 ? 0.0975 0.1150 0.0994 0.0056  0.0219  0.0028  41 ALA A CA  
522  C C   . ALA A 39 ? 0.0994 0.1177 0.1018 0.0061  0.0206  0.0023  41 ALA A C   
523  O O   . ALA A 39 ? 0.0957 0.1143 0.0978 0.0067  0.0203  0.0027  41 ALA A O   
524  C CB  . ALA A 39 ? 0.1147 0.1307 0.1162 0.0055  0.0223  0.0037  41 ALA A CB  
530  N N   . PHE A 40 ? 0.0845 0.1030 0.0877 0.0060  0.0200  0.0015  42 PHE A N   
531  C CA  . PHE A 40 ? 0.0847 0.1040 0.0884 0.0066  0.0188  0.0010  42 PHE A CA  
532  C C   . PHE A 40 ? 0.0858 0.1067 0.0897 0.0068  0.0184  0.0004  42 PHE A C   
533  O O   . PHE A 40 ? 0.0742 0.0957 0.0782 0.0073  0.0175  -0.0001 42 PHE A O   
534  C CB  . PHE A 40 ? 0.0950 0.1139 0.0993 0.0062  0.0182  0.0004  42 PHE A CB  
535  C CG  . PHE A 40 ? 0.0832 0.1007 0.0878 0.0060  0.0183  0.0010  42 PHE A CG  
536  C CD1 . PHE A 40 ? 0.0955 0.1121 0.0995 0.0063  0.0187  0.0019  42 PHE A CD1 
537  C CD2 . PHE A 40 ? 0.0797 0.0967 0.0848 0.0057  0.0179  0.0005  42 PHE A CD2 
538  C CE1 . PHE A 40 ? 0.1117 0.1269 0.1157 0.0061  0.0187  0.0024  42 PHE A CE1 
539  C CE2 . PHE A 40 ? 0.0904 0.1062 0.0956 0.0056  0.0180  0.0009  42 PHE A CE2 
540  C CZ  . PHE A 40 ? 0.1071 0.1219 0.1117 0.0057  0.0184  0.0019  42 PHE A CZ  
550  N N   . ARG A 41 ? 0.0756 0.0971 0.0792 0.0065  0.0191  0.0001  43 ARG A N   
551  C CA  . ARG A 41 ? 0.0685 0.0915 0.0723 0.0066  0.0188  -0.0006 43 ARG A CA  
552  C C   . ARG A 41 ? 0.0728 0.0964 0.0762 0.0073  0.0186  -0.0003 43 ARG A C   
553  O O   . ARG A 41 ? 0.0912 0.1144 0.0938 0.0074  0.0192  0.0005  43 ARG A O   
554  C CB  . ARG A 41 ? 0.0563 0.0799 0.0599 0.0062  0.0196  -0.0009 43 ARG A CB  
555  C CG  . ARG A 41 ? 0.0533 0.0784 0.0574 0.0062  0.0191  -0.0020 43 ARG A CG  
556  C CD  . ARG A 41 ? 0.0966 0.1221 0.1005 0.0057  0.0199  -0.0022 43 ARG A CD  
557  N NE  . ARG A 41 ? 0.0920 0.1166 0.0960 0.0051  0.0206  -0.0022 43 ARG A NE  
558  C CZ  . ARG A 41 ? 0.1102 0.1348 0.1149 0.0046  0.0202  -0.0029 43 ARG A CZ  
559  N NH1 . ARG A 41 ? 0.1147 0.1403 0.1201 0.0049  0.0192  -0.0037 43 ARG A NH1 
560  N NH2 . ARG A 41 ? 0.1214 0.1451 0.1261 0.0040  0.0209  -0.0028 43 ARG A NH2 
574  N N   . GLY A 42 ? 0.0617 0.0864 0.0655 0.0078  0.0176  -0.0010 44 GLY A N   
575  C CA  . GLY A 42 ? 0.0693 0.0944 0.0726 0.0085  0.0172  -0.0007 44 GLY A CA  
576  C C   . GLY A 42 ? 0.0771 0.1016 0.0806 0.0090  0.0166  -0.0001 44 GLY A C   
577  O O   . GLY A 42 ? 0.0711 0.0962 0.0743 0.0095  0.0162  0.0000  44 GLY A O   
581  N N   . LYS A 43 ? 0.0698 0.0930 0.0733 0.0087  0.0166  0.0002  45 LYS A N   
582  C CA  . LYS A 43 ? 0.0901 0.1126 0.0938 0.0091  0.0161  0.0006  45 LYS A CA  
583  C C   . LYS A 43 ? 0.0927 0.1156 0.0970 0.0092  0.0149  -0.0001 45 LYS A C   
584  O O   . LYS A 43 ? 0.0988 0.1221 0.1038 0.0089  0.0148  -0.0009 45 LYS A O   
585  C CB  . LYS A 43 ? 0.0994 0.1204 0.1028 0.0087  0.0167  0.0014  45 LYS A CB  
586  C CG  . LYS A 43 ? 0.1766 0.1970 0.1790 0.0086  0.0178  0.0022  45 LYS A CG  
587  C CD  . LYS A 43 ? 0.2491 0.2679 0.2513 0.0084  0.0183  0.0031  45 LYS A CD  
588  C CE  . LYS A 43 ? 0.3087 0.3271 0.3101 0.0083  0.0194  0.0039  45 LYS A CE  
589  N NZ  . LYS A 43 ? 0.3620 0.3813 0.3632 0.0079  0.0201  0.0035  45 LYS A NZ  
603  N N   . THR A 44 ? 0.0819 0.1046 0.0864 0.0098  0.0142  0.0001  46 THR A N   
604  C CA  . THR A 44 ? 0.0711 0.0941 0.0763 0.0100  0.0131  -0.0005 46 THR A CA  
605  C C   . THR A 44 ? 0.0749 0.0967 0.0804 0.0097  0.0131  -0.0004 46 THR A C   
606  O O   . THR A 44 ? 0.0697 0.0902 0.0747 0.0093  0.0139  0.0003  46 THR A O   
607  C CB  . THR A 44 ? 0.0751 0.0984 0.0803 0.0108  0.0124  -0.0002 46 THR A CB  
608  O OG1 . THR A 44 ? 0.0619 0.0836 0.0665 0.0108  0.0127  0.0008  46 THR A OG1 
609  C CG2 . THR A 44 ? 0.0671 0.0914 0.0718 0.0112  0.0123  -0.0002 46 THR A CG2 
617  N N   . ARG A 45 ? 0.0830 0.0778 0.0858 0.0031  0.0034  -0.0039 47 ARG A N   
618  C CA  . ARG A 45 ? 0.0952 0.0919 0.0990 0.0029  0.0016  -0.0037 47 ARG A CA  
619  C C   . ARG A 45 ? 0.1019 0.1024 0.1026 0.0023  0.0012  -0.0010 47 ARG A C   
620  O O   . ARG A 45 ? 0.1061 0.1090 0.1085 0.0029  0.0016  -0.0006 47 ARG A O   
621  C CB  . ARG A 45 ? 0.1133 0.1083 0.1166 0.0016  -0.0018 -0.0048 47 ARG A CB  
622  C CG  . ARG A 45 ? 0.1554 0.1495 0.1543 -0.0002 -0.0039 -0.0039 47 ARG A CG  
623  C CD  . ARG A 45 ? 0.3124 0.3044 0.3114 -0.0012 -0.0071 -0.0053 47 ARG A CD  
624  N NE  . ARG A 45 ? 0.3083 0.3019 0.3081 -0.0015 -0.0089 -0.0051 47 ARG A NE  
625  C CZ  . ARG A 45 ? 0.3140 0.3065 0.3173 -0.0011 -0.0098 -0.0069 47 ARG A CZ  
626  N NH1 . ARG A 45 ? 0.3202 0.3095 0.3267 -0.0003 -0.0090 -0.0093 47 ARG A NH1 
627  N NH2 . ARG A 45 ? 0.3132 0.3079 0.3168 -0.0015 -0.0115 -0.0064 47 ARG A NH2 
641  N N   . VAL A 46 ? 0.0959 0.0971 0.0923 0.0012  0.0008  0.0008  48 VAL A N   
642  C CA  . VAL A 46 ? 0.0988 0.1039 0.0923 0.0007  0.0006  0.0034  48 VAL A CA  
643  C C   . VAL A 46 ? 0.0878 0.0951 0.0834 0.0023  0.0038  0.0041  48 VAL A C   
644  O O   . VAL A 46 ? 0.0729 0.0832 0.0687 0.0026  0.0039  0.0053  48 VAL A O   
645  C CB  . VAL A 46 ? 0.0950 0.1003 0.0836 -0.0007 -0.0004 0.0051  48 VAL A CB  
646  C CG1 . VAL A 46 ? 0.0948 0.1039 0.0806 -0.0010 0.0001  0.0079  48 VAL A CG1 
647  C CG2 . VAL A 46 ? 0.1045 0.1084 0.0910 -0.0024 -0.0039 0.0048  48 VAL A CG2 
657  N N   . GLN A 47 ? 0.0788 0.0844 0.0759 0.0034  0.0064  0.0033  49 GLN A N   
658  C CA  . GLN A 47 ? 0.0714 0.0788 0.0706 0.0050  0.0097  0.0038  49 GLN A CA  
659  C C   . GLN A 47 ? 0.0705 0.0784 0.0743 0.0063  0.0103  0.0025  49 GLN A C   
660  O O   . GLN A 47 ? 0.0643 0.0751 0.0692 0.0071  0.0117  0.0035  49 GLN A O   
661  C CB  . GLN A 47 ? 0.0694 0.0745 0.0696 0.0058  0.0122  0.0029  49 GLN A CB  
662  C CG  . GLN A 47 ? 0.0865 0.0918 0.0822 0.0049  0.0123  0.0047  49 GLN A CG  
663  C CD  . GLN A 47 ? 0.0997 0.1024 0.0960 0.0056  0.0146  0.0037  49 GLN A CD  
664  O OE1 . GLN A 47 ? 0.1079 0.1077 0.1072 0.0063  0.0151  0.0014  49 GLN A OE1 
665  N NE2 . GLN A 47 ? 0.1106 0.1142 0.1040 0.0053  0.0160  0.0053  49 GLN A NE2 
674  N N   . GLN A 48 ? 0.0676 0.0731 0.0741 0.0064  0.0091  0.0003  50 GLN A N   
675  C CA  . GLN A 48 ? 0.0651 0.0707 0.0758 0.0076  0.0096  -0.0011 50 GLN A CA  
676  C C   . GLN A 48 ? 0.0685 0.0771 0.0783 0.0069  0.0077  0.0001  50 GLN A C   
677  O O   . GLN A 48 ? 0.0582 0.0690 0.0702 0.0079  0.0089  0.0005  50 GLN A O   
678  C CB  . GLN A 48 ? 0.0657 0.0678 0.0792 0.0077  0.0087  -0.0037 50 GLN A CB  
679  C CG  . GLN A 48 ? 0.0694 0.0685 0.0844 0.0085  0.0109  -0.0052 50 GLN A CG  
680  C CD  . GLN A 48 ? 0.0797 0.0752 0.0963 0.0082  0.0094  -0.0074 50 GLN A CD  
681  O OE1 . GLN A 48 ? 0.0871 0.0820 0.1030 0.0072  0.0066  -0.0079 50 GLN A OE1 
682  N NE2 . GLN A 48 ? 0.1035 0.0963 0.1221 0.0091  0.0114  -0.0090 50 GLN A NE2 
691  N N   . HIS A 49 ? 0.0794 0.0882 0.0859 0.0052  0.0048  0.0009  51 HIS A N   
692  C CA  . HIS A 49 ? 0.0911 0.1026 0.0964 0.0045  0.0027  0.0021  51 HIS A CA  
693  C C   . HIS A 49 ? 0.0879 0.1030 0.0915 0.0047  0.0042  0.0045  51 HIS A C   
694  O O   . HIS A 49 ? 0.0734 0.0910 0.0781 0.0051  0.0040  0.0051  51 HIS A O   
695  C CB  . HIS A 49 ? 0.0970 0.1078 0.0989 0.0025  -0.0007 0.0026  51 HIS A CB  
696  C CG  . HIS A 49 ? 0.1027 0.1101 0.1064 0.0023  -0.0024 0.0002  51 HIS A CG  
697  N ND1 . HIS A 49 ? 0.1053 0.1119 0.1069 0.0006  -0.0056 0.0002  51 HIS A ND1 
698  C CD2 . HIS A 49 ? 0.0972 0.1018 0.1047 0.0033  -0.0012 -0.0021 51 HIS A CD2 
699  C CE1 . HIS A 49 ? 0.1066 0.1101 0.1107 0.0008  -0.0064 -0.0022 51 HIS A CE1 
700  N NE2 . HIS A 49 ? 0.0941 0.0963 0.1019 0.0024  -0.0037 -0.0035 51 HIS A NE2 
708  N N   . GLN A 50 ? 0.0778 0.0933 0.0791 0.0047  0.0056  0.0058  52 GLN A N   
709  C CA  . GLN A 50 ? 0.0768 0.0956 0.0764 0.0049  0.0071  0.0081  52 GLN A CA  
710  C C   . GLN A 50 ? 0.0774 0.0977 0.0811 0.0067  0.0096  0.0076  52 GLN A C   
711  O O   . GLN A 50 ? 0.0728 0.0963 0.0763 0.0070  0.0099  0.0090  52 GLN A O   
712  C CB  . GLN A 50 ? 0.0576 0.0761 0.0543 0.0047  0.0084  0.0093  52 GLN A CB  
713  C CG  . GLN A 50 ? 0.0740 0.0962 0.0690 0.0048  0.0099  0.0118  52 GLN A CG  
714  C CD  . GLN A 50 ? 0.0902 0.1152 0.0819 0.0034  0.0074  0.0138  52 GLN A CD  
715  O OE1 . GLN A 50 ? 0.0930 0.1173 0.0812 0.0018  0.0051  0.0143  52 GLN A OE1 
716  N NE2 . GLN A 50 ? 0.0740 0.1020 0.0667 0.0040  0.0078  0.0147  52 GLN A NE2 
725  N N   . MET A 51 ? 0.0913 0.1092 0.0985 0.0080  0.0115  0.0056  53 MET A N   
726  C CA  . MET A 51 ? 0.0785 0.0972 0.0898 0.0098  0.0140  0.0050  53 MET A CA  
727  C C   . MET A 51 ? 0.0591 0.0792 0.0725 0.0100  0.0126  0.0044  53 MET A C   
728  O O   . MET A 51 ? 0.0427 0.0651 0.0578 0.0110  0.0140  0.0050  53 MET A O   
729  C CB  . MET A 51 ? 0.0845 0.1000 0.0992 0.0111  0.0161  0.0028  53 MET A CB  
730  C CG  . MET A 51 ? 0.0875 0.1018 0.1006 0.0112  0.0179  0.0032  53 MET A CG  
731  S SD  . MET A 51 ? 0.1503 0.1608 0.1674 0.0126  0.0202  0.0005  53 MET A SD  
732  C CE  . MET A 51 ? 0.2274 0.2398 0.2488 0.0146  0.0230  0.0004  53 MET A CE  
742  N N   . VAL A 52 ? 0.0601 0.0784 0.0734 0.0090  0.0098  0.0033  54 VAL A N   
743  C CA  . VAL A 52 ? 0.0804 0.1000 0.0954 0.0090  0.0083  0.0028  54 VAL A CA  
744  C C   . VAL A 52 ? 0.0794 0.1025 0.0914 0.0081  0.0071  0.0052  54 VAL A C   
745  O O   . VAL A 52 ? 0.0919 0.1175 0.1056 0.0089  0.0075  0.0056  54 VAL A O   
746  C CB  . VAL A 52 ? 0.0876 0.1042 0.1031 0.0082  0.0056  0.0010  54 VAL A CB  
747  C CG1 . VAL A 52 ? 0.0787 0.0965 0.0961 0.0081  0.0040  0.0005  54 VAL A CG1 
748  C CG2 . VAL A 52 ? 0.0930 0.1062 0.1118 0.0091  0.0069  -0.0013 54 VAL A CG2 
758  N N   . TYR A 53 ? 0.0607 0.0845 0.0683 0.0066  0.0055  0.0068  55 TYR A N   
759  C CA  . TYR A 53 ? 0.0683 0.0958 0.0731 0.0058  0.0045  0.0092  55 TYR A CA  
760  C C   . TYR A 53 ? 0.0779 0.1082 0.0835 0.0070  0.0072  0.0105  55 TYR A C   
761  O O   . TYR A 53 ? 0.0690 0.1023 0.0747 0.0072  0.0070  0.0116  55 TYR A O   
762  C CB  . TYR A 53 ? 0.0717 0.0993 0.0715 0.0041  0.0028  0.0108  55 TYR A CB  
763  C CG  . TYR A 53 ? 0.0891 0.1142 0.0876 0.0027  -0.0002 0.0097  55 TYR A CG  
764  C CD1 . TYR A 53 ? 0.0992 0.1241 0.0989 0.0023  -0.0025 0.0087  55 TYR A CD1 
765  C CD2 . TYR A 53 ? 0.0974 0.1202 0.0934 0.0018  -0.0008 0.0096  55 TYR A CD2 
766  C CE1 . TYR A 53 ? 0.0910 0.1136 0.0897 0.0010  -0.0052 0.0077  55 TYR A CE1 
767  C CE2 . TYR A 53 ? 0.1011 0.1216 0.0961 0.0006  -0.0035 0.0086  55 TYR A CE2 
768  C CZ  . TYR A 53 ? 0.0977 0.1181 0.0939 0.0002  -0.0057 0.0076  55 TYR A CZ  
769  O OH  . TYR A 53 ? 0.0893 0.1072 0.0843 -0.0011 -0.0084 0.0067  55 TYR A OH  
779  N N   . ASN A 54 ? 0.0743 0.1036 0.0803 0.0079  0.0098  0.0105  56 ASN A N   
780  C CA  . ASN A 54 ? 0.0785 0.1103 0.0857 0.0092  0.0127  0.0116  56 ASN A CA  
781  C C   . ASN A 54 ? 0.0678 0.1005 0.0790 0.0107  0.0138  0.0106  56 ASN A C   
782  O O   . ASN A 54 ? 0.0579 0.0936 0.0693 0.0112  0.0147  0.0120  56 ASN A O   
783  C CB  . ASN A 54 ? 0.0821 0.1121 0.0897 0.0101  0.0153  0.0113  56 ASN A CB  
784  C CG  . ASN A 54 ? 0.0889 0.1188 0.0922 0.0089  0.0150  0.0127  56 ASN A CG  
785  O OD1 . ASN A 54 ? 0.0985 0.1301 0.0982 0.0075  0.0128  0.0144  56 ASN A OD1 
786  N ND2 . ASN A 54 ? 0.0752 0.1033 0.0790 0.0095  0.0170  0.0123  56 ASN A ND2 
793  N N   . ALA A 55 ? 0.0702 0.1002 0.0847 0.0112  0.0136  0.0082  57 ALA A N   
794  C CA  . ALA A 55 ? 0.0783 0.1087 0.0972 0.0127  0.0147  0.0069  57 ALA A CA  
795  C C   . ALA A 55 ? 0.0860 0.1189 0.1044 0.0122  0.0128  0.0077  57 ALA A C   
796  O O   . ALA A 55 ? 0.0881 0.1230 0.1088 0.0133  0.0140  0.0079  57 ALA A O   
797  C CB  . ALA A 55 ? 0.0632 0.0898 0.0855 0.0133  0.0146  0.0041  57 ALA A CB  
803  N N   . LEU A 56 ? 0.0846 0.1177 0.0999 0.0105  0.0099  0.0083  58 LEU A N   
804  C CA  . LEU A 56 ? 0.0821 0.1174 0.0968 0.0099  0.0078  0.0090  58 LEU A CA  
805  C C   . LEU A 56 ? 0.1043 0.1436 0.1167 0.0097  0.0084  0.0117  58 LEU A C   
806  O O   . LEU A 56 ? 0.1137 0.1553 0.1259 0.0095  0.0074  0.0123  58 LEU A O   
807  C CB  . LEU A 56 ? 0.0807 0.1148 0.0931 0.0082  0.0045  0.0087  58 LEU A CB  
808  C CG  . LEU A 56 ? 0.0920 0.1237 0.1078 0.0084  0.0031  0.0063  58 LEU A CG  
809  C CD1 . LEU A 56 ? 0.1009 0.1348 0.1189 0.0091  0.0032  0.0063  58 LEU A CD1 
810  C CD2 . LEU A 56 ? 0.0823 0.1107 0.1014 0.0096  0.0051  0.0041  58 LEU A CD2 
822  N N   . LYS A 57 ? 0.1080 0.1480 0.1184 0.0098  0.0101  0.0130  59 LYS A N   
823  C CA  . LYS A 57 ? 0.1176 0.1612 0.1263 0.0100  0.0113  0.0154  59 LYS A CA  
824  C C   . LYS A 57 ? 0.1178 0.1642 0.1235 0.0085  0.0089  0.0172  59 LYS A C   
825  O O   . LYS A 57 ? 0.1207 0.1704 0.1258 0.0089  0.0095  0.0188  59 LYS A O   
826  C CB  . LYS A 57 ? 0.1135 0.1584 0.1262 0.0119  0.0139  0.0150  59 LYS A CB  
827  C CG  . LYS A 57 ? 0.1504 0.1933 0.1657 0.0133  0.0168  0.0137  59 LYS A CG  
828  C CD  . LYS A 57 ? 0.1922 0.2322 0.2094 0.0139  0.0177  0.0123  59 LYS A CD  
829  C CE  . LYS A 57 ? 0.2256 0.2619 0.2446 0.0144  0.0192  0.0105  59 LYS A CE  
830  N NZ  . LYS A 57 ? 0.2292 0.2648 0.2457 0.0140  0.0202  0.0115  59 LYS A NZ  
844  N N   . GLY A 58 ? 0.1012 0.1463 0.1045 0.0070  0.0060  0.0170  60 GLY A N   
845  C CA  . GLY A 58 ? 0.1096 0.1567 0.1095 0.0055  0.0035  0.0187  60 GLY A CA  
846  C C   . GLY A 58 ? 0.1256 0.1742 0.1272 0.0057  0.0022  0.0181  60 GLY A C   
847  O O   . GLY A 58 ? 0.1286 0.1797 0.1280 0.0046  0.0004  0.0197  60 GLY A O   
851  N N   . ASN A 59 ? 0.1249 0.1720 0.1307 0.0069  0.0031  0.0161  61 ASN A N   
852  C CA  . ASN A 59 ? 0.1541 0.2027 0.1618 0.0072  0.0022  0.0157  61 ASN A CA  
853  C C   . ASN A 59 ? 0.1559 0.2032 0.1627 0.0058  -0.0011 0.0149  61 ASN A C   
854  O O   . ASN A 59 ? 0.1688 0.2179 0.1761 0.0056  -0.0024 0.0150  61 ASN A O   
855  C CB  . ASN A 59 ? 0.1905 0.2382 0.2030 0.0090  0.0044  0.0139  61 ASN A CB  
856  C CG  . ASN A 59 ? 0.2451 0.2948 0.2588 0.0105  0.0076  0.0149  61 ASN A CG  
857  O OD1 . ASN A 59 ? 0.2732 0.3214 0.2898 0.0119  0.0099  0.0136  61 ASN A OD1 
858  N ND2 . ASN A 59 ? 0.2734 0.3266 0.2847 0.0101  0.0076  0.0172  61 ASN A ND2 
865  N N   . MET A 60 ? 0.1354 0.1799 0.1408 0.0049  -0.0023 0.0140  62 MET A N   
866  C CA  . MET A 60 ? 0.1380 0.1808 0.1429 0.0036  -0.0054 0.0130  62 MET A CA  
867  C C   . MET A 60 ? 0.1513 0.1948 0.1514 0.0018  -0.0078 0.0147  62 MET A C   
868  O O   . MET A 60 ? 0.1397 0.1817 0.1379 0.0012  -0.0076 0.0149  62 MET A O   
869  C CB  . MET A 60 ? 0.1341 0.1729 0.1416 0.0041  -0.0053 0.0105  62 MET A CB  
870  C CG  . MET A 60 ? 0.1515 0.1883 0.1587 0.0029  -0.0083 0.0092  62 MET A CG  
871  S SD  . MET A 60 ? 0.1715 0.2036 0.1822 0.0037  -0.0077 0.0063  62 MET A SD  
872  C CE  . MET A 60 ? 0.1724 0.2031 0.1834 0.0024  -0.0113 0.0049  62 MET A CE  
882  N N   . GLY A 61 ? 0.1635 0.2093 0.1619 0.0007  -0.0099 0.0159  63 GLY A N   
883  C CA  . GLY A 61 ? 0.1628 0.2066 0.1574 -0.0011 -0.0108 0.0164  63 GLY A CA  
884  C C   . GLY A 61 ? 0.1503 0.1908 0.1439 -0.0021 -0.0130 0.0152  63 GLY A C   
885  O O   . GLY A 61 ? 0.1520 0.1920 0.1478 -0.0019 -0.0146 0.0138  63 GLY A O   
889  N N   . GLY A 62 ? 0.1432 0.1817 0.1342 -0.0032 -0.0131 0.0155  64 GLY A N   
890  C CA  . GLY A 62 ? 0.1465 0.1816 0.1362 -0.0042 -0.0151 0.0143  64 GLY A CA  
891  C C   . GLY A 62 ? 0.1252 0.1606 0.1162 -0.0037 -0.0159 0.0138  64 GLY A C   
892  O O   . GLY A 62 ? 0.1051 0.1379 0.0960 -0.0044 -0.0179 0.0124  64 GLY A O   
896  N N   . ILE A 63 ? 0.1092 0.1453 0.1023 -0.0022 -0.0132 0.0136  65 ILE A N   
897  C CA  . ILE A 63 ? 0.1022 0.1349 0.0987 -0.0010 -0.0117 0.0113  65 ILE A CA  
898  C C   . ILE A 63 ? 0.0903 0.1198 0.0851 -0.0021 -0.0130 0.0105  65 ILE A C   
899  O O   . ILE A 63 ? 0.0895 0.1159 0.0867 -0.0017 -0.0132 0.0084  65 ILE A O   
900  C CB  . ILE A 63 ? 0.0789 0.1122 0.0773 0.0007  -0.0081 0.0114  65 ILE A CB  
901  C CG1 . ILE A 63 ? 0.0797 0.1097 0.0821 0.0020  -0.0065 0.0089  65 ILE A CG1 
902  C CG2 . ILE A 63 ? 0.0945 0.1290 0.0896 0.0002  -0.0070 0.0134  65 ILE A CG2 
903  C CD1 . ILE A 63 ? 0.0792 0.1100 0.0841 0.0038  -0.0029 0.0089  65 ILE A CD1 
915  N N   . LEU A 64 ? 0.0891 0.1192 0.0798 -0.0033 -0.0139 0.0122  66 LEU A N   
916  C CA  . LEU A 64 ? 0.0904 0.1175 0.0792 -0.0043 -0.0150 0.0115  66 LEU A CA  
917  C C   . LEU A 64 ? 0.0977 0.1223 0.0873 -0.0051 -0.0178 0.0098  66 LEU A C   
918  O O   . LEU A 64 ? 0.1060 0.1273 0.0968 -0.0051 -0.0179 0.0080  66 LEU A O   
919  C CB  . LEU A 64 ? 0.1260 0.1546 0.1099 -0.0057 -0.0160 0.0139  66 LEU A CB  
920  C CG  . LEU A 64 ? 0.1543 0.1799 0.1358 -0.0068 -0.0173 0.0134  66 LEU A CG  
921  C CD1 . LEU A 64 ? 0.1660 0.1891 0.1493 -0.0057 -0.0147 0.0122  66 LEU A CD1 
922  C CD2 . LEU A 64 ? 0.1696 0.1946 0.1483 -0.0076 -0.0169 0.0145  66 LEU A CD2 
934  N N   . HIS A 65 ? 0.1039 0.1304 0.0930 -0.0059 -0.0200 0.0103  67 HIS A N   
935  C CA  . HIS A 65 ? 0.1184 0.1427 0.1083 -0.0067 -0.0226 0.0088  67 HIS A CA  
936  C C   . HIS A 65 ? 0.1144 0.1386 0.1087 -0.0056 -0.0222 0.0070  67 HIS A C   
937  O O   . HIS A 65 ? 0.1182 0.1397 0.1143 -0.0057 -0.0236 0.0051  67 HIS A O   
938  C CB  . HIS A 65 ? 0.1285 0.1511 0.1163 -0.0070 -0.0227 0.0087  67 HIS A CB  
939  C CG  . HIS A 65 ? 0.1101 0.1341 0.0985 -0.0064 -0.0219 0.0091  67 HIS A CG  
940  N ND1 . HIS A 65 ? 0.1128 0.1384 0.0998 -0.0063 -0.0203 0.0106  67 HIS A ND1 
941  C CD2 . HIS A 65 ? 0.1104 0.1344 0.1007 -0.0060 -0.0225 0.0080  67 HIS A CD2 
942  C CE1 . HIS A 65 ? 0.1093 0.1357 0.0974 -0.0059 -0.0200 0.0106  67 HIS A CE1 
943  N NE2 . HIS A 65 ? 0.1038 0.1291 0.0937 -0.0057 -0.0213 0.0091  67 HIS A NE2 
951  N N   . ALA A 66 ? 0.0988 0.1256 0.0946 -0.0044 -0.0202 0.0077  68 ALA A N   
952  C CA  . ALA A 66 ? 0.1026 0.1295 0.1023 -0.0033 -0.0199 0.0064  68 ALA A CA  
953  C C   . ALA A 66 ? 0.1020 0.1265 0.1062 -0.0017 -0.0176 0.0042  68 ALA A C   
954  O O   . ALA A 66 ? 0.1013 0.1252 0.1089 -0.0009 -0.0176 0.0026  68 ALA A O   
955  C CB  . ALA A 66 ? 0.1050 0.1360 0.1046 -0.0028 -0.0189 0.0080  68 ALA A CB  
961  N N   . LEU A 67 ? 0.0844 0.1075 0.0886 -0.0010 -0.0155 0.0040  69 LEU A N   
962  C CA  . LEU A 67 ? 0.0844 0.1050 0.0925 0.0005  -0.0133 0.0019  69 LEU A CA  
963  C C   . LEU A 67 ? 0.0930 0.1101 0.1002 0.0000  -0.0136 0.0008  69 LEU A C   
964  O O   . LEU A 67 ? 0.0896 0.1065 0.0951 0.0001  -0.0121 0.0018  69 LEU A O   
965  C CB  . LEU A 67 ? 0.1024 0.1247 0.1118 0.0021  -0.0097 0.0027  69 LEU A CB  
966  C CG  . LEU A 67 ? 0.1068 0.1269 0.1207 0.0038  -0.0072 0.0007  69 LEU A CG  
967  C CD1 . LEU A 67 ? 0.1030 0.1224 0.1205 0.0044  -0.0079 -0.0011 69 LEU A CD1 
968  C CD2 . LEU A 67 ? 0.1111 0.1332 0.1258 0.0053  -0.0040 0.0017  69 LEU A CD2 
980  N N   . ALA A 68 ? 0.0869 0.1013 0.0953 -0.0006 -0.0157 -0.0009 70 ALA A N   
981  C CA  . ALA A 68 ? 0.0935 0.1044 0.1012 -0.0011 -0.0162 -0.0021 70 ALA A CA  
982  C C   . ALA A 68 ? 0.1102 0.1191 0.1216 0.0005  -0.0133 -0.0038 70 ALA A C   
983  O O   . ALA A 68 ? 0.1362 0.1445 0.1515 0.0017  -0.0125 -0.0053 70 ALA A O   
984  C CB  . ALA A 68 ? 0.0902 0.0990 0.0980 -0.0023 -0.0193 -0.0034 70 ALA A CB  
990  N N   . LEU A 69 ? 0.0790 0.0865 0.0891 0.0006  -0.0119 -0.0036 71 LEU A N   
991  C CA  . LEU A 69 ? 0.0861 0.0921 0.0993 0.0023  -0.0087 -0.0049 71 LEU A CA  
992  C C   . LEU A 69 ? 0.0945 0.0964 0.1090 0.0023  -0.0088 -0.0069 71 LEU A C   
993  O O   . LEU A 69 ? 0.0908 0.0913 0.1025 0.0011  -0.0104 -0.0067 71 LEU A O   
994  C CB  . LEU A 69 ? 0.1093 0.1172 0.1207 0.0027  -0.0063 -0.0030 71 LEU A CB  
995  C CG  . LEU A 69 ? 0.1284 0.1403 0.1392 0.0031  -0.0055 -0.0010 71 LEU A CG  
996  C CD1 . LEU A 69 ? 0.1253 0.1390 0.1337 0.0033  -0.0034 0.0009  71 LEU A CD1 
997  C CD2 . LEU A 69 ? 0.1546 0.1669 0.1701 0.0049  -0.0038 -0.0024 71 LEU A CD2 
1009 N N   . GLN A 70 ? 0.0933 0.0935 0.1122 0.0039  -0.0069 -0.0088 72 GLN A N   
1010 C CA  . GLN A 70 ? 0.1164 0.1129 0.1369 0.0043  -0.0060 -0.0107 72 GLN A CA  
1011 C C   . GLN A 70 ? 0.1079 0.1046 0.1312 0.0061  -0.0023 -0.0110 72 GLN A C   
1012 O O   . GLN A 70 ? 0.1091 0.1067 0.1358 0.0074  -0.0009 -0.0116 72 GLN A O   
1013 C CB  . GLN A 70 ? 0.1731 0.1671 0.1966 0.0043  -0.0076 -0.0130 72 GLN A CB  
1014 C CG  . GLN A 70 ? 0.2695 0.2598 0.2955 0.0050  -0.0064 -0.0152 72 GLN A CG  
1015 C CD  . GLN A 70 ? 0.3474 0.3349 0.3760 0.0048  -0.0083 -0.0174 72 GLN A CD  
1016 O OE1 . GLN A 70 ? 0.3625 0.3498 0.3893 0.0033  -0.0113 -0.0173 72 GLN A OE1 
1017 N NE2 . GLN A 70 ? 0.3933 0.3790 0.4263 0.0061  -0.0066 -0.0193 72 GLN A NE2 
1026 N N   . THR A 71 ? 0.0831 0.0790 0.1051 0.0063  -0.0006 -0.0107 73 THR A N   
1027 C CA  . THR A 71 ? 0.0707 0.0667 0.0950 0.0080  0.0029  -0.0108 73 THR A CA  
1028 C C   . THR A 71 ? 0.0830 0.0755 0.1087 0.0084  0.0041  -0.0126 73 THR A C   
1029 O O   . THR A 71 ? 0.0690 0.0595 0.0926 0.0073  0.0025  -0.0130 73 THR A O   
1030 C CB  . THR A 71 ? 0.0808 0.0797 0.1021 0.0079  0.0043  -0.0085 73 THR A CB  
1031 O OG1 . THR A 71 ? 0.0954 0.0939 0.1123 0.0064  0.0028  -0.0073 73 THR A OG1 
1032 C CG2 . THR A 71 ? 0.0905 0.0931 0.1111 0.0078  0.0037  -0.0069 73 THR A CG2 
1040 N N   . SER A 72 ? 0.0858 0.0777 0.1153 0.0101  0.0069  -0.0137 74 SER A N   
1041 C CA  . SER A 72 ? 0.0804 0.0691 0.1116 0.0108  0.0085  -0.0154 74 SER A CA  
1042 C C   . SER A 72 ? 0.0878 0.0769 0.1221 0.0127  0.0121  -0.0157 74 SER A C   
1043 O O   . SER A 72 ? 0.0873 0.0788 0.1233 0.0136  0.0132  -0.0150 74 SER A O   
1044 C CB  . SER A 72 ? 0.0832 0.0686 0.1170 0.0107  0.0069  -0.0178 74 SER A CB  
1045 O OG  . SER A 72 ? 0.0961 0.0823 0.1337 0.0116  0.0069  -0.0188 74 SER A OG  
1051 N N   . ALA A 73 ? 0.1042 0.0911 0.1391 0.0131  0.0138  -0.0166 75 ALA A N   
1052 C CA  . ALA A 73 ? 0.1072 0.0950 0.1418 0.0136  0.0155  -0.0157 75 ALA A CA  
1053 C C   . ALA A 73 ? 0.0964 0.0834 0.1317 0.0131  0.0141  -0.0163 75 ALA A C   
1054 O O   . ALA A 73 ? 0.0830 0.0682 0.1185 0.0124  0.0124  -0.0173 75 ALA A O   
1055 C CB  . ALA A 73 ? 0.1176 0.1042 0.1507 0.0136  0.0170  -0.0154 75 ALA A CB  
1061 N N   . PRO A 74 ? 0.0931 0.0814 0.1287 0.0134  0.0149  -0.0156 76 PRO A N   
1062 C CA  . PRO A 74 ? 0.0903 0.0782 0.1265 0.0130  0.0139  -0.0160 76 PRO A CA  
1063 C C   . PRO A 74 ? 0.1058 0.0916 0.1419 0.0125  0.0134  -0.0168 76 PRO A C   
1064 O O   . PRO A 74 ? 0.1015 0.0863 0.1366 0.0126  0.0143  -0.0167 76 PRO A O   
1065 C CB  . PRO A 74 ? 0.0995 0.0888 0.1357 0.0134  0.0150  -0.0151 76 PRO A CB  
1066 C CG  . PRO A 74 ? 0.1004 0.0918 0.1361 0.0141  0.0162  -0.0141 76 PRO A CG  
1067 C CD  . PRO A 74 ? 0.0818 0.0725 0.1169 0.0141  0.0166  -0.0142 76 PRO A CD  
1075 N N   . GLU A 75 ? 0.1319 0.1168 0.1686 0.0119  0.0118  -0.0176 77 GLU A N   
1076 C CA  . GLU A 75 ? 0.1774 0.1607 0.2139 0.0114  0.0112  -0.0181 77 GLU A CA  
1077 C C   . GLU A 75 ? 0.2309 0.2152 0.2694 0.0113  0.0120  -0.0181 77 GLU A C   
1078 O O   . GLU A 75 ? 0.2446 0.2284 0.2846 0.0109  0.0126  -0.0186 77 GLU A O   
1079 C CB  . GLU A 75 ? 0.1671 0.1495 0.2041 0.0107  0.0091  -0.0190 77 GLU A CB  
1080 C CG  . GLU A 75 ? 0.1703 0.1517 0.2067 0.0103  0.0081  -0.0194 77 GLU A CG  
1081 C CD  . GLU A 75 ? 0.1618 0.1411 0.1970 0.0099  0.0075  -0.0201 77 GLU A CD  
1082 O OE1 . GLU A 75 ? 0.1303 0.1084 0.1647 0.0093  0.0062  -0.0206 77 GLU A OE1 
1083 O OE2 . GLU A 75 ? 0.1712 0.1498 0.2061 0.0098  0.0080  -0.0201 77 GLU A OE2 
1084 O OXT . GLU A 75 ? 0.2539 0.2397 0.2938 0.0113  0.0122  -0.0178 77 GLU A OXT 
# 
